data_8IUM
#
_entry.id   8IUM
#
loop_
_entity.id
_entity.type
_entity.pdbx_description
1 polymer 'G subunit alpha (q)'
2 polymer 'Guanine nucleotide-binding protein G(I)/G(S)/G(T) subunit beta-1'
3 polymer 'Antibody fragment scFv16'
4 polymer 'Guanine nucleotide-binding protein G(I)/G(S)/G(O) subunit gamma-2'
5 polymer 'nanobody Nb35'
6 polymer 'Prostaglandin F2-alpha receptor'
7 non-polymer '(~{Z})-7-[(1~{R},2~{R},3~{R},5~{S})-2-[(~{E})-3,3-bis(fluoranyl)-4-phenoxy-but-1-enyl]-3,5-bis(oxidanyl)cyclopentyl]hept-5-enoic acid'
#
loop_
_entity_poly.entity_id
_entity_poly.type
_entity_poly.pdbx_seq_one_letter_code
_entity_poly.pdbx_strand_id
1 'polypeptide(L)'
;MGCTLSAEDKAAVERSKMIEKQLQKDKQVYRRTLRLLLLGADNSGKSTIVKQMRIYHVNGYSEEECKQYKAVVYSNTIQS
IIAIIRAMGRLKIDFGDSARADDARQLFVLAGAAEEGFMTAELAGVIKRLWKDSGVQACFNRSREYQLNDSAAYYLNDLD
RIAQPNYIPTQQDVLRTRVKTSGIFETKFQVDKVNFHMFDVGAQRDERRKWIQCFNDVTAIIFVVDSSDYNRLQEALNDF
KSIWNNRWLRTISVILFLNKQDLLAEKVLAGKSKIEDYFPEFARYTTPEDATPEPGEDPRVTRAKYFIRKEFVDISTASG
DGRHICYPHFTCSVDTENARRIFNDCKDIILQMNLREYNLV
;
A
2 'polypeptide(L)'
;MLLQSELDQLRQEAEQLKNQIRDARKACADATLSQITNNIDPVGRIQMRTRRTLRGHLAKIYAMHWGTDSRLLVSASQDG
KLIIWDSYTTNKVHAIPLRSSWVMTCAYAPSGNYVACGGLDNICSIYNLKTREGNVRVSRELAGHTGYLSCCRFLDDNQI
VTSSGDTTCALWDIETGQQTTTFTGHTGDVMSLSLAPDTRLFVSGACDASAKLWDVREGMCRQTFTGHESDINAICFFPN
GNAFATGSDDATCRLFDLRADQELMTYSHDNIICGITSVSFSKSGRLLLAGYDDFNCNVWDALKADRAGVLAGHDNRVSC
LGVTDDGMAVATGSWDSFLKIWN
;
B
3 'polypeptide(L)'
;VQLVESGGGLVQPGGSRKLSCSASGFAFSSFGMHWVRQAPEKGLEWVAYISSGSGTIYYADTVKGRFTISRDDPKNTLFL
QMTSLRSEDTAMYYCVRSIYYYGSSPFDFWGQGTTLTVSAGGGGSGGGGSGGGGSADIVMTQATSSVPVTPGESVSISCR
SSKSLLHSNGNTYLYWFLQRPGQSPQLLIYRMSNLASGVPDRFSGSGSGTAFTLTISRLEAEDVGVYYCMQHLEYPLTFG
AGTKLEL
;
E
4 'polypeptide(L)' MASNNTASIAQARKLVEQLKMEANIDRIKVSKAAADLMAYCEAHAKEDPLLTPVPASENPFREKKFFCAIL G
5 'polypeptide(L)'
;MKYLLPTAAAGLLLLAAQPAMAQVQLQESGGGLVQPGGSLRLSCAASGFTFSNYKMNWVRQAPGKGLEWVSDISQSGASI
SYTGSVKGRFTISRDNAKNTLYLQMNSLKPEDTAVYYCARCPAPFTRDCFDVTSTTYAYRGQGTQVTVSS
;
N
6 'polypeptide(L)'
;MSMNNSKQLVSPAAALLSNTTCQTENRLSVFFSVIFMTVGILSNSLAIAILMKAYQRFRQKSKASFLLLASGLVITDFFG
HLINGAIAVFVYASDKEWIRFDQSNVLCSIFGICMVFSGLCPLLLGSVMAIERCIGVTKPIFHSTKITSKHVKMMLSGVC
LFAVFIALLPILGHRDYKIQASRTWCFYNTEDIKDWEDRFYLLLFSFLGLLALGVSLLCNAITGITLLRVKFKSQQHRQG
RSHHLEMVIQLLAIMCVSCICWSPFLVTMANIGINGNHSLETCETTLFALRMATWNQILDPWVYILLRKAVLKNLYKLAS
QCCGVHVISLHIWELSSIKNSLKVAAISESPVAEKSAST
;
R
#
# COMPACT_ATOMS: atom_id res chain seq x y z
N LEU A 5 16.70 24.87 9.57
CA LEU A 5 17.09 23.59 9.03
C LEU A 5 18.59 23.63 8.78
N SER A 6 19.39 22.72 9.34
CA SER A 6 20.81 22.72 9.08
C SER A 6 21.26 22.26 7.74
N ALA A 7 22.52 21.89 7.63
CA ALA A 7 23.03 21.52 6.34
C ALA A 7 22.67 20.07 6.17
N GLU A 8 22.29 19.44 7.25
CA GLU A 8 21.87 18.05 7.34
C GLU A 8 20.41 17.88 6.94
N ASP A 9 19.56 18.84 7.31
CA ASP A 9 18.16 18.77 6.92
C ASP A 9 17.99 18.89 5.42
N LYS A 10 18.75 19.79 4.79
CA LYS A 10 18.68 19.93 3.34
C LYS A 10 19.20 18.68 2.63
N ALA A 11 20.27 18.08 3.16
CA ALA A 11 20.78 16.84 2.57
C ALA A 11 19.76 15.71 2.72
N ALA A 12 19.07 15.65 3.85
CA ALA A 12 18.04 14.64 4.04
C ALA A 12 16.88 14.87 3.08
N VAL A 13 16.51 16.14 2.86
CA VAL A 13 15.44 16.43 1.90
C VAL A 13 15.86 16.04 0.49
N GLU A 14 17.12 16.28 0.13
CA GLU A 14 17.61 15.89 -1.19
C GLU A 14 17.61 14.38 -1.35
N ARG A 15 18.03 13.66 -0.30
CA ARG A 15 17.99 12.19 -0.36
C ARG A 15 16.56 11.69 -0.47
N SER A 16 15.62 12.34 0.22
CA SER A 16 14.22 11.94 0.12
C SER A 16 13.68 12.20 -1.29
N LYS A 17 14.08 13.31 -1.90
CA LYS A 17 13.67 13.58 -3.28
C LYS A 17 14.26 12.55 -4.24
N MET A 18 15.51 12.15 -4.02
CA MET A 18 16.10 11.12 -4.86
C MET A 18 15.37 9.79 -4.70
N ILE A 19 15.03 9.43 -3.47
CA ILE A 19 14.29 8.20 -3.24
C ILE A 19 12.90 8.27 -3.87
N GLU A 20 12.28 9.46 -3.84
CA GLU A 20 10.98 9.62 -4.48
C GLU A 20 11.08 9.48 -5.99
N LYS A 21 12.15 10.02 -6.59
CA LYS A 21 12.35 9.83 -8.03
C LYS A 21 12.58 8.36 -8.36
N GLN A 22 13.35 7.66 -7.54
CA GLN A 22 13.55 6.23 -7.75
C GLN A 22 12.24 5.46 -7.64
N LEU A 23 11.40 5.84 -6.67
CA LEU A 23 10.11 5.17 -6.52
C LEU A 23 9.19 5.47 -7.68
N GLN A 24 9.26 6.69 -8.24
CA GLN A 24 8.47 7.01 -9.42
C GLN A 24 8.93 6.19 -10.62
N LYS A 25 10.24 6.04 -10.79
CA LYS A 25 10.75 5.19 -11.87
C LYS A 25 10.30 3.74 -11.69
N ASP A 26 10.37 3.23 -10.46
CA ASP A 26 9.93 1.87 -10.19
C ASP A 26 8.43 1.71 -10.44
N LYS A 27 7.65 2.72 -10.10
CA LYS A 27 6.21 2.67 -10.35
C LYS A 27 5.92 2.68 -11.85
N GLN A 28 6.66 3.46 -12.62
CA GLN A 28 6.50 3.45 -14.06
C GLN A 28 6.84 2.08 -14.65
N VAL A 29 7.94 1.49 -14.18
CA VAL A 29 8.33 0.16 -14.66
C VAL A 29 7.27 -0.87 -14.30
N TYR A 30 6.70 -0.79 -13.10
CA TYR A 30 5.60 -1.67 -12.61
C TYR A 30 4.34 -1.49 -13.38
N ARG A 31 4.08 -0.27 -13.85
CA ARG A 31 2.88 -0.01 -14.63
C ARG A 31 3.05 -0.48 -16.06
N ARG A 32 4.28 -0.43 -16.59
CA ARG A 32 4.51 -0.92 -17.95
C ARG A 32 4.25 -2.41 -18.07
N THR A 33 4.43 -3.16 -16.99
CA THR A 33 4.20 -4.60 -16.99
C THR A 33 2.83 -4.92 -16.38
N LEU A 34 2.29 -6.06 -16.79
CA LEU A 34 1.00 -6.54 -16.28
C LEU A 34 1.20 -7.81 -15.47
N ARG A 35 0.36 -7.98 -14.46
CA ARG A 35 0.44 -9.10 -13.54
C ARG A 35 -0.81 -9.97 -13.65
N LEU A 36 -0.63 -11.28 -13.51
CA LEU A 36 -1.72 -12.23 -13.60
C LEU A 36 -1.54 -13.29 -12.52
N LEU A 37 -2.67 -13.85 -12.07
CA LEU A 37 -2.66 -14.94 -11.10
C LEU A 37 -3.04 -16.24 -11.80
N LEU A 38 -2.47 -17.35 -11.33
CA LEU A 38 -2.79 -18.67 -11.87
C LEU A 38 -3.21 -19.58 -10.71
N LEU A 39 -4.41 -20.13 -10.79
CA LEU A 39 -4.94 -21.04 -9.78
C LEU A 39 -5.44 -22.31 -10.44
N GLY A 40 -5.47 -23.38 -9.67
CA GLY A 40 -5.93 -24.67 -10.17
C GLY A 40 -5.59 -25.83 -9.27
N ALA A 41 -6.40 -26.88 -9.32
CA ALA A 41 -6.16 -28.07 -8.50
C ALA A 41 -4.95 -28.84 -9.03
N ASP A 42 -4.48 -29.79 -8.22
CA ASP A 42 -3.34 -30.61 -8.61
C ASP A 42 -3.69 -31.52 -9.79
N ASN A 43 -4.96 -31.91 -9.91
CA ASN A 43 -5.36 -32.78 -11.02
C ASN A 43 -5.32 -32.05 -12.35
N SER A 44 -5.49 -30.73 -12.34
CA SER A 44 -5.46 -29.95 -13.57
C SER A 44 -4.04 -29.88 -14.13
N GLY A 45 -3.95 -29.73 -15.44
CA GLY A 45 -2.66 -29.66 -16.11
C GLY A 45 -2.13 -28.26 -16.26
N LYS A 46 -2.01 -27.52 -15.15
CA LYS A 46 -1.49 -26.16 -15.21
C LYS A 46 0.01 -26.15 -15.50
N SER A 47 0.73 -27.21 -15.09
CA SER A 47 2.17 -27.27 -15.35
C SER A 47 2.45 -27.31 -16.85
N THR A 48 1.64 -28.07 -17.61
CA THR A 48 1.81 -28.10 -19.05
C THR A 48 1.51 -26.74 -19.67
N ILE A 49 0.53 -26.02 -19.13
CA ILE A 49 0.20 -24.69 -19.64
C ILE A 49 1.34 -23.72 -19.36
N VAL A 50 2.00 -23.86 -18.22
CA VAL A 50 3.13 -23.00 -17.90
C VAL A 50 4.32 -23.34 -18.80
N LYS A 51 4.55 -24.64 -19.04
CA LYS A 51 5.71 -25.05 -19.83
C LYS A 51 5.55 -24.72 -21.31
N GLN A 52 4.32 -24.77 -21.82
CA GLN A 52 4.11 -24.53 -23.25
C GLN A 52 4.28 -23.07 -23.63
N MET A 53 4.27 -22.15 -22.67
CA MET A 53 4.41 -20.72 -22.95
C MET A 53 5.89 -20.38 -23.11
N ARG A 54 6.45 -20.83 -24.24
CA ARG A 54 7.85 -20.59 -24.58
C ARG A 54 8.02 -19.41 -25.54
N ILE A 55 7.09 -18.46 -25.53
CA ILE A 55 7.17 -17.31 -26.41
C ILE A 55 8.23 -16.32 -25.90
N THR A 181 11.60 -25.23 -2.27
CA THR A 181 10.53 -25.02 -1.29
C THR A 181 9.89 -23.65 -1.48
N SER A 182 10.10 -23.06 -2.65
CA SER A 182 9.53 -21.74 -2.94
C SER A 182 8.02 -21.87 -3.10
N GLY A 183 7.27 -21.10 -2.30
CA GLY A 183 5.82 -21.13 -2.36
C GLY A 183 5.20 -20.33 -3.48
N ILE A 184 5.99 -19.54 -4.20
CA ILE A 184 5.50 -18.71 -5.29
C ILE A 184 6.44 -18.86 -6.48
N PHE A 185 5.86 -18.95 -7.68
CA PHE A 185 6.62 -19.08 -8.91
C PHE A 185 6.12 -18.06 -9.91
N GLU A 186 7.04 -17.31 -10.50
CA GLU A 186 6.72 -16.27 -11.46
C GLU A 186 7.22 -16.64 -12.85
N THR A 187 6.35 -16.47 -13.85
CA THR A 187 6.68 -16.73 -15.24
C THR A 187 6.45 -15.46 -16.03
N LYS A 188 7.52 -14.96 -16.67
CA LYS A 188 7.46 -13.73 -17.45
C LYS A 188 7.46 -14.07 -18.94
N PHE A 189 6.43 -13.63 -19.65
CA PHE A 189 6.36 -13.84 -21.09
C PHE A 189 5.89 -12.57 -21.77
N GLN A 190 5.85 -12.61 -23.10
CA GLN A 190 5.53 -11.44 -23.91
C GLN A 190 4.49 -11.82 -24.96
N VAL A 191 3.39 -11.08 -25.00
CA VAL A 191 2.33 -11.27 -25.97
C VAL A 191 2.03 -9.91 -26.61
N ASP A 192 2.21 -9.83 -27.93
CA ASP A 192 1.95 -8.61 -28.69
C ASP A 192 2.72 -7.43 -28.10
N LYS A 193 4.01 -7.64 -27.84
CA LYS A 193 4.92 -6.65 -27.27
C LYS A 193 4.46 -6.16 -25.90
N VAL A 194 3.60 -6.91 -25.22
CA VAL A 194 3.13 -6.58 -23.89
C VAL A 194 3.65 -7.64 -22.92
N ASN A 195 4.28 -7.20 -21.83
CA ASN A 195 4.82 -8.12 -20.85
C ASN A 195 3.73 -8.64 -19.92
N PHE A 196 3.89 -9.88 -19.48
CA PHE A 196 2.94 -10.49 -18.56
C PHE A 196 3.72 -11.35 -17.56
N HIS A 197 3.48 -11.11 -16.28
CA HIS A 197 4.09 -11.87 -15.19
C HIS A 197 2.98 -12.66 -14.50
N MET A 198 2.99 -13.98 -14.68
CA MET A 198 2.01 -14.86 -14.08
C MET A 198 2.58 -15.48 -12.81
N PHE A 199 1.83 -15.35 -11.72
CA PHE A 199 2.24 -15.85 -10.41
C PHE A 199 1.40 -17.06 -10.04
N ASP A 200 2.05 -18.13 -9.60
CA ASP A 200 1.37 -19.37 -9.27
C ASP A 200 1.90 -19.89 -7.94
N VAL A 201 1.01 -20.55 -7.18
CA VAL A 201 1.43 -21.14 -5.91
C VAL A 201 2.35 -22.32 -6.18
N GLY A 202 3.50 -22.33 -5.52
CA GLY A 202 4.48 -23.37 -5.73
C GLY A 202 4.49 -24.44 -4.65
N ALA A 203 4.41 -24.02 -3.39
CA ALA A 203 4.43 -24.97 -2.27
C ALA A 203 3.66 -24.34 -1.11
N GLN A 204 2.38 -24.69 -1.00
CA GLN A 204 1.55 -24.24 0.11
C GLN A 204 0.57 -25.36 0.47
N ARG A 205 -0.10 -25.18 1.60
CA ARG A 205 -1.08 -26.16 2.05
C ARG A 205 -2.40 -25.96 1.30
N ASP A 206 -3.41 -26.72 1.72
CA ASP A 206 -4.71 -26.65 1.05
C ASP A 206 -5.47 -25.37 1.37
N GLU A 207 -5.04 -24.61 2.38
CA GLU A 207 -5.76 -23.41 2.75
C GLU A 207 -5.62 -22.33 1.68
N ARG A 208 -6.73 -21.62 1.43
CA ARG A 208 -6.76 -20.57 0.43
C ARG A 208 -7.38 -19.28 0.94
N ARG A 209 -8.11 -19.30 2.06
CA ARG A 209 -8.82 -18.13 2.54
C ARG A 209 -7.89 -16.98 2.91
N LYS A 210 -6.62 -17.25 3.20
CA LYS A 210 -5.71 -16.22 3.69
C LYS A 210 -4.91 -15.58 2.56
N TRP A 211 -4.14 -16.39 1.81
CA TRP A 211 -3.25 -15.84 0.81
C TRP A 211 -3.97 -15.38 -0.45
N ILE A 212 -5.28 -15.59 -0.56
CA ILE A 212 -6.01 -15.13 -1.74
C ILE A 212 -6.19 -13.62 -1.70
N GLN A 213 -6.18 -13.02 -0.51
CA GLN A 213 -6.36 -11.58 -0.40
C GLN A 213 -5.11 -10.81 -0.83
N CYS A 214 -3.95 -11.44 -0.83
CA CYS A 214 -2.72 -10.76 -1.22
C CYS A 214 -2.59 -10.64 -2.74
N PHE A 215 -3.21 -11.56 -3.49
CA PHE A 215 -3.15 -11.54 -4.95
C PHE A 215 -4.24 -10.67 -5.57
N ASN A 216 -4.80 -9.74 -4.83
CA ASN A 216 -5.81 -8.84 -5.38
C ASN A 216 -5.15 -7.76 -6.23
N ASP A 217 -6.00 -6.94 -6.87
CA ASP A 217 -5.63 -5.82 -7.72
C ASP A 217 -4.87 -6.26 -8.97
N VAL A 218 -4.73 -7.56 -9.21
CA VAL A 218 -4.04 -8.06 -10.40
C VAL A 218 -4.94 -7.86 -11.61
N THR A 219 -4.38 -8.01 -12.82
CA THR A 219 -5.15 -7.80 -14.03
C THR A 219 -6.20 -8.89 -14.22
N ALA A 220 -5.82 -10.16 -14.02
CA ALA A 220 -6.75 -11.25 -14.24
C ALA A 220 -6.26 -12.48 -13.48
N ILE A 221 -7.17 -13.43 -13.30
CA ILE A 221 -6.89 -14.71 -12.64
C ILE A 221 -7.34 -15.83 -13.56
N ILE A 222 -6.43 -16.75 -13.85
CA ILE A 222 -6.70 -17.88 -14.74
C ILE A 222 -6.89 -19.12 -13.86
N PHE A 223 -8.10 -19.67 -13.88
CA PHE A 223 -8.44 -20.87 -13.11
C PHE A 223 -8.44 -22.06 -14.07
N VAL A 224 -7.50 -22.97 -13.88
CA VAL A 224 -7.37 -24.16 -14.72
C VAL A 224 -8.19 -25.28 -14.11
N VAL A 225 -8.96 -25.98 -14.95
CA VAL A 225 -9.82 -27.06 -14.52
C VAL A 225 -9.69 -28.22 -15.49
N ASP A 226 -9.60 -29.44 -14.96
CA ASP A 226 -9.53 -30.65 -15.77
C ASP A 226 -10.97 -31.08 -16.08
N SER A 227 -11.45 -30.68 -17.26
CA SER A 227 -12.83 -30.98 -17.63
C SER A 227 -13.04 -32.45 -18.00
N SER A 228 -11.98 -33.25 -18.08
CA SER A 228 -12.13 -34.65 -18.43
C SER A 228 -12.69 -35.46 -17.26
N ASP A 229 -12.02 -35.42 -16.11
CA ASP A 229 -12.47 -36.17 -14.95
C ASP A 229 -13.70 -35.52 -14.34
N TYR A 230 -14.74 -36.32 -14.12
CA TYR A 230 -15.98 -35.82 -13.53
C TYR A 230 -15.98 -35.83 -12.01
N ASN A 231 -15.11 -36.63 -11.40
CA ASN A 231 -15.06 -36.68 -9.93
C ASN A 231 -14.56 -35.36 -9.35
N ARG A 232 -13.42 -34.87 -9.86
CA ARG A 232 -12.86 -33.61 -9.40
C ARG A 232 -13.58 -32.40 -9.97
N LEU A 233 -14.64 -32.59 -10.77
CA LEU A 233 -15.34 -31.46 -11.36
C LEU A 233 -16.13 -30.69 -10.31
N GLN A 234 -16.75 -31.41 -9.36
CA GLN A 234 -17.54 -30.74 -8.33
C GLN A 234 -16.66 -29.89 -7.42
N GLU A 235 -15.49 -30.41 -7.06
CA GLU A 235 -14.56 -29.62 -6.24
C GLU A 235 -14.10 -28.37 -6.98
N ALA A 236 -13.85 -28.51 -8.29
CA ALA A 236 -13.45 -27.35 -9.09
C ALA A 236 -14.57 -26.32 -9.16
N LEU A 237 -15.81 -26.78 -9.31
CA LEU A 237 -16.95 -25.86 -9.32
C LEU A 237 -17.11 -25.15 -7.99
N ASN A 238 -16.93 -25.88 -6.88
CA ASN A 238 -17.01 -25.24 -5.57
C ASN A 238 -15.89 -24.22 -5.37
N ASP A 239 -14.68 -24.55 -5.82
CA ASP A 239 -13.58 -23.60 -5.70
C ASP A 239 -13.83 -22.36 -6.55
N PHE A 240 -14.37 -22.54 -7.76
CA PHE A 240 -14.68 -21.39 -8.61
C PHE A 240 -15.76 -20.52 -7.98
N LYS A 241 -16.78 -21.15 -7.38
CA LYS A 241 -17.83 -20.38 -6.72
C LYS A 241 -17.29 -19.63 -5.52
N SER A 242 -16.36 -20.23 -4.78
CA SER A 242 -15.78 -19.56 -3.61
C SER A 242 -14.90 -18.40 -4.03
N ILE A 243 -14.14 -18.57 -5.13
CA ILE A 243 -13.24 -17.52 -5.57
C ILE A 243 -14.02 -16.36 -6.20
N TRP A 244 -15.06 -16.66 -6.97
CA TRP A 244 -15.81 -15.61 -7.65
C TRP A 244 -16.58 -14.73 -6.66
N ASN A 245 -17.23 -15.35 -5.67
CA ASN A 245 -18.04 -14.62 -4.70
C ASN A 245 -17.22 -14.05 -3.54
N ASN A 246 -15.91 -13.92 -3.72
CA ASN A 246 -15.07 -13.35 -2.66
C ASN A 246 -15.39 -11.87 -2.46
N ARG A 247 -15.32 -11.43 -1.21
CA ARG A 247 -15.66 -10.05 -0.88
C ARG A 247 -14.56 -9.07 -1.27
N TRP A 248 -13.29 -9.49 -1.18
CA TRP A 248 -12.19 -8.61 -1.53
C TRP A 248 -11.81 -8.69 -3.00
N LEU A 249 -11.97 -9.86 -3.62
CA LEU A 249 -11.65 -10.05 -5.03
C LEU A 249 -12.86 -9.88 -5.94
N ARG A 250 -13.89 -9.18 -5.47
CA ARG A 250 -15.10 -8.98 -6.27
C ARG A 250 -14.87 -8.00 -7.42
N THR A 251 -13.77 -7.25 -7.42
CA THR A 251 -13.46 -6.29 -8.46
C THR A 251 -12.46 -6.82 -9.47
N ILE A 252 -12.15 -8.11 -9.44
CA ILE A 252 -11.20 -8.74 -10.34
C ILE A 252 -11.93 -9.81 -11.13
N SER A 253 -11.77 -9.79 -12.46
CA SER A 253 -12.40 -10.77 -13.31
C SER A 253 -11.67 -12.11 -13.23
N VAL A 254 -12.36 -13.17 -13.67
CA VAL A 254 -11.84 -14.53 -13.62
C VAL A 254 -11.87 -15.11 -15.03
N ILE A 255 -10.76 -15.71 -15.44
CA ILE A 255 -10.64 -16.37 -16.73
C ILE A 255 -10.64 -17.88 -16.50
N LEU A 256 -11.42 -18.61 -17.28
CA LEU A 256 -11.53 -20.06 -17.18
C LEU A 256 -11.09 -20.67 -18.50
N PHE A 257 -10.25 -21.70 -18.43
CA PHE A 257 -9.77 -22.42 -19.60
C PHE A 257 -10.13 -23.90 -19.43
N LEU A 258 -11.07 -24.38 -20.23
CA LEU A 258 -11.49 -25.78 -20.17
C LEU A 258 -10.43 -26.62 -20.86
N ASN A 259 -9.42 -27.01 -20.10
CA ASN A 259 -8.29 -27.76 -20.62
C ASN A 259 -8.67 -29.23 -20.84
N LYS A 260 -7.86 -29.90 -21.66
CA LYS A 260 -8.02 -31.32 -21.96
C LYS A 260 -9.38 -31.61 -22.60
N GLN A 261 -9.60 -31.00 -23.75
CA GLN A 261 -10.84 -31.23 -24.50
C GLN A 261 -10.82 -32.55 -25.25
N ASP A 262 -9.65 -32.98 -25.73
CA ASP A 262 -9.57 -34.23 -26.47
C ASP A 262 -9.86 -35.43 -25.58
N LEU A 263 -9.34 -35.41 -24.35
CA LEU A 263 -9.60 -36.50 -23.42
C LEU A 263 -11.09 -36.59 -23.08
N LEU A 264 -11.71 -35.43 -22.82
CA LEU A 264 -13.15 -35.41 -22.53
C LEU A 264 -13.95 -35.90 -23.72
N ALA A 265 -13.56 -35.51 -24.94
CA ALA A 265 -14.26 -35.96 -26.13
C ALA A 265 -14.16 -37.48 -26.29
N GLU A 266 -12.94 -38.01 -26.13
CA GLU A 266 -12.77 -39.47 -26.24
C GLU A 266 -13.55 -40.20 -25.16
N LYS A 267 -13.59 -39.65 -23.95
CA LYS A 267 -14.32 -40.31 -22.86
C LYS A 267 -15.82 -40.29 -23.10
N VAL A 268 -16.35 -39.18 -23.62
CA VAL A 268 -17.78 -39.10 -23.85
C VAL A 268 -18.20 -39.87 -25.10
N LEU A 269 -17.26 -40.09 -26.03
CA LEU A 269 -17.57 -40.87 -27.21
C LEU A 269 -17.38 -42.37 -26.96
N ALA A 270 -16.58 -42.74 -25.97
CA ALA A 270 -16.40 -44.15 -25.66
C ALA A 270 -17.68 -44.78 -25.11
N GLY A 271 -18.48 -44.00 -24.39
CA GLY A 271 -19.72 -44.50 -23.84
C GLY A 271 -19.61 -45.20 -22.50
N LYS A 272 -18.46 -45.10 -21.83
CA LYS A 272 -18.30 -45.76 -20.54
C LYS A 272 -18.81 -44.89 -19.41
N SER A 273 -18.50 -43.60 -19.44
CA SER A 273 -18.93 -42.66 -18.40
C SER A 273 -19.31 -41.34 -19.04
N LYS A 274 -20.44 -40.78 -18.61
CA LYS A 274 -20.92 -39.51 -19.12
C LYS A 274 -21.43 -38.68 -17.95
N ILE A 275 -21.89 -37.46 -18.26
CA ILE A 275 -22.36 -36.54 -17.24
C ILE A 275 -23.75 -36.88 -16.72
N GLU A 276 -24.36 -37.95 -17.22
CA GLU A 276 -25.71 -38.30 -16.80
C GLU A 276 -25.75 -38.71 -15.33
N ASP A 277 -24.90 -39.67 -14.94
CA ASP A 277 -24.92 -40.17 -13.57
C ASP A 277 -24.32 -39.18 -12.58
N TYR A 278 -23.56 -38.19 -13.06
CA TYR A 278 -22.96 -37.20 -12.17
C TYR A 278 -23.87 -36.00 -11.93
N PHE A 279 -24.63 -35.58 -12.94
CA PHE A 279 -25.53 -34.44 -12.81
C PHE A 279 -26.86 -34.81 -13.44
N PRO A 280 -27.98 -34.72 -12.70
CA PRO A 280 -29.28 -35.06 -13.30
C PRO A 280 -29.77 -34.03 -14.28
N GLU A 281 -29.38 -32.76 -14.13
CA GLU A 281 -29.83 -31.71 -15.04
C GLU A 281 -29.37 -31.99 -16.47
N PHE A 282 -28.26 -32.73 -16.64
CA PHE A 282 -27.81 -33.11 -17.96
C PHE A 282 -28.84 -33.95 -18.71
N ALA A 283 -29.75 -34.61 -17.99
CA ALA A 283 -30.81 -35.37 -18.64
C ALA A 283 -31.92 -34.47 -19.19
N ARG A 284 -31.95 -33.20 -18.80
CA ARG A 284 -32.98 -32.27 -19.25
C ARG A 284 -32.36 -31.02 -19.84
N TYR A 285 -31.19 -31.14 -20.47
CA TYR A 285 -30.51 -30.02 -21.10
C TYR A 285 -30.35 -30.30 -22.59
N THR A 286 -30.56 -29.27 -23.41
CA THR A 286 -30.45 -29.37 -24.85
C THR A 286 -29.44 -28.37 -25.37
N THR A 287 -28.94 -28.63 -26.58
CA THR A 287 -27.96 -27.75 -27.19
C THR A 287 -28.64 -26.44 -27.61
N PRO A 288 -28.08 -25.28 -27.26
CA PRO A 288 -28.68 -24.01 -27.68
C PRO A 288 -28.68 -23.86 -29.19
N GLU A 289 -29.59 -23.01 -29.68
CA GLU A 289 -29.72 -22.80 -31.11
C GLU A 289 -28.57 -21.97 -31.67
N ASP A 290 -27.97 -21.10 -30.86
CA ASP A 290 -26.87 -20.26 -31.28
C ASP A 290 -25.52 -20.95 -31.16
N GLY A 296 -16.14 -30.80 -37.78
CA GLY A 296 -15.53 -32.09 -37.48
C GLY A 296 -15.73 -32.59 -36.08
N GLU A 297 -16.63 -31.98 -35.31
CA GLU A 297 -16.89 -32.37 -33.92
C GLU A 297 -18.26 -33.02 -33.83
N ASP A 298 -18.35 -34.07 -33.01
CA ASP A 298 -19.61 -34.77 -32.81
C ASP A 298 -20.55 -33.94 -31.93
N PRO A 299 -21.86 -34.08 -32.13
CA PRO A 299 -22.80 -33.29 -31.32
C PRO A 299 -22.75 -33.60 -29.84
N ARG A 300 -22.28 -34.79 -29.45
CA ARG A 300 -22.21 -35.13 -28.04
C ARG A 300 -21.20 -34.26 -27.31
N VAL A 301 -20.00 -34.13 -27.87
CA VAL A 301 -18.96 -33.30 -27.24
C VAL A 301 -19.41 -31.84 -27.19
N THR A 302 -20.05 -31.38 -28.25
CA THR A 302 -20.53 -30.00 -28.28
C THR A 302 -21.58 -29.76 -27.21
N ARG A 303 -22.54 -30.67 -27.08
CA ARG A 303 -23.57 -30.51 -26.05
C ARG A 303 -22.95 -30.57 -24.65
N ALA A 304 -21.96 -31.45 -24.46
CA ALA A 304 -21.33 -31.55 -23.15
C ALA A 304 -20.59 -30.27 -22.78
N LYS A 305 -19.79 -29.74 -23.71
CA LYS A 305 -19.04 -28.53 -23.41
C LYS A 305 -19.96 -27.33 -23.25
N TYR A 306 -21.06 -27.29 -24.02
CA TYR A 306 -22.01 -26.19 -23.85
C TYR A 306 -22.74 -26.28 -22.51
N PHE A 307 -23.06 -27.50 -22.06
CA PHE A 307 -23.66 -27.66 -20.74
C PHE A 307 -22.68 -27.24 -19.64
N ILE A 308 -21.41 -27.60 -19.79
CA ILE A 308 -20.41 -27.20 -18.81
C ILE A 308 -20.27 -25.69 -18.77
N ARG A 309 -20.24 -25.04 -19.94
CA ARG A 309 -20.11 -23.59 -19.99
C ARG A 309 -21.35 -22.92 -19.40
N LYS A 310 -22.54 -23.48 -19.65
CA LYS A 310 -23.76 -22.92 -19.09
C LYS A 310 -23.77 -23.04 -17.57
N GLU A 311 -23.33 -24.18 -17.05
CA GLU A 311 -23.23 -24.33 -15.59
C GLU A 311 -22.24 -23.34 -15.00
N PHE A 312 -21.08 -23.16 -15.65
CA PHE A 312 -20.10 -22.19 -15.16
C PHE A 312 -20.67 -20.77 -15.18
N VAL A 313 -21.40 -20.42 -16.24
CA VAL A 313 -21.98 -19.08 -16.33
C VAL A 313 -23.04 -18.88 -15.26
N ASP A 314 -23.86 -19.91 -15.01
CA ASP A 314 -24.88 -19.79 -13.97
C ASP A 314 -24.26 -19.68 -12.59
N ILE A 315 -23.13 -20.36 -12.36
CA ILE A 315 -22.45 -20.23 -11.08
C ILE A 315 -21.79 -18.87 -10.94
N SER A 316 -21.25 -18.33 -12.03
CA SER A 316 -20.54 -17.06 -11.98
C SER A 316 -21.50 -15.88 -11.82
N THR A 317 -22.63 -15.91 -12.53
CA THR A 317 -23.58 -14.80 -12.46
C THR A 317 -24.23 -14.69 -11.09
N ALA A 318 -24.18 -15.74 -10.27
CA ALA A 318 -24.74 -15.69 -8.93
C ALA A 318 -24.00 -14.67 -8.07
N SER A 319 -24.71 -13.62 -7.65
CA SER A 319 -24.14 -12.56 -6.82
C SER A 319 -22.94 -11.90 -7.50
N GLY A 320 -23.07 -11.64 -8.80
CA GLY A 320 -22.01 -11.00 -9.55
C GLY A 320 -22.06 -9.49 -9.49
N ASP A 321 -23.27 -8.94 -9.42
CA ASP A 321 -23.57 -7.50 -9.32
C ASP A 321 -23.14 -6.72 -10.55
N GLY A 322 -22.62 -7.37 -11.59
CA GLY A 322 -22.25 -6.69 -12.81
C GLY A 322 -20.94 -5.92 -12.76
N ARG A 323 -20.23 -5.95 -11.64
CA ARG A 323 -18.97 -5.22 -11.55
C ARG A 323 -17.81 -5.97 -12.18
N HIS A 324 -17.91 -7.29 -12.31
CA HIS A 324 -16.87 -8.08 -12.95
C HIS A 324 -17.52 -9.27 -13.65
N ILE A 325 -17.02 -9.60 -14.84
CA ILE A 325 -17.56 -10.69 -15.65
C ILE A 325 -16.48 -11.74 -15.85
N CYS A 326 -16.91 -12.98 -16.05
CA CYS A 326 -16.01 -14.10 -16.27
C CYS A 326 -15.68 -14.22 -17.76
N TYR A 327 -14.65 -15.00 -18.05
CA TYR A 327 -14.20 -15.21 -19.43
C TYR A 327 -13.93 -16.69 -19.64
N PRO A 328 -14.93 -17.44 -20.11
CA PRO A 328 -14.71 -18.86 -20.41
C PRO A 328 -14.11 -19.05 -21.79
N HIS A 329 -13.21 -20.02 -21.90
CA HIS A 329 -12.57 -20.34 -23.18
C HIS A 329 -12.25 -21.82 -23.21
N PHE A 330 -12.14 -22.35 -24.44
CA PHE A 330 -11.82 -23.74 -24.68
C PHE A 330 -10.40 -23.84 -25.21
N THR A 331 -9.61 -24.75 -24.65
CA THR A 331 -8.23 -24.94 -25.07
C THR A 331 -7.80 -26.36 -24.71
N CYS A 332 -6.57 -26.70 -25.10
CA CYS A 332 -6.00 -28.01 -24.81
C CYS A 332 -4.53 -27.81 -24.43
N SER A 333 -3.82 -28.92 -24.27
CA SER A 333 -2.42 -28.90 -23.86
C SER A 333 -1.46 -28.71 -25.03
N VAL A 334 -1.97 -28.50 -26.25
CA VAL A 334 -1.11 -28.31 -27.41
C VAL A 334 -1.51 -27.02 -28.12
N ASP A 335 -2.62 -26.42 -27.69
CA ASP A 335 -3.11 -25.20 -28.31
C ASP A 335 -2.15 -24.05 -28.03
N THR A 336 -1.65 -23.43 -29.11
CA THR A 336 -0.72 -22.31 -28.99
C THR A 336 -1.42 -20.96 -29.08
N GLU A 337 -2.72 -20.93 -29.35
CA GLU A 337 -3.48 -19.69 -29.44
C GLU A 337 -3.97 -19.20 -28.09
N ASN A 338 -3.52 -19.81 -26.99
CA ASN A 338 -3.97 -19.38 -25.66
C ASN A 338 -3.46 -17.98 -25.33
N ALA A 339 -2.28 -17.62 -25.82
CA ALA A 339 -1.73 -16.29 -25.54
C ALA A 339 -2.63 -15.19 -26.13
N ARG A 340 -3.16 -15.42 -27.33
CA ARG A 340 -4.05 -14.43 -27.94
C ARG A 340 -5.33 -14.28 -27.12
N ARG A 341 -5.86 -15.40 -26.62
CA ARG A 341 -7.06 -15.34 -25.78
C ARG A 341 -6.78 -14.58 -24.49
N ILE A 342 -5.64 -14.83 -23.86
CA ILE A 342 -5.27 -14.13 -22.64
C ILE A 342 -5.13 -12.63 -22.92
N PHE A 343 -4.50 -12.28 -24.04
CA PHE A 343 -4.34 -10.88 -24.39
C PHE A 343 -5.68 -10.20 -24.63
N ASN A 344 -6.59 -10.87 -25.33
CA ASN A 344 -7.91 -10.30 -25.58
C ASN A 344 -8.69 -10.13 -24.28
N ASP A 345 -8.61 -11.11 -23.38
CA ASP A 345 -9.30 -11.01 -22.10
C ASP A 345 -8.74 -9.86 -21.26
N CYS A 346 -7.41 -9.71 -21.23
CA CYS A 346 -6.81 -8.61 -20.49
C CYS A 346 -7.19 -7.26 -21.10
N LYS A 347 -7.24 -7.18 -22.43
CA LYS A 347 -7.66 -5.95 -23.07
C LYS A 347 -9.10 -5.60 -22.73
N ASP A 348 -9.99 -6.60 -22.73
CA ASP A 348 -11.38 -6.36 -22.36
C ASP A 348 -11.49 -5.93 -20.91
N ILE A 349 -10.69 -6.54 -20.02
CA ILE A 349 -10.74 -6.17 -18.61
C ILE A 349 -10.27 -4.72 -18.43
N ILE A 350 -9.20 -4.33 -19.11
CA ILE A 350 -8.71 -2.96 -19.01
C ILE A 350 -9.74 -1.99 -19.59
N LEU A 351 -10.41 -2.37 -20.66
CA LEU A 351 -11.45 -1.51 -21.22
C LEU A 351 -12.62 -1.33 -20.26
N GLN A 352 -13.05 -2.42 -19.62
CA GLN A 352 -14.13 -2.32 -18.64
C GLN A 352 -13.71 -1.48 -17.45
N MET A 353 -12.46 -1.61 -17.01
CA MET A 353 -11.96 -0.79 -15.91
C MET A 353 -11.94 0.69 -16.29
N ASN A 354 -11.51 0.99 -17.52
CA ASN A 354 -11.51 2.38 -17.97
C ASN A 354 -12.92 2.94 -18.06
N LEU A 355 -13.87 2.11 -18.51
CA LEU A 355 -15.26 2.56 -18.57
C LEU A 355 -15.81 2.82 -17.17
N ARG A 356 -15.52 1.94 -16.22
CA ARG A 356 -15.96 2.15 -14.84
C ARG A 356 -15.33 3.41 -14.25
N GLU A 357 -14.07 3.69 -14.61
CA GLU A 357 -13.42 4.91 -14.14
C GLU A 357 -14.08 6.15 -14.74
N TYR A 358 -14.40 6.08 -16.03
CA TYR A 358 -15.04 7.23 -16.69
C TYR A 358 -16.46 7.45 -16.18
N ASN A 359 -17.14 6.40 -15.76
CA ASN A 359 -18.50 6.53 -15.23
C ASN A 359 -18.54 6.97 -13.78
N LEU A 360 -17.40 6.95 -13.08
CA LEU A 360 -17.32 7.33 -11.67
C LEU A 360 -18.28 6.52 -10.81
N VAL A 361 -18.21 5.19 -10.97
CA VAL A 361 -19.07 4.28 -10.23
C VAL A 361 -18.65 4.22 -8.77
N GLU B 6 -8.29 -48.47 19.81
CA GLU B 6 -7.87 -47.87 21.07
C GLU B 6 -7.95 -46.35 21.01
N LEU B 7 -8.30 -45.82 19.84
CA LEU B 7 -8.39 -44.37 19.69
C LEU B 7 -9.55 -43.79 20.48
N ASP B 8 -10.60 -44.58 20.71
CA ASP B 8 -11.74 -44.09 21.46
C ASP B 8 -11.38 -43.82 22.92
N GLN B 9 -10.48 -44.64 23.48
CA GLN B 9 -10.06 -44.44 24.86
C GLN B 9 -9.31 -43.12 25.01
N LEU B 10 -8.37 -42.85 24.11
CA LEU B 10 -7.64 -41.58 24.16
C LEU B 10 -8.57 -40.41 23.87
N ARG B 11 -9.55 -40.61 22.99
CA ARG B 11 -10.51 -39.55 22.69
C ARG B 11 -11.32 -39.18 23.92
N GLN B 12 -11.87 -40.18 24.61
CA GLN B 12 -12.66 -39.90 25.81
C GLN B 12 -11.78 -39.37 26.94
N GLU B 13 -10.52 -39.80 27.01
CA GLU B 13 -9.61 -39.25 28.01
C GLU B 13 -9.35 -37.77 27.76
N ALA B 14 -9.11 -37.40 26.50
CA ALA B 14 -8.91 -35.99 26.17
C ALA B 14 -10.17 -35.18 26.43
N GLU B 15 -11.33 -35.75 26.13
CA GLU B 15 -12.59 -35.07 26.41
C GLU B 15 -12.78 -34.85 27.91
N GLN B 16 -12.46 -35.86 28.72
CA GLN B 16 -12.59 -35.71 30.17
C GLN B 16 -11.60 -34.67 30.69
N LEU B 17 -10.38 -34.65 30.14
CA LEU B 17 -9.41 -33.65 30.58
C LEU B 17 -9.88 -32.24 30.20
N LYS B 18 -10.45 -32.10 29.01
CA LYS B 18 -10.97 -30.79 28.60
C LYS B 18 -12.11 -30.35 29.51
N ASN B 19 -13.02 -31.27 29.84
CA ASN B 19 -14.12 -30.94 30.75
C ASN B 19 -13.59 -30.57 32.14
N GLN B 20 -12.56 -31.27 32.60
CA GLN B 20 -11.97 -30.96 33.90
C GLN B 20 -11.35 -29.57 33.91
N ILE B 21 -10.59 -29.24 32.85
CA ILE B 21 -10.01 -27.91 32.74
C ILE B 21 -11.11 -26.85 32.69
N ARG B 22 -12.21 -27.16 31.99
CA ARG B 22 -13.30 -26.20 31.88
C ARG B 22 -13.95 -25.94 33.23
N ASP B 23 -14.27 -27.00 33.98
CA ASP B 23 -14.91 -26.81 35.27
C ASP B 23 -13.95 -26.25 36.31
N ALA B 24 -12.64 -26.42 36.13
CA ALA B 24 -11.68 -25.80 37.04
C ALA B 24 -11.49 -24.33 36.72
N ARG B 25 -11.56 -23.94 35.45
CA ARG B 25 -11.46 -22.53 35.09
C ARG B 25 -12.74 -21.77 35.41
N LYS B 26 -13.90 -22.41 35.28
CA LYS B 26 -15.17 -21.75 35.58
C LYS B 26 -15.29 -21.45 37.07
N ALA B 27 -14.71 -22.28 37.93
CA ALA B 27 -14.80 -22.06 39.37
C ALA B 27 -14.04 -20.81 39.79
N CYS B 28 -13.02 -20.41 39.02
CA CYS B 28 -12.24 -19.22 39.33
C CYS B 28 -12.89 -17.94 38.82
N ALA B 29 -14.08 -18.02 38.19
CA ALA B 29 -14.77 -16.86 37.67
C ALA B 29 -15.78 -16.38 38.70
N ASP B 30 -15.28 -15.66 39.70
CA ASP B 30 -16.14 -15.14 40.76
C ASP B 30 -16.90 -13.91 40.29
N ALA B 31 -16.24 -13.01 39.56
CA ALA B 31 -16.86 -11.79 39.06
C ALA B 31 -16.20 -11.40 37.76
N THR B 32 -16.88 -10.55 37.00
CA THR B 32 -16.39 -10.07 35.72
C THR B 32 -15.66 -8.74 35.89
N LEU B 33 -14.87 -8.38 34.88
CA LEU B 33 -14.13 -7.13 34.92
C LEU B 33 -15.05 -5.93 34.82
N SER B 34 -16.23 -6.09 34.21
CA SER B 34 -17.15 -4.98 34.07
C SER B 34 -17.75 -4.56 35.41
N GLN B 35 -18.01 -5.54 36.29
CA GLN B 35 -18.61 -5.24 37.58
C GLN B 35 -17.64 -4.47 38.48
N ILE B 36 -16.33 -4.60 38.25
CA ILE B 36 -15.36 -3.92 39.08
C ILE B 36 -15.03 -2.52 38.54
N THR B 37 -15.13 -2.32 37.23
CA THR B 37 -14.77 -1.05 36.60
C THR B 37 -15.98 -0.15 36.40
N ASN B 38 -16.97 -0.23 37.29
CA ASN B 38 -18.14 0.64 37.20
C ASN B 38 -17.97 1.95 37.96
N ASN B 39 -17.14 1.96 39.00
CA ASN B 39 -16.93 3.17 39.78
C ASN B 39 -15.87 4.08 39.17
N ILE B 40 -14.99 3.55 38.33
CA ILE B 40 -13.94 4.37 37.72
C ILE B 40 -14.56 5.32 36.70
N ASP B 41 -13.96 6.51 36.60
CA ASP B 41 -14.45 7.51 35.65
C ASP B 41 -14.23 7.05 34.21
N PRO B 42 -15.11 7.45 33.29
CA PRO B 42 -14.94 7.03 31.90
C PRO B 42 -13.77 7.73 31.24
N VAL B 43 -13.30 7.13 30.14
CA VAL B 43 -12.17 7.69 29.42
C VAL B 43 -12.57 8.91 28.62
N GLY B 44 -13.80 8.96 28.10
CA GLY B 44 -14.25 10.06 27.30
C GLY B 44 -13.79 9.95 25.85
N ARG B 45 -14.40 10.77 25.00
CA ARG B 45 -14.09 10.78 23.58
C ARG B 45 -12.73 11.43 23.37
N ILE B 46 -11.73 10.63 23.03
CA ILE B 46 -10.38 11.11 22.80
C ILE B 46 -10.27 11.47 21.32
N GLN B 47 -10.36 12.76 21.01
CA GLN B 47 -10.28 13.24 19.65
C GLN B 47 -8.82 13.24 19.17
N MET B 48 -8.59 12.70 17.98
CA MET B 48 -7.26 12.65 17.40
C MET B 48 -7.27 13.27 16.01
N ARG B 49 -6.17 13.93 15.67
CA ARG B 49 -6.03 14.59 14.38
C ARG B 49 -4.78 14.08 13.68
N THR B 50 -4.84 14.08 12.34
CA THR B 50 -3.73 13.60 11.53
C THR B 50 -2.55 14.55 11.67
N ARG B 51 -1.51 14.13 12.40
CA ARG B 51 -0.34 14.98 12.59
C ARG B 51 0.60 14.92 11.39
N ARG B 52 0.82 13.73 10.84
CA ARG B 52 1.72 13.56 9.70
C ARG B 52 1.06 12.66 8.66
N THR B 53 1.40 12.91 7.39
CA THR B 53 0.90 12.12 6.27
C THR B 53 2.08 11.76 5.38
N LEU B 54 2.39 10.46 5.29
CA LEU B 54 3.52 9.97 4.52
C LEU B 54 3.01 9.28 3.25
N ARG B 55 3.50 9.72 2.10
CA ARG B 55 3.13 9.15 0.81
C ARG B 55 4.37 8.72 0.07
N GLY B 56 4.20 7.79 -0.86
CA GLY B 56 5.31 7.29 -1.64
C GLY B 56 5.23 5.80 -1.92
N HIS B 57 4.40 5.08 -1.22
CA HIS B 57 4.28 3.67 -1.45
C HIS B 57 3.62 3.40 -2.76
N LEU B 58 4.19 2.53 -3.55
CA LEU B 58 3.70 2.18 -4.87
C LEU B 58 2.61 1.11 -4.85
N ALA B 59 2.41 0.45 -3.71
CA ALA B 59 1.40 -0.59 -3.59
C ALA B 59 0.75 -0.45 -2.21
N LYS B 60 -0.02 -1.47 -1.84
CA LYS B 60 -0.67 -1.54 -0.55
C LYS B 60 0.19 -1.76 0.68
N ILE B 61 0.00 -0.98 1.74
CA ILE B 61 0.83 -1.05 2.94
C ILE B 61 0.31 -2.20 3.79
N TYR B 62 1.19 -3.16 4.11
CA TYR B 62 0.81 -4.36 4.82
C TYR B 62 1.33 -4.40 6.26
N ALA B 63 2.62 -4.14 6.46
CA ALA B 63 3.24 -4.26 7.77
C ALA B 63 4.06 -3.01 8.09
N MET B 64 4.10 -2.66 9.38
CA MET B 64 4.89 -1.54 9.86
C MET B 64 5.35 -1.86 11.28
N HIS B 65 6.43 -1.20 11.70
CA HIS B 65 7.00 -1.46 13.01
C HIS B 65 7.86 -0.29 13.44
N TRP B 66 7.72 0.11 14.71
CA TRP B 66 8.55 1.13 15.30
C TRP B 66 9.78 0.52 15.95
N GLY B 67 10.88 1.26 15.90
CA GLY B 67 12.12 0.81 16.50
C GLY B 67 12.17 1.08 18.00
N THR B 68 13.39 1.12 18.52
CA THR B 68 13.59 1.42 19.94
C THR B 68 13.12 2.83 20.26
N ASP B 69 13.44 3.78 19.39
CA ASP B 69 12.99 5.16 19.57
C ASP B 69 11.70 5.40 18.79
N SER B 70 10.95 6.42 19.22
CA SER B 70 9.69 6.78 18.60
C SER B 70 9.85 7.67 17.37
N ARG B 71 11.04 7.70 16.78
CA ARG B 71 11.31 8.56 15.63
C ARG B 71 11.33 7.78 14.31
N LEU B 72 12.13 6.71 14.24
CA LEU B 72 12.22 5.92 13.03
C LEU B 72 11.07 4.93 12.95
N LEU B 73 10.71 4.58 11.71
CA LEU B 73 9.64 3.60 11.47
C LEU B 73 10.01 2.79 10.23
N VAL B 74 9.69 1.51 10.23
CA VAL B 74 9.91 0.65 9.07
C VAL B 74 8.56 0.21 8.54
N SER B 75 8.41 0.20 7.21
CA SER B 75 7.16 -0.20 6.58
C SER B 75 7.47 -1.04 5.36
N ALA B 76 6.54 -1.94 5.02
CA ALA B 76 6.69 -2.81 3.87
C ALA B 76 5.57 -2.54 2.88
N SER B 77 5.90 -2.64 1.59
CA SER B 77 4.91 -2.48 0.52
C SER B 77 4.96 -3.69 -0.39
N GLN B 78 3.80 -4.06 -0.94
CA GLN B 78 3.67 -5.26 -1.75
C GLN B 78 4.35 -5.17 -3.10
N ASP B 79 5.03 -4.06 -3.40
CA ASP B 79 5.82 -3.98 -4.62
C ASP B 79 7.26 -4.43 -4.41
N GLY B 80 7.60 -4.90 -3.20
CA GLY B 80 8.95 -5.31 -2.90
C GLY B 80 9.82 -4.17 -2.41
N LYS B 81 9.30 -3.35 -1.50
CA LYS B 81 10.01 -2.18 -1.01
C LYS B 81 9.85 -2.07 0.50
N LEU B 82 10.97 -1.95 1.19
CA LEU B 82 11.02 -1.64 2.61
C LEU B 82 11.43 -0.18 2.77
N ILE B 83 10.56 0.62 3.35
CA ILE B 83 10.78 2.06 3.48
C ILE B 83 11.02 2.41 4.93
N ILE B 84 11.99 3.29 5.16
CA ILE B 84 12.33 3.79 6.49
C ILE B 84 11.84 5.23 6.58
N TRP B 85 10.79 5.45 7.37
CA TRP B 85 10.18 6.76 7.52
C TRP B 85 10.65 7.44 8.79
N ASP B 86 10.70 8.77 8.73
CA ASP B 86 11.03 9.62 9.86
C ASP B 86 9.79 10.46 10.17
N SER B 87 9.22 10.24 11.36
CA SER B 87 7.97 10.92 11.71
C SER B 87 8.19 12.40 11.98
N TYR B 88 9.43 12.82 12.26
CA TYR B 88 9.71 14.20 12.61
C TYR B 88 10.10 15.05 11.41
N THR B 89 10.95 14.52 10.53
CA THR B 89 11.45 15.30 9.39
C THR B 89 10.76 14.97 8.08
N THR B 90 9.92 13.94 8.04
CA THR B 90 9.14 13.51 6.88
C THR B 90 10.00 13.00 5.74
N ASN B 91 11.33 12.99 5.88
CA ASN B 91 12.20 12.56 4.81
C ASN B 91 12.43 11.05 4.87
N LYS B 92 12.54 10.43 3.71
CA LYS B 92 12.80 9.00 3.62
C LYS B 92 14.27 8.71 3.90
N VAL B 93 14.53 7.76 4.80
CA VAL B 93 15.90 7.46 5.21
C VAL B 93 16.53 6.39 4.32
N HIS B 94 15.84 5.28 4.12
CA HIS B 94 16.35 4.19 3.30
C HIS B 94 15.22 3.61 2.47
N ALA B 95 15.61 2.89 1.41
CA ALA B 95 14.66 2.21 0.52
C ALA B 95 15.30 0.90 0.08
N ILE B 96 14.86 -0.20 0.69
CA ILE B 96 15.42 -1.52 0.44
C ILE B 96 14.58 -2.21 -0.62
N PRO B 97 15.13 -2.53 -1.79
CA PRO B 97 14.37 -3.28 -2.81
C PRO B 97 14.40 -4.77 -2.49
N LEU B 98 13.22 -5.38 -2.45
CA LEU B 98 13.11 -6.80 -2.12
C LEU B 98 13.14 -7.65 -3.38
N ARG B 99 13.71 -8.85 -3.25
CA ARG B 99 13.74 -9.78 -4.36
C ARG B 99 12.35 -10.33 -4.66
N SER B 100 11.53 -10.51 -3.63
CA SER B 100 10.16 -10.96 -3.79
C SER B 100 9.21 -9.85 -3.36
N SER B 101 8.23 -9.55 -4.22
CA SER B 101 7.30 -8.45 -3.94
C SER B 101 6.19 -8.86 -2.98
N TRP B 102 5.89 -10.15 -2.88
CA TRP B 102 4.79 -10.63 -2.03
C TRP B 102 5.22 -10.71 -0.57
N VAL B 103 5.55 -9.54 -0.02
CA VAL B 103 5.92 -9.44 1.39
C VAL B 103 4.66 -9.23 2.23
N MET B 104 4.62 -9.86 3.40
CA MET B 104 3.47 -9.78 4.28
C MET B 104 3.81 -9.36 5.71
N THR B 105 5.09 -9.27 6.06
CA THR B 105 5.47 -8.89 7.42
C THR B 105 6.85 -8.26 7.39
N CYS B 106 7.12 -7.44 8.41
CA CYS B 106 8.41 -6.80 8.56
C CYS B 106 8.64 -6.51 10.04
N ALA B 107 9.91 -6.46 10.43
CA ALA B 107 10.27 -6.23 11.82
C ALA B 107 11.53 -5.37 11.88
N TYR B 108 11.66 -4.64 12.99
CA TYR B 108 12.80 -3.77 13.24
C TYR B 108 13.51 -4.25 14.49
N ALA B 109 14.80 -4.53 14.38
CA ALA B 109 15.56 -5.01 15.52
C ALA B 109 15.65 -3.92 16.59
N PRO B 110 15.71 -4.29 17.87
CA PRO B 110 15.83 -3.28 18.92
C PRO B 110 17.15 -2.52 18.88
N SER B 111 18.22 -3.13 18.37
CA SER B 111 19.49 -2.44 18.25
C SER B 111 19.48 -1.42 17.12
N GLY B 112 18.54 -1.53 16.18
CA GLY B 112 18.48 -0.59 15.08
C GLY B 112 19.48 -0.84 13.98
N ASN B 113 19.87 -2.10 13.77
CA ASN B 113 20.86 -2.45 12.77
C ASN B 113 20.36 -3.42 11.72
N TYR B 114 19.34 -4.23 12.02
CA TYR B 114 18.84 -5.23 11.10
C TYR B 114 17.33 -5.10 10.95
N VAL B 115 16.84 -5.47 9.76
CA VAL B 115 15.41 -5.44 9.46
C VAL B 115 15.04 -6.72 8.73
N ALA B 116 13.99 -7.38 9.19
CA ALA B 116 13.56 -8.66 8.64
C ALA B 116 12.34 -8.47 7.75
N CYS B 117 12.15 -9.39 6.82
CA CYS B 117 10.99 -9.38 5.94
C CYS B 117 10.76 -10.79 5.41
N GLY B 118 9.55 -11.01 4.92
CA GLY B 118 9.19 -12.32 4.39
C GLY B 118 7.75 -12.33 3.94
N GLY B 119 7.32 -13.48 3.45
CA GLY B 119 5.96 -13.62 2.98
C GLY B 119 5.68 -14.90 2.21
N LEU B 120 5.03 -14.76 1.05
CA LEU B 120 4.66 -15.92 0.24
C LEU B 120 5.87 -16.65 -0.33
N ASP B 121 7.04 -16.01 -0.34
CA ASP B 121 8.24 -16.64 -0.87
C ASP B 121 8.80 -17.73 0.05
N ASN B 122 8.27 -17.84 1.27
CA ASN B 122 8.72 -18.83 2.25
C ASN B 122 10.18 -18.68 2.62
N ILE B 123 10.76 -17.50 2.39
CA ILE B 123 12.15 -17.21 2.70
C ILE B 123 12.21 -15.92 3.51
N CYS B 124 12.82 -15.98 4.68
CA CYS B 124 12.95 -14.82 5.55
C CYS B 124 14.29 -14.13 5.26
N SER B 125 14.22 -12.87 4.86
CA SER B 125 15.41 -12.09 4.50
C SER B 125 15.63 -11.00 5.54
N ILE B 126 16.80 -11.01 6.16
CA ILE B 126 17.21 -10.00 7.13
C ILE B 126 18.33 -9.18 6.50
N TYR B 127 18.10 -7.88 6.38
CA TYR B 127 19.07 -6.95 5.81
C TYR B 127 19.70 -6.11 6.91
N ASN B 128 20.92 -5.66 6.67
CA ASN B 128 21.66 -4.83 7.60
C ASN B 128 21.55 -3.37 7.19
N LEU B 129 21.23 -2.50 8.16
CA LEU B 129 21.10 -1.08 7.89
C LEU B 129 22.39 -0.30 8.13
N LYS B 130 23.28 -0.82 8.98
CA LYS B 130 24.54 -0.17 9.31
C LYS B 130 25.72 -0.75 8.54
N THR B 131 25.49 -1.16 7.30
CA THR B 131 26.57 -1.72 6.48
C THR B 131 27.62 -0.66 6.20
N ARG B 132 28.89 -1.05 6.33
CA ARG B 132 29.99 -0.11 6.09
C ARG B 132 30.01 0.35 4.64
N GLU B 133 29.58 -0.49 3.71
CA GLU B 133 29.56 -0.13 2.30
C GLU B 133 28.45 0.85 1.95
N GLY B 134 27.61 1.24 2.91
CA GLY B 134 26.54 2.21 2.66
C GLY B 134 25.27 1.64 2.07
N ASN B 135 25.38 0.88 0.98
CA ASN B 135 24.21 0.30 0.35
C ASN B 135 23.69 -0.88 1.17
N VAL B 136 22.41 -1.19 0.98
CA VAL B 136 21.78 -2.30 1.69
C VAL B 136 22.18 -3.60 1.02
N ARG B 137 22.66 -4.55 1.83
CA ARG B 137 23.09 -5.85 1.33
C ARG B 137 22.32 -6.95 2.05
N VAL B 138 22.09 -8.05 1.33
CA VAL B 138 21.37 -9.19 1.90
C VAL B 138 22.25 -9.83 2.97
N SER B 139 21.90 -9.63 4.24
CA SER B 139 22.70 -10.18 5.32
C SER B 139 22.44 -11.66 5.53
N ARG B 140 21.18 -12.03 5.78
CA ARG B 140 20.84 -13.42 6.04
C ARG B 140 19.53 -13.77 5.35
N GLU B 141 19.59 -14.60 4.31
CA GLU B 141 18.41 -15.06 3.59
C GLU B 141 18.19 -16.53 3.94
N LEU B 142 17.42 -16.77 4.99
CA LEU B 142 17.22 -18.12 5.50
C LEU B 142 15.89 -18.69 5.00
N ALA B 143 15.85 -20.01 4.85
CA ALA B 143 14.68 -20.72 4.38
C ALA B 143 14.56 -22.04 5.13
N GLY B 144 13.48 -22.76 4.84
CA GLY B 144 13.25 -24.04 5.49
C GLY B 144 11.78 -24.28 5.79
N HIS B 145 10.99 -23.21 5.81
CA HIS B 145 9.56 -23.33 6.06
C HIS B 145 8.82 -23.66 4.78
N THR B 146 7.79 -24.50 4.90
CA THR B 146 6.94 -24.89 3.78
C THR B 146 5.62 -24.13 3.78
N GLY B 147 5.62 -22.89 4.25
CA GLY B 147 4.41 -22.08 4.29
C GLY B 147 4.77 -20.62 4.24
N TYR B 148 3.74 -19.81 3.96
CA TYR B 148 3.94 -18.37 3.85
C TYR B 148 4.20 -17.75 5.22
N LEU B 149 5.09 -16.77 5.25
CA LEU B 149 5.44 -16.10 6.49
C LEU B 149 4.39 -15.05 6.83
N SER B 150 3.86 -15.10 8.05
CA SER B 150 2.81 -14.20 8.48
C SER B 150 3.31 -13.09 9.40
N CYS B 151 4.26 -13.39 10.29
CA CYS B 151 4.76 -12.40 11.22
C CYS B 151 6.20 -12.74 11.60
N CYS B 152 6.97 -11.70 11.91
CA CYS B 152 8.36 -11.86 12.33
C CYS B 152 8.66 -10.84 13.41
N ARG B 153 9.47 -11.25 14.39
CA ARG B 153 9.83 -10.37 15.49
C ARG B 153 11.28 -10.63 15.88
N PHE B 154 11.91 -9.60 16.44
CA PHE B 154 13.30 -9.67 16.89
C PHE B 154 13.33 -9.79 18.41
N LEU B 155 14.05 -10.79 18.90
CA LEU B 155 14.30 -10.93 20.34
C LEU B 155 15.56 -10.21 20.79
N ASP B 156 16.59 -10.18 19.95
CA ASP B 156 17.85 -9.52 20.24
C ASP B 156 18.61 -9.36 18.92
N ASP B 157 19.87 -8.93 19.03
CA ASP B 157 20.70 -8.75 17.85
C ASP B 157 21.22 -10.05 17.26
N ASN B 158 20.81 -11.20 17.80
CA ASN B 158 21.29 -12.49 17.33
C ASN B 158 20.19 -13.51 17.05
N GLN B 159 19.01 -13.38 17.66
CA GLN B 159 17.93 -14.33 17.48
C GLN B 159 16.72 -13.64 16.87
N ILE B 160 15.85 -14.44 16.26
CA ILE B 160 14.66 -13.93 15.60
C ILE B 160 13.58 -15.02 15.64
N VAL B 161 12.32 -14.60 15.75
CA VAL B 161 11.20 -15.52 15.72
C VAL B 161 10.38 -15.23 14.47
N THR B 162 10.02 -16.28 13.75
CA THR B 162 9.27 -16.15 12.51
C THR B 162 8.12 -17.15 12.50
N SER B 163 6.96 -16.68 12.05
CA SER B 163 5.79 -17.53 11.88
C SER B 163 5.64 -17.93 10.42
N SER B 164 5.03 -19.09 10.20
CA SER B 164 4.85 -19.63 8.87
C SER B 164 3.48 -20.28 8.75
N GLY B 165 3.02 -20.42 7.51
CA GLY B 165 1.73 -21.04 7.24
C GLY B 165 1.72 -22.55 7.38
N ASP B 166 2.90 -23.17 7.52
CA ASP B 166 2.98 -24.62 7.67
C ASP B 166 2.72 -25.09 9.10
N THR B 167 2.15 -24.22 9.95
CA THR B 167 1.75 -24.51 11.32
C THR B 167 2.93 -24.75 12.25
N THR B 168 4.16 -24.73 11.75
CA THR B 168 5.35 -24.98 12.56
C THR B 168 6.20 -23.72 12.61
N CYS B 169 6.50 -23.26 13.82
CA CYS B 169 7.37 -22.10 14.04
C CYS B 169 8.72 -22.57 14.57
N ALA B 170 9.69 -21.67 14.50
CA ALA B 170 11.04 -21.99 14.95
C ALA B 170 11.79 -20.70 15.26
N LEU B 171 12.72 -20.80 16.21
CA LEU B 171 13.57 -19.67 16.59
C LEU B 171 14.87 -19.75 15.79
N TRP B 172 15.08 -18.76 14.92
CA TRP B 172 16.23 -18.73 14.04
C TRP B 172 17.35 -17.89 14.64
N ASP B 173 18.59 -18.27 14.33
CA ASP B 173 19.78 -17.56 14.76
C ASP B 173 20.40 -16.86 13.57
N ILE B 174 20.62 -15.55 13.71
CA ILE B 174 21.19 -14.77 12.61
C ILE B 174 22.62 -15.18 12.32
N GLU B 175 23.33 -15.72 13.31
CA GLU B 175 24.74 -16.08 13.10
C GLU B 175 24.88 -17.27 12.17
N THR B 176 24.04 -18.29 12.35
CA THR B 176 24.14 -19.52 11.56
C THR B 176 22.98 -19.74 10.60
N GLY B 177 21.80 -19.21 10.90
CA GLY B 177 20.64 -19.40 10.05
C GLY B 177 20.07 -20.81 10.14
N GLN B 178 19.90 -21.30 11.37
CA GLN B 178 19.36 -22.63 11.60
C GLN B 178 18.31 -22.56 12.71
N GLN B 179 17.39 -23.51 12.68
CA GLN B 179 16.32 -23.57 13.67
C GLN B 179 16.91 -23.98 15.02
N THR B 180 16.97 -23.04 15.97
CA THR B 180 17.50 -23.36 17.29
C THR B 180 16.51 -24.16 18.11
N THR B 181 15.27 -23.67 18.23
CA THR B 181 14.24 -24.36 18.98
C THR B 181 12.95 -24.36 18.16
N THR B 182 12.33 -25.52 18.04
CA THR B 182 11.09 -25.69 17.30
C THR B 182 9.95 -26.00 18.25
N PHE B 183 8.75 -25.58 17.88
CA PHE B 183 7.55 -25.76 18.70
C PHE B 183 6.64 -26.81 18.07
N THR B 184 5.62 -27.21 18.85
CA THR B 184 4.68 -28.21 18.37
C THR B 184 3.77 -27.64 17.28
N GLY B 185 3.18 -26.47 17.54
CA GLY B 185 2.35 -25.81 16.57
C GLY B 185 0.88 -25.80 16.99
N HIS B 186 0.11 -24.96 16.31
CA HIS B 186 -1.31 -24.81 16.56
C HIS B 186 -2.08 -25.84 15.75
N THR B 187 -3.40 -25.67 15.66
CA THR B 187 -4.23 -26.51 14.82
C THR B 187 -4.40 -25.96 13.41
N GLY B 188 -4.25 -24.64 13.23
CA GLY B 188 -4.35 -24.02 11.93
C GLY B 188 -3.13 -23.16 11.66
N ASP B 189 -3.14 -22.53 10.48
CA ASP B 189 -2.02 -21.71 10.06
C ASP B 189 -1.83 -20.53 11.01
N VAL B 190 -0.58 -20.30 11.41
CA VAL B 190 -0.26 -19.21 12.32
C VAL B 190 -0.49 -17.87 11.62
N MET B 191 -1.13 -16.94 12.33
CA MET B 191 -1.48 -15.65 11.76
C MET B 191 -0.66 -14.50 12.30
N SER B 192 -0.43 -14.44 13.61
CA SER B 192 0.31 -13.31 14.17
C SER B 192 1.01 -13.74 15.46
N LEU B 193 2.05 -12.99 15.81
CA LEU B 193 2.81 -13.20 17.03
C LEU B 193 2.84 -11.91 17.83
N SER B 194 3.17 -12.03 19.12
CA SER B 194 3.34 -10.85 19.96
C SER B 194 4.23 -11.22 21.13
N LEU B 195 5.37 -10.55 21.26
CA LEU B 195 6.32 -10.83 22.31
C LEU B 195 5.91 -10.16 23.62
N ALA B 196 6.38 -10.73 24.72
CA ALA B 196 6.18 -10.15 26.05
C ALA B 196 7.31 -9.19 26.37
N PRO B 197 7.07 -8.22 27.26
CA PRO B 197 8.14 -7.30 27.64
C PRO B 197 9.31 -7.96 28.36
N ASP B 198 9.10 -9.16 28.91
CA ASP B 198 10.19 -9.88 29.56
C ASP B 198 11.10 -10.59 28.58
N THR B 199 10.71 -10.66 27.30
CA THR B 199 11.44 -11.26 26.19
C THR B 199 11.60 -12.77 26.35
N ARG B 200 11.03 -13.37 27.39
CA ARG B 200 11.13 -14.81 27.60
C ARG B 200 9.92 -15.57 27.11
N LEU B 201 8.77 -14.93 27.01
CA LEU B 201 7.54 -15.55 26.53
C LEU B 201 6.99 -14.76 25.35
N PHE B 202 6.17 -15.42 24.54
CA PHE B 202 5.50 -14.76 23.44
C PHE B 202 4.23 -15.52 23.09
N VAL B 203 3.16 -14.80 22.83
CA VAL B 203 1.86 -15.39 22.57
C VAL B 203 1.54 -15.25 21.08
N SER B 204 1.06 -16.33 20.48
CA SER B 204 0.80 -16.42 19.05
C SER B 204 -0.64 -16.78 18.79
N GLY B 205 -1.25 -16.14 17.81
CA GLY B 205 -2.61 -16.44 17.39
C GLY B 205 -2.63 -16.99 15.97
N ALA B 206 -3.43 -18.01 15.76
CA ALA B 206 -3.52 -18.71 14.49
C ALA B 206 -4.97 -18.72 14.00
N CYS B 207 -5.23 -19.45 12.91
CA CYS B 207 -6.55 -19.54 12.32
C CYS B 207 -7.51 -20.41 13.12
N ASP B 208 -7.02 -21.19 14.08
CA ASP B 208 -7.85 -22.12 14.85
C ASP B 208 -8.56 -21.44 16.02
N ALA B 209 -8.66 -20.12 16.01
CA ALA B 209 -9.29 -19.35 17.10
C ALA B 209 -8.64 -19.64 18.44
N SER B 210 -7.34 -19.93 18.43
CA SER B 210 -6.60 -20.27 19.63
C SER B 210 -5.36 -19.40 19.75
N ALA B 211 -5.06 -18.98 20.98
CA ALA B 211 -3.87 -18.19 21.28
C ALA B 211 -3.02 -18.99 22.25
N LYS B 212 -1.77 -19.28 21.85
CA LYS B 212 -0.88 -20.12 22.63
C LYS B 212 0.35 -19.32 23.05
N LEU B 213 0.74 -19.47 24.32
CA LEU B 213 1.89 -18.77 24.89
C LEU B 213 3.07 -19.73 24.90
N TRP B 214 4.08 -19.43 24.09
CA TRP B 214 5.29 -20.24 24.00
C TRP B 214 6.45 -19.54 24.72
N ASP B 215 7.42 -20.36 25.11
CA ASP B 215 8.61 -19.89 25.81
C ASP B 215 9.82 -19.97 24.88
N VAL B 216 10.77 -19.06 25.08
CA VAL B 216 11.98 -19.06 24.26
C VAL B 216 12.88 -20.23 24.63
N ARG B 217 13.05 -20.49 25.93
CA ARG B 217 13.91 -21.58 26.37
C ARG B 217 13.23 -22.93 26.15
N GLU B 218 12.04 -23.10 26.73
CA GLU B 218 11.29 -24.34 26.61
C GLU B 218 10.38 -24.27 25.38
N GLY B 219 10.60 -25.18 24.43
CA GLY B 219 9.81 -25.18 23.21
C GLY B 219 8.49 -25.89 23.35
N MET B 220 7.58 -25.31 24.12
CA MET B 220 6.25 -25.88 24.31
C MET B 220 5.31 -24.79 24.77
N CYS B 221 4.01 -25.05 24.62
CA CYS B 221 2.97 -24.09 25.01
C CYS B 221 2.57 -24.34 26.46
N ARG B 222 2.46 -23.26 27.22
CA ARG B 222 2.09 -23.35 28.63
C ARG B 222 0.60 -23.18 28.86
N GLN B 223 -0.06 -22.33 28.08
CA GLN B 223 -1.49 -22.08 28.23
C GLN B 223 -2.14 -22.06 26.85
N THR B 224 -3.47 -22.14 26.84
CA THR B 224 -4.24 -22.12 25.60
C THR B 224 -5.55 -21.39 25.85
N PHE B 225 -5.90 -20.49 24.94
CA PHE B 225 -7.13 -19.72 25.02
C PHE B 225 -7.95 -19.96 23.77
N THR B 226 -9.17 -20.45 23.95
CA THR B 226 -10.07 -20.78 22.84
C THR B 226 -11.41 -20.09 23.01
N GLY B 227 -11.37 -18.80 23.35
CA GLY B 227 -12.59 -18.03 23.54
C GLY B 227 -13.19 -17.47 22.28
N HIS B 228 -12.40 -17.33 21.22
CA HIS B 228 -12.88 -16.74 19.98
C HIS B 228 -13.75 -17.74 19.21
N GLU B 229 -14.39 -17.24 18.16
CA GLU B 229 -15.28 -18.04 17.33
C GLU B 229 -14.90 -18.03 15.86
N SER B 230 -13.82 -17.33 15.48
CA SER B 230 -13.41 -17.25 14.09
C SER B 230 -11.89 -17.12 14.05
N ASP B 231 -11.35 -16.93 12.86
CA ASP B 231 -9.91 -16.83 12.68
C ASP B 231 -9.38 -15.55 13.34
N ILE B 232 -8.34 -15.69 14.14
CA ILE B 232 -7.72 -14.56 14.83
C ILE B 232 -6.68 -13.95 13.90
N ASN B 233 -6.86 -12.68 13.55
CA ASN B 233 -5.98 -12.00 12.61
C ASN B 233 -5.07 -10.97 13.27
N ALA B 234 -5.29 -10.65 14.54
CA ALA B 234 -4.48 -9.65 15.21
C ALA B 234 -4.29 -10.04 16.67
N ILE B 235 -3.17 -9.62 17.25
CA ILE B 235 -2.85 -9.92 18.64
C ILE B 235 -1.80 -8.94 19.11
N CYS B 236 -1.93 -8.50 20.35
CA CYS B 236 -0.97 -7.57 20.96
C CYS B 236 -0.94 -7.81 22.46
N PHE B 237 0.26 -7.86 23.02
CA PHE B 237 0.43 -8.10 24.44
C PHE B 237 0.36 -6.81 25.24
N PHE B 238 -0.14 -6.92 26.48
CA PHE B 238 -0.22 -5.78 27.36
C PHE B 238 1.19 -5.32 27.74
N PRO B 239 1.37 -4.01 27.99
CA PRO B 239 2.70 -3.51 28.37
C PRO B 239 3.29 -4.18 29.60
N ASN B 240 2.45 -4.68 30.51
CA ASN B 240 2.95 -5.35 31.70
C ASN B 240 3.23 -6.83 31.49
N GLY B 241 2.77 -7.41 30.37
CA GLY B 241 3.00 -8.81 30.09
C GLY B 241 2.07 -9.77 30.79
N ASN B 242 0.98 -9.30 31.37
CA ASN B 242 0.04 -10.16 32.08
C ASN B 242 -1.21 -10.49 31.28
N ALA B 243 -1.51 -9.73 30.23
CA ALA B 243 -2.70 -9.96 29.41
C ALA B 243 -2.37 -9.65 27.96
N PHE B 244 -3.33 -9.93 27.07
CA PHE B 244 -3.15 -9.67 25.65
C PHE B 244 -4.52 -9.69 24.98
N ALA B 245 -4.71 -8.80 24.02
CA ALA B 245 -5.94 -8.71 23.26
C ALA B 245 -5.79 -9.37 21.90
N THR B 246 -6.85 -10.02 21.44
CA THR B 246 -6.86 -10.72 20.16
C THR B 246 -8.09 -10.30 19.39
N GLY B 247 -7.91 -9.96 18.12
CA GLY B 247 -9.00 -9.59 17.23
C GLY B 247 -9.22 -10.67 16.18
N SER B 248 -10.49 -10.96 15.90
CA SER B 248 -10.87 -12.00 14.95
C SER B 248 -11.80 -11.40 13.88
N ASP B 249 -12.18 -12.24 12.92
CA ASP B 249 -13.07 -11.82 11.86
C ASP B 249 -14.53 -11.75 12.31
N ASP B 250 -14.83 -12.09 13.55
CA ASP B 250 -16.18 -12.00 14.09
C ASP B 250 -16.55 -10.60 14.56
N ALA B 251 -15.77 -9.59 14.17
CA ALA B 251 -15.99 -8.20 14.59
C ALA B 251 -15.97 -8.05 16.11
N THR B 252 -15.24 -8.93 16.79
CA THR B 252 -15.15 -8.91 18.24
C THR B 252 -13.71 -9.08 18.66
N CYS B 253 -13.31 -8.35 19.70
CA CYS B 253 -11.99 -8.47 20.30
C CYS B 253 -12.12 -9.06 21.70
N ARG B 254 -11.16 -9.90 22.07
CA ARG B 254 -11.19 -10.57 23.37
C ARG B 254 -9.88 -10.36 24.09
N LEU B 255 -9.96 -9.99 25.37
CA LEU B 255 -8.79 -9.74 26.20
C LEU B 255 -8.57 -10.94 27.12
N PHE B 256 -7.54 -11.71 26.86
CA PHE B 256 -7.20 -12.88 27.67
C PHE B 256 -6.04 -12.54 28.59
N ASP B 257 -6.21 -12.81 29.88
CA ASP B 257 -5.20 -12.52 30.87
C ASP B 257 -4.39 -13.78 31.16
N LEU B 258 -3.06 -13.66 31.15
CA LEU B 258 -2.21 -14.81 31.41
C LEU B 258 -2.31 -15.26 32.86
N ARG B 259 -2.36 -14.31 33.79
CA ARG B 259 -2.45 -14.66 35.21
C ARG B 259 -3.80 -15.29 35.53
N ALA B 260 -4.87 -14.75 34.94
CA ALA B 260 -6.21 -15.30 35.18
C ALA B 260 -6.46 -16.54 34.32
N ASP B 261 -5.81 -16.64 33.17
CA ASP B 261 -5.96 -17.78 32.25
C ASP B 261 -7.41 -17.95 31.82
N GLN B 262 -8.05 -16.83 31.47
CA GLN B 262 -9.44 -16.82 31.03
C GLN B 262 -9.75 -15.45 30.46
N GLU B 263 -10.80 -15.40 29.63
CA GLU B 263 -11.21 -14.15 29.01
C GLU B 263 -11.81 -13.21 30.05
N LEU B 264 -11.44 -11.93 29.96
CA LEU B 264 -11.92 -10.92 30.89
C LEU B 264 -12.81 -9.86 30.27
N MET B 265 -12.60 -9.52 29.00
CA MET B 265 -13.36 -8.46 28.36
C MET B 265 -13.57 -8.80 26.89
N THR B 266 -14.78 -8.51 26.40
CA THR B 266 -15.16 -8.76 25.00
C THR B 266 -15.66 -7.44 24.41
N TYR B 267 -14.83 -6.83 23.57
CA TYR B 267 -15.19 -5.60 22.87
C TYR B 267 -15.98 -5.96 21.61
N SER B 268 -17.20 -5.44 21.51
CA SER B 268 -18.06 -5.74 20.37
C SER B 268 -19.11 -4.64 20.26
N HIS B 269 -19.73 -4.58 19.08
CA HIS B 269 -20.78 -3.61 18.81
C HIS B 269 -21.71 -4.16 17.73
N ASP B 270 -22.99 -3.80 17.83
CA ASP B 270 -23.96 -4.31 16.88
C ASP B 270 -23.76 -3.72 15.49
N ASN B 271 -23.43 -2.43 15.42
CA ASN B 271 -23.23 -1.77 14.13
C ASN B 271 -21.94 -2.18 13.45
N ILE B 272 -20.99 -2.76 14.18
CA ILE B 272 -19.70 -3.17 13.62
C ILE B 272 -19.81 -4.61 13.16
N ILE B 273 -19.53 -4.84 11.88
CA ILE B 273 -19.57 -6.18 11.31
C ILE B 273 -18.27 -6.60 10.65
N CYS B 274 -17.35 -5.69 10.34
CA CYS B 274 -16.10 -6.04 9.70
C CYS B 274 -15.11 -6.61 10.71
N GLY B 275 -14.21 -7.46 10.21
CA GLY B 275 -13.24 -8.10 11.08
C GLY B 275 -12.09 -7.19 11.47
N ILE B 276 -11.35 -7.64 12.49
CA ILE B 276 -10.21 -6.90 13.01
C ILE B 276 -8.96 -7.33 12.27
N THR B 277 -8.13 -6.35 11.90
CA THR B 277 -6.89 -6.62 11.17
C THR B 277 -5.63 -6.35 11.99
N SER B 278 -5.62 -5.32 12.84
CA SER B 278 -4.43 -5.01 13.63
C SER B 278 -4.87 -4.49 14.98
N VAL B 279 -4.11 -4.86 16.01
CA VAL B 279 -4.37 -4.45 17.39
C VAL B 279 -3.06 -3.99 18.02
N SER B 280 -3.12 -2.87 18.73
CA SER B 280 -1.96 -2.34 19.42
C SER B 280 -2.42 -1.63 20.68
N PHE B 281 -1.53 -1.63 21.68
CA PHE B 281 -1.80 -1.00 22.97
C PHE B 281 -0.95 0.25 23.12
N SER B 282 -1.43 1.17 23.95
CA SER B 282 -0.68 2.37 24.29
C SER B 282 0.36 2.06 25.37
N LYS B 283 1.03 3.10 25.86
CA LYS B 283 2.02 2.91 26.90
C LYS B 283 1.36 2.56 28.23
N SER B 284 0.15 3.05 28.48
CA SER B 284 -0.56 2.75 29.71
C SER B 284 -1.48 1.55 29.57
N GLY B 285 -2.08 1.34 28.40
CA GLY B 285 -2.95 0.22 28.16
C GLY B 285 -4.43 0.53 28.20
N ARG B 286 -4.81 1.77 28.53
CA ARG B 286 -6.22 2.12 28.58
C ARG B 286 -6.84 2.18 27.20
N LEU B 287 -6.12 2.75 26.23
CA LEU B 287 -6.64 2.91 24.88
C LEU B 287 -6.21 1.74 24.02
N LEU B 288 -7.18 1.02 23.46
CA LEU B 288 -6.93 -0.10 22.56
C LEU B 288 -7.40 0.32 21.16
N LEU B 289 -6.47 0.42 20.23
CA LEU B 289 -6.77 0.84 18.86
C LEU B 289 -6.88 -0.40 17.97
N ALA B 290 -8.06 -0.61 17.40
CA ALA B 290 -8.33 -1.75 16.56
C ALA B 290 -8.71 -1.27 15.16
N GLY B 291 -8.03 -1.83 14.15
CA GLY B 291 -8.35 -1.52 12.77
C GLY B 291 -9.36 -2.50 12.20
N TYR B 292 -10.39 -1.95 11.56
CA TYR B 292 -11.47 -2.74 10.99
C TYR B 292 -11.48 -2.59 9.48
N ASP B 293 -12.15 -3.53 8.81
CA ASP B 293 -12.31 -3.47 7.36
C ASP B 293 -13.41 -2.50 6.93
N ASP B 294 -13.99 -1.76 7.86
CA ASP B 294 -15.02 -0.77 7.56
C ASP B 294 -14.41 0.60 7.25
N PHE B 295 -13.16 0.63 6.81
CA PHE B 295 -12.44 1.86 6.43
C PHE B 295 -12.23 2.79 7.61
N ASN B 296 -12.36 2.30 8.84
CA ASN B 296 -12.22 3.13 10.03
C ASN B 296 -11.49 2.35 11.12
N CYS B 297 -10.86 3.08 12.03
CA CYS B 297 -10.21 2.51 13.20
C CYS B 297 -10.96 2.96 14.45
N ASN B 298 -11.06 2.06 15.44
CA ASN B 298 -11.83 2.33 16.64
C ASN B 298 -10.94 2.24 17.88
N VAL B 299 -11.12 3.19 18.79
CA VAL B 299 -10.40 3.22 20.06
C VAL B 299 -11.37 2.84 21.16
N TRP B 300 -10.99 1.84 21.95
CA TRP B 300 -11.82 1.34 23.04
C TRP B 300 -11.08 1.47 24.36
N ASP B 301 -11.85 1.45 25.45
CA ASP B 301 -11.32 1.50 26.80
C ASP B 301 -11.09 0.07 27.29
N ALA B 302 -9.92 -0.19 27.89
CA ALA B 302 -9.63 -1.53 28.38
C ALA B 302 -10.50 -1.88 29.57
N LEU B 303 -10.97 -0.90 30.32
CA LEU B 303 -11.77 -1.12 31.52
C LEU B 303 -13.25 -0.85 31.30
N LYS B 304 -13.59 0.23 30.59
CA LYS B 304 -14.98 0.59 30.37
C LYS B 304 -15.58 -0.04 29.13
N ALA B 305 -14.75 -0.54 28.21
CA ALA B 305 -15.20 -1.17 26.97
C ALA B 305 -16.07 -0.25 26.11
N ASP B 306 -15.89 1.06 26.24
CA ASP B 306 -16.66 2.03 25.47
C ASP B 306 -15.81 2.60 24.35
N ARG B 307 -16.48 3.05 23.29
CA ARG B 307 -15.78 3.64 22.15
C ARG B 307 -15.20 4.99 22.54
N ALA B 308 -13.87 5.11 22.44
CA ALA B 308 -13.18 6.33 22.82
C ALA B 308 -12.87 7.23 21.63
N GLY B 309 -13.01 6.74 20.40
CA GLY B 309 -12.73 7.56 19.23
C GLY B 309 -12.75 6.78 17.93
N VAL B 310 -13.00 7.49 16.83
CA VAL B 310 -13.07 6.89 15.50
C VAL B 310 -12.11 7.63 14.58
N LEU B 311 -11.34 6.87 13.81
CA LEU B 311 -10.38 7.41 12.86
C LEU B 311 -10.85 7.04 11.45
N ALA B 312 -11.20 8.05 10.66
CA ALA B 312 -11.72 7.87 9.31
C ALA B 312 -10.78 8.51 8.29
N GLY B 313 -9.48 8.42 8.52
CA GLY B 313 -8.52 9.02 7.63
C GLY B 313 -8.00 8.06 6.57
N HIS B 314 -8.78 7.01 6.28
CA HIS B 314 -8.39 6.02 5.29
C HIS B 314 -9.56 5.77 4.35
N ASP B 315 -9.23 5.33 3.13
CA ASP B 315 -10.24 5.02 2.12
C ASP B 315 -10.21 3.54 1.73
N ASN B 316 -9.52 2.70 2.48
CA ASN B 316 -9.46 1.27 2.21
C ASN B 316 -9.31 0.54 3.54
N ARG B 317 -9.16 -0.78 3.46
CA ARG B 317 -9.02 -1.59 4.65
C ARG B 317 -7.78 -1.20 5.44
N VAL B 318 -7.96 -0.93 6.73
CA VAL B 318 -6.84 -0.60 7.61
C VAL B 318 -6.03 -1.85 7.86
N SER B 319 -4.88 -1.97 7.20
CA SER B 319 -4.10 -3.19 7.23
C SER B 319 -3.14 -3.27 8.42
N CYS B 320 -2.66 -2.14 8.92
CA CYS B 320 -1.68 -2.19 10.01
C CYS B 320 -1.74 -0.89 10.80
N LEU B 321 -1.44 -1.01 12.10
CA LEU B 321 -1.35 0.14 12.98
C LEU B 321 -0.38 -0.17 14.10
N GLY B 322 0.25 0.88 14.62
CA GLY B 322 1.24 0.72 15.67
C GLY B 322 1.42 1.94 16.55
N VAL B 323 1.47 1.72 17.86
CA VAL B 323 1.66 2.78 18.84
C VAL B 323 3.13 2.81 19.24
N THR B 324 3.68 4.02 19.36
CA THR B 324 5.07 4.17 19.75
C THR B 324 5.29 3.72 21.19
N ASP B 325 6.56 3.51 21.53
CA ASP B 325 6.90 3.03 22.88
C ASP B 325 6.56 4.08 23.94
N ASP B 326 6.68 5.36 23.61
CA ASP B 326 6.38 6.43 24.55
C ASP B 326 4.96 6.95 24.44
N GLY B 327 4.19 6.51 23.44
CA GLY B 327 2.82 6.95 23.31
C GLY B 327 2.65 8.35 22.77
N MET B 328 3.64 8.88 22.06
CA MET B 328 3.52 10.23 21.51
C MET B 328 2.62 10.26 20.28
N ALA B 329 2.78 9.29 19.38
CA ALA B 329 2.00 9.24 18.15
C ALA B 329 1.67 7.79 17.82
N VAL B 330 0.73 7.61 16.90
CA VAL B 330 0.30 6.28 16.46
C VAL B 330 0.25 6.27 14.94
N ALA B 331 0.97 5.34 14.32
CA ALA B 331 0.99 5.23 12.87
C ALA B 331 -0.06 4.24 12.40
N THR B 332 -0.67 4.54 11.25
CA THR B 332 -1.69 3.68 10.65
C THR B 332 -1.45 3.63 9.15
N GLY B 333 -1.28 2.42 8.63
CA GLY B 333 -1.09 2.21 7.20
C GLY B 333 -2.17 1.30 6.65
N SER B 334 -2.74 1.69 5.52
CA SER B 334 -3.82 0.96 4.88
C SER B 334 -3.44 0.68 3.43
N TRP B 335 -4.38 0.07 2.70
CA TRP B 335 -4.14 -0.26 1.29
C TRP B 335 -4.17 0.95 0.37
N ASP B 336 -4.49 2.14 0.89
CA ASP B 336 -4.53 3.35 0.10
C ASP B 336 -3.15 3.99 -0.10
N SER B 337 -2.08 3.27 0.24
CA SER B 337 -0.69 3.70 0.07
C SER B 337 -0.35 4.95 0.88
N PHE B 338 -1.21 5.35 1.81
CA PHE B 338 -0.97 6.51 2.66
C PHE B 338 -0.74 6.05 4.10
N LEU B 339 0.27 6.63 4.73
CA LEU B 339 0.63 6.30 6.11
C LEU B 339 0.34 7.52 6.99
N LYS B 340 -0.71 7.43 7.79
CA LYS B 340 -1.14 8.56 8.61
C LYS B 340 -0.66 8.37 10.05
N ILE B 341 0.08 9.35 10.56
CA ILE B 341 0.58 9.35 11.91
C ILE B 341 -0.26 10.34 12.72
N TRP B 342 -1.10 9.81 13.60
CA TRP B 342 -2.00 10.61 14.43
C TRP B 342 -1.35 10.87 15.79
N ASN B 343 -1.89 11.87 16.49
CA ASN B 343 -1.40 12.23 17.81
C ASN B 343 -1.71 11.14 18.83
N VAL C 1 36.55 -0.12 1.64
CA VAL C 1 36.43 1.24 1.13
C VAL C 1 37.82 1.83 0.87
N GLN C 2 38.01 2.32 -0.35
CA GLN C 2 39.29 2.90 -0.75
C GLN C 2 39.04 4.17 -1.55
N LEU C 3 39.83 5.20 -1.28
CA LEU C 3 39.74 6.49 -1.98
C LEU C 3 41.16 6.85 -2.41
N VAL C 4 41.48 6.60 -3.68
CA VAL C 4 42.82 6.83 -4.21
C VAL C 4 42.80 8.13 -5.02
N GLU C 5 43.60 9.09 -4.59
CA GLU C 5 43.72 10.38 -5.27
C GLU C 5 44.95 10.39 -6.16
N SER C 6 44.90 11.24 -7.19
CA SER C 6 46.00 11.36 -8.12
C SER C 6 45.88 12.68 -8.86
N GLY C 7 47.00 13.12 -9.43
CA GLY C 7 47.07 14.36 -10.19
C GLY C 7 47.88 15.45 -9.54
N GLY C 8 48.29 15.29 -8.29
CA GLY C 8 49.08 16.30 -7.61
C GLY C 8 50.51 16.36 -8.12
N GLY C 9 51.26 17.31 -7.57
CA GLY C 9 52.63 17.52 -7.94
C GLY C 9 52.96 19.00 -8.00
N LEU C 10 53.97 19.33 -8.80
CA LEU C 10 54.40 20.70 -8.96
C LEU C 10 53.70 21.35 -10.14
N VAL C 11 53.17 22.55 -9.92
CA VAL C 11 52.47 23.30 -10.96
C VAL C 11 52.93 24.77 -10.89
N GLN C 12 53.21 25.33 -12.07
CA GLN C 12 53.63 26.71 -12.18
C GLN C 12 52.46 27.64 -11.87
N PRO C 13 52.72 28.84 -11.35
CA PRO C 13 51.64 29.77 -11.04
C PRO C 13 50.87 30.17 -12.29
N GLY C 14 49.54 30.26 -12.15
CA GLY C 14 48.68 30.58 -13.26
C GLY C 14 48.21 29.39 -14.08
N GLY C 15 48.73 28.19 -13.81
CA GLY C 15 48.34 27.01 -14.55
C GLY C 15 47.05 26.40 -14.01
N SER C 16 46.77 25.20 -14.48
CA SER C 16 45.58 24.46 -14.08
C SER C 16 45.93 23.00 -13.85
N ARG C 17 45.09 22.33 -13.07
CA ARG C 17 45.31 20.92 -12.75
C ARG C 17 43.99 20.32 -12.27
N LYS C 18 43.70 19.10 -12.74
CA LYS C 18 42.48 18.38 -12.40
C LYS C 18 42.85 17.20 -11.51
N LEU C 19 42.53 17.30 -10.22
CA LEU C 19 42.82 16.24 -9.27
C LEU C 19 41.74 15.16 -9.36
N SER C 20 42.12 13.96 -9.77
CA SER C 20 41.19 12.85 -9.89
C SER C 20 41.19 12.04 -8.60
N CYS C 21 40.04 11.40 -8.33
CA CYS C 21 39.88 10.58 -7.13
C CYS C 21 38.99 9.40 -7.46
N SER C 22 39.54 8.20 -7.37
CA SER C 22 38.81 6.96 -7.63
C SER C 22 38.33 6.37 -6.31
N ALA C 23 37.05 6.04 -6.26
CA ALA C 23 36.42 5.45 -5.08
C ALA C 23 36.08 3.99 -5.34
N SER C 24 36.17 3.18 -4.29
CA SER C 24 35.85 1.76 -4.40
C SER C 24 35.41 1.24 -3.04
N GLY C 25 34.70 0.12 -3.08
CA GLY C 25 34.26 -0.54 -1.87
C GLY C 25 32.97 -0.03 -1.28
N PHE C 26 32.25 0.86 -1.97
CA PHE C 26 30.99 1.39 -1.47
C PHE C 26 30.23 2.01 -2.64
N ALA C 27 29.02 2.46 -2.36
CA ALA C 27 28.18 3.12 -3.36
C ALA C 27 28.59 4.58 -3.45
N PHE C 28 29.25 4.95 -4.55
CA PHE C 28 29.71 6.33 -4.71
C PHE C 28 28.55 7.29 -4.87
N SER C 29 27.47 6.87 -5.52
CA SER C 29 26.33 7.76 -5.75
C SER C 29 25.52 8.01 -4.48
N SER C 30 25.69 7.18 -3.45
CA SER C 30 24.91 7.34 -2.24
C SER C 30 25.53 8.34 -1.27
N PHE C 31 26.86 8.48 -1.29
CA PHE C 31 27.57 9.35 -0.36
C PHE C 31 27.90 10.69 -1.00
N GLY C 32 27.83 11.74 -0.21
CA GLY C 32 28.24 13.06 -0.65
C GLY C 32 29.74 13.26 -0.45
N MET C 33 30.35 14.00 -1.37
CA MET C 33 31.80 14.14 -1.40
C MET C 33 32.21 15.51 -0.89
N HIS C 34 33.37 15.55 -0.22
CA HIS C 34 33.93 16.79 0.32
C HIS C 34 35.40 16.85 -0.01
N TRP C 35 35.84 17.94 -0.63
CA TRP C 35 37.24 18.23 -0.84
C TRP C 35 37.70 19.20 0.24
N VAL C 36 38.68 18.79 1.04
CA VAL C 36 39.19 19.57 2.16
C VAL C 36 40.70 19.69 2.02
N ARG C 37 41.21 20.92 2.18
CA ARG C 37 42.64 21.18 2.03
C ARG C 37 43.32 21.23 3.39
N GLN C 38 44.62 20.99 3.39
CA GLN C 38 45.45 21.09 4.59
C GLN C 38 46.79 21.69 4.20
N ALA C 39 47.13 22.82 4.82
CA ALA C 39 48.39 23.48 4.56
C ALA C 39 49.52 22.81 5.34
N PRO C 40 50.75 22.87 4.84
CA PRO C 40 51.87 22.26 5.57
C PRO C 40 52.11 22.94 6.91
N GLU C 41 52.20 22.13 7.96
CA GLU C 41 52.42 22.63 9.32
C GLU C 41 51.30 23.57 9.77
N LYS C 42 50.09 23.31 9.27
CA LYS C 42 48.93 24.12 9.63
C LYS C 42 47.73 23.19 9.81
N GLY C 43 46.57 23.79 10.05
CA GLY C 43 45.35 23.04 10.28
C GLY C 43 44.62 22.72 8.98
N LEU C 44 43.40 22.22 9.13
CA LEU C 44 42.56 21.84 8.01
C LEU C 44 41.75 23.04 7.53
N GLU C 45 41.16 22.89 6.34
CA GLU C 45 40.33 23.93 5.76
C GLU C 45 39.45 23.31 4.68
N TRP C 46 38.13 23.42 4.85
CA TRP C 46 37.21 22.87 3.87
C TRP C 46 37.21 23.70 2.59
N VAL C 47 37.19 23.01 1.45
CA VAL C 47 37.25 23.67 0.15
C VAL C 47 35.89 23.60 -0.53
N ALA C 48 35.42 22.39 -0.81
CA ALA C 48 34.21 22.24 -1.60
C ALA C 48 33.42 21.02 -1.15
N TYR C 49 32.14 20.99 -1.52
CA TYR C 49 31.25 19.89 -1.19
C TYR C 49 30.26 19.69 -2.32
N ILE C 50 30.00 18.43 -2.66
CA ILE C 50 29.01 18.07 -3.66
C ILE C 50 28.13 16.95 -3.11
N SER C 51 26.86 16.96 -3.48
CA SER C 51 25.90 15.98 -3.00
C SER C 51 25.66 14.90 -4.06
N SER C 52 24.70 14.03 -3.79
CA SER C 52 24.36 12.96 -4.72
C SER C 52 23.68 13.52 -5.95
N GLY C 53 24.09 13.01 -7.11
CA GLY C 53 23.51 13.46 -8.38
C GLY C 53 23.83 14.88 -8.77
N SER C 54 24.82 15.51 -8.12
CA SER C 54 25.23 16.88 -8.41
C SER C 54 24.08 17.87 -8.26
N GLY C 55 23.15 17.57 -7.34
CA GLY C 55 22.02 18.45 -7.13
C GLY C 55 22.29 19.62 -6.20
N THR C 56 23.33 19.53 -5.38
CA THR C 56 23.67 20.60 -4.46
C THR C 56 25.19 20.68 -4.35
N ILE C 57 25.75 21.83 -4.71
CA ILE C 57 27.18 22.05 -4.72
C ILE C 57 27.48 23.33 -3.95
N TYR C 58 28.51 23.29 -3.10
CA TYR C 58 28.93 24.45 -2.32
C TYR C 58 30.45 24.56 -2.35
N TYR C 59 30.93 25.81 -2.28
CA TYR C 59 32.35 26.10 -2.28
C TYR C 59 32.65 27.05 -1.12
N ALA C 60 33.92 27.08 -0.73
CA ALA C 60 34.38 28.00 0.30
C ALA C 60 34.46 29.41 -0.26
N ASP C 61 34.20 30.39 0.59
CA ASP C 61 34.17 31.79 0.13
C ASP C 61 35.53 32.23 -0.39
N THR C 62 36.61 31.58 0.05
CA THR C 62 37.95 31.93 -0.42
C THR C 62 38.24 31.37 -1.80
N VAL C 63 37.55 30.30 -2.22
CA VAL C 63 37.81 29.65 -3.49
C VAL C 63 36.63 29.73 -4.44
N LYS C 64 35.68 30.64 -4.19
CA LYS C 64 34.54 30.78 -5.08
C LYS C 64 34.98 31.34 -6.43
N GLY C 65 34.54 30.68 -7.51
CA GLY C 65 34.81 31.10 -8.86
C GLY C 65 36.01 30.43 -9.50
N ARG C 66 36.98 29.99 -8.69
CA ARG C 66 38.19 29.37 -9.22
C ARG C 66 38.02 27.86 -9.37
N PHE C 67 37.68 27.17 -8.30
CA PHE C 67 37.57 25.72 -8.31
C PHE C 67 36.17 25.29 -8.72
N THR C 68 36.09 24.11 -9.34
CA THR C 68 34.83 23.54 -9.77
C THR C 68 34.87 22.03 -9.57
N ILE C 69 33.99 21.51 -8.72
CA ILE C 69 33.94 20.10 -8.39
C ILE C 69 32.84 19.42 -9.19
N SER C 70 33.11 18.21 -9.67
CA SER C 70 32.12 17.46 -10.43
C SER C 70 32.30 15.98 -10.13
N ARG C 71 31.24 15.21 -10.38
CA ARG C 71 31.24 13.78 -10.11
C ARG C 71 30.55 13.04 -11.24
N ASP C 72 31.04 11.84 -11.55
CA ASP C 72 30.46 10.97 -12.56
C ASP C 72 30.06 9.66 -11.89
N ASP C 73 28.76 9.39 -11.89
CA ASP C 73 28.18 8.20 -11.27
C ASP C 73 28.39 6.92 -12.08
N PRO C 74 28.25 6.96 -13.42
CA PRO C 74 28.53 5.72 -14.18
C PRO C 74 29.94 5.17 -13.98
N LYS C 75 30.94 6.04 -13.89
CA LYS C 75 32.32 5.62 -13.65
C LYS C 75 32.73 5.66 -12.19
N ASN C 76 31.87 6.21 -11.32
CA ASN C 76 32.15 6.35 -9.89
C ASN C 76 33.48 7.10 -9.66
N THR C 77 33.52 8.34 -10.16
CA THR C 77 34.73 9.13 -10.06
C THR C 77 34.38 10.57 -9.69
N LEU C 78 35.39 11.28 -9.20
CA LEU C 78 35.25 12.66 -8.75
C LEU C 78 36.41 13.48 -9.29
N PHE C 79 36.13 14.71 -9.71
CA PHE C 79 37.15 15.60 -10.26
C PHE C 79 36.98 16.98 -9.67
N LEU C 80 38.09 17.71 -9.58
CA LEU C 80 38.10 19.08 -9.06
C LEU C 80 38.99 19.91 -9.98
N GLN C 81 38.38 20.59 -10.93
CA GLN C 81 39.11 21.44 -11.87
C GLN C 81 39.48 22.75 -11.19
N MET C 82 40.76 23.08 -11.20
CA MET C 82 41.27 24.29 -10.58
C MET C 82 41.72 25.28 -11.64
N THR C 83 41.45 26.56 -11.42
CA THR C 83 41.83 27.63 -12.34
C THR C 83 42.48 28.75 -11.56
N SER C 84 43.48 29.39 -12.19
CA SER C 84 44.22 30.51 -11.62
C SER C 84 44.81 30.14 -10.26
N LEU C 85 45.71 29.15 -10.28
CA LEU C 85 46.37 28.71 -9.06
C LEU C 85 47.32 29.78 -8.54
N ARG C 86 47.26 30.05 -7.25
CA ARG C 86 48.10 31.05 -6.61
C ARG C 86 49.26 30.37 -5.87
N SER C 87 50.17 31.20 -5.36
CA SER C 87 51.33 30.67 -4.64
C SER C 87 50.92 30.07 -3.29
N GLU C 88 49.80 30.54 -2.73
CA GLU C 88 49.32 30.02 -1.45
C GLU C 88 48.60 28.68 -1.59
N ASP C 89 48.18 28.32 -2.81
CA ASP C 89 47.38 27.12 -3.01
C ASP C 89 48.13 25.83 -2.77
N THR C 90 49.42 25.88 -2.49
CA THR C 90 50.18 24.66 -2.21
C THR C 90 49.71 24.03 -0.91
N ALA C 91 49.11 22.85 -1.01
CA ALA C 91 48.55 22.16 0.15
C ALA C 91 48.25 20.71 -0.26
N MET C 92 47.79 19.93 0.71
CA MET C 92 47.40 18.55 0.47
C MET C 92 45.88 18.45 0.57
N TYR C 93 45.26 17.93 -0.49
CA TYR C 93 43.82 17.82 -0.57
C TYR C 93 43.37 16.40 -0.22
N TYR C 94 42.19 16.32 0.40
CA TYR C 94 41.61 15.05 0.84
C TYR C 94 40.16 14.99 0.42
N CYS C 95 39.75 13.82 -0.07
CA CYS C 95 38.37 13.55 -0.45
C CYS C 95 37.71 12.70 0.64
N VAL C 96 36.61 13.20 1.19
CA VAL C 96 35.91 12.55 2.29
C VAL C 96 34.48 12.25 1.86
N ARG C 97 33.96 11.11 2.30
CA ARG C 97 32.58 10.74 2.06
C ARG C 97 31.74 11.03 3.30
N SER C 98 30.48 11.40 3.07
CA SER C 98 29.57 11.71 4.17
C SER C 98 28.14 11.47 3.72
N ILE C 99 27.40 10.70 4.52
CA ILE C 99 25.97 10.47 4.30
C ILE C 99 25.21 11.09 5.45
N TYR C 100 24.06 11.69 5.16
CA TYR C 100 23.29 12.47 6.13
C TYR C 100 21.93 11.83 6.34
N TYR C 101 21.72 11.29 7.53
CA TYR C 101 20.42 10.78 7.96
C TYR C 101 20.47 10.59 9.47
N TYR C 102 19.32 10.25 10.04
CA TYR C 102 19.24 10.06 11.49
C TYR C 102 20.05 8.84 11.91
N GLY C 103 21.09 9.07 12.71
CA GLY C 103 21.96 8.00 13.13
C GLY C 103 23.10 7.71 12.19
N SER C 104 23.46 8.67 11.33
CA SER C 104 24.53 8.47 10.36
C SER C 104 25.88 8.79 11.00
N SER C 105 26.93 8.83 10.18
CA SER C 105 28.28 9.17 10.63
C SER C 105 28.99 9.93 9.53
N PRO C 106 28.71 11.23 9.39
CA PRO C 106 29.36 12.01 8.34
C PRO C 106 30.86 12.12 8.58
N PHE C 107 31.62 12.16 7.47
CA PHE C 107 33.07 12.24 7.51
C PHE C 107 33.68 11.06 8.29
N ASP C 108 33.25 9.85 7.92
CA ASP C 108 33.68 8.65 8.60
C ASP C 108 34.99 8.09 8.03
N PHE C 109 35.19 8.21 6.72
CA PHE C 109 36.38 7.68 6.06
C PHE C 109 37.09 8.81 5.32
N TRP C 110 38.37 9.00 5.63
CA TRP C 110 39.19 10.03 5.00
C TRP C 110 40.16 9.38 4.03
N GLY C 111 40.24 9.94 2.82
CA GLY C 111 41.15 9.42 1.82
C GLY C 111 42.60 9.77 2.10
N GLN C 112 43.48 9.20 1.27
CA GLN C 112 44.91 9.47 1.42
C GLN C 112 45.27 10.89 1.00
N GLY C 113 44.54 11.44 0.04
CA GLY C 113 44.80 12.79 -0.42
C GLY C 113 46.00 12.86 -1.36
N THR C 114 46.18 14.04 -1.95
CA THR C 114 47.28 14.29 -2.87
C THR C 114 47.83 15.69 -2.63
N THR C 115 49.13 15.84 -2.80
CA THR C 115 49.80 17.12 -2.56
C THR C 115 49.88 17.93 -3.85
N LEU C 116 49.82 19.25 -3.72
CA LEU C 116 49.92 20.16 -4.87
C LEU C 116 50.73 21.37 -4.44
N THR C 117 51.91 21.53 -5.05
CA THR C 117 52.80 22.64 -4.76
C THR C 117 52.82 23.60 -5.95
N VAL C 118 52.90 24.89 -5.64
CA VAL C 118 52.95 25.94 -6.65
C VAL C 118 54.25 26.71 -6.50
N SER C 119 54.94 26.89 -7.63
CA SER C 119 56.22 27.60 -7.68
C SER C 119 57.24 26.99 -6.72
N ALA C 136 33.11 36.43 9.31
CA ALA C 136 31.73 36.82 9.53
C ALA C 136 30.87 35.63 9.96
N ASP C 137 31.16 34.47 9.36
CA ASP C 137 30.42 33.25 9.66
C ASP C 137 30.99 32.62 10.94
N ILE C 138 30.54 31.40 11.25
CA ILE C 138 31.01 30.71 12.44
C ILE C 138 32.45 30.28 12.25
N VAL C 139 33.28 30.50 13.28
CA VAL C 139 34.69 30.15 13.25
C VAL C 139 35.05 29.45 14.55
N MET C 140 35.77 28.34 14.44
CA MET C 140 36.18 27.55 15.60
C MET C 140 37.58 27.96 16.03
N THR C 141 37.75 28.21 17.33
CA THR C 141 39.02 28.64 17.89
C THR C 141 39.33 27.79 19.11
N GLN C 142 40.62 27.47 19.28
CA GLN C 142 41.09 26.67 20.41
C GLN C 142 42.09 27.48 21.21
N ALA C 143 41.96 27.45 22.53
CA ALA C 143 42.87 28.22 23.39
C ALA C 143 44.18 27.50 23.62
N THR C 144 44.19 26.17 23.57
CA THR C 144 45.39 25.38 23.79
C THR C 144 45.75 24.64 22.51
N SER C 145 47.04 24.56 22.23
CA SER C 145 47.55 23.91 21.03
C SER C 145 48.43 22.70 21.31
N SER C 146 49.09 22.64 22.46
CA SER C 146 49.95 21.51 22.81
C SER C 146 49.72 21.14 24.26
N VAL C 147 49.44 19.87 24.52
CA VAL C 147 49.20 19.37 25.86
C VAL C 147 50.13 18.20 26.14
N PRO C 148 51.28 18.43 26.76
CA PRO C 148 52.16 17.30 27.13
C PRO C 148 51.56 16.49 28.27
N VAL C 149 51.38 15.19 28.03
CA VAL C 149 50.74 14.31 29.00
C VAL C 149 51.34 12.93 28.87
N THR C 150 51.52 12.26 30.01
CA THR C 150 52.03 10.90 30.03
C THR C 150 50.99 9.92 29.50
N PRO C 151 51.42 8.75 29.03
CA PRO C 151 50.47 7.75 28.53
C PRO C 151 49.69 7.01 29.61
N GLY C 152 49.73 7.48 30.85
CA GLY C 152 48.96 6.87 31.91
C GLY C 152 48.09 7.86 32.64
N GLU C 153 47.63 8.89 31.92
CA GLU C 153 46.79 9.93 32.50
C GLU C 153 45.72 10.33 31.50
N SER C 154 44.55 10.69 32.01
CA SER C 154 43.45 11.09 31.15
C SER C 154 43.73 12.45 30.52
N VAL C 155 43.02 12.72 29.42
CA VAL C 155 43.19 13.96 28.67
C VAL C 155 41.83 14.65 28.57
N SER C 156 41.85 15.98 28.70
CA SER C 156 40.62 16.78 28.61
C SER C 156 40.92 17.99 27.72
N ILE C 157 40.42 17.95 26.48
CA ILE C 157 40.64 19.02 25.52
C ILE C 157 39.39 19.88 25.46
N SER C 158 39.53 21.16 25.76
CA SER C 158 38.43 22.11 25.75
C SER C 158 38.40 22.88 24.43
N CYS C 159 37.21 23.38 24.09
CA CYS C 159 37.04 24.16 22.87
C CYS C 159 35.86 25.10 23.04
N ARG C 160 35.93 26.25 22.38
CA ARG C 160 34.88 27.26 22.45
C ARG C 160 34.67 27.86 21.07
N SER C 161 33.41 28.15 20.75
CA SER C 161 33.03 28.72 19.46
C SER C 161 32.43 30.10 19.68
N SER C 162 32.30 30.85 18.58
CA SER C 162 31.75 32.20 18.64
C SER C 162 30.24 32.22 18.59
N LYS C 163 29.60 31.14 18.14
CA LYS C 163 28.15 31.08 18.05
C LYS C 163 27.68 29.74 18.60
N SER C 164 26.52 29.77 19.27
CA SER C 164 25.96 28.56 19.86
C SER C 164 25.51 27.60 18.77
N LEU C 165 26.14 26.43 18.71
CA LEU C 165 25.82 25.41 17.71
C LEU C 165 24.58 24.60 18.06
N LEU C 166 23.94 24.87 19.20
CA LEU C 166 22.75 24.15 19.61
C LEU C 166 21.57 24.59 18.77
N HIS C 167 21.25 23.82 17.73
CA HIS C 167 20.13 24.16 16.87
C HIS C 167 18.81 23.92 17.59
N SER C 168 17.73 24.38 16.97
CA SER C 168 16.40 24.24 17.57
C SER C 168 15.99 22.78 17.72
N ASN C 169 16.46 21.92 16.82
CA ASN C 169 16.12 20.50 16.90
C ASN C 169 16.82 19.79 18.04
N GLY C 170 17.88 20.38 18.59
CA GLY C 170 18.60 19.79 19.70
C GLY C 170 19.84 19.01 19.33
N ASN C 171 20.26 19.04 18.07
CA ASN C 171 21.45 18.31 17.64
C ASN C 171 22.68 19.18 17.79
N THR C 172 23.77 18.58 18.28
CA THR C 172 25.03 19.26 18.49
C THR C 172 25.94 18.97 17.29
N TYR C 173 26.20 19.99 16.48
CA TYR C 173 27.04 19.85 15.29
C TYR C 173 28.50 20.01 15.70
N LEU C 174 29.08 18.91 16.17
CA LEU C 174 30.47 18.88 16.62
C LEU C 174 31.13 17.62 16.08
N TYR C 175 32.28 17.79 15.43
CA TYR C 175 33.03 16.68 14.86
C TYR C 175 34.49 16.79 15.28
N TRP C 176 35.06 15.67 15.70
CA TRP C 176 36.47 15.59 16.08
C TRP C 176 37.20 14.69 15.11
N PHE C 177 38.39 15.12 14.69
CA PHE C 177 39.21 14.36 13.74
C PHE C 177 40.61 14.23 14.31
N LEU C 178 41.07 12.99 14.47
CA LEU C 178 42.39 12.69 14.99
C LEU C 178 43.31 12.32 13.84
N GLN C 179 44.27 13.19 13.52
CA GLN C 179 45.22 12.97 12.45
C GLN C 179 46.55 12.53 13.05
N ARG C 180 47.03 11.38 12.62
CA ARG C 180 48.30 10.83 13.07
C ARG C 180 49.39 11.07 12.04
N PRO C 181 50.65 11.15 12.46
CA PRO C 181 51.74 11.36 11.49
C PRO C 181 51.83 10.21 10.50
N GLY C 182 51.59 10.54 9.23
CA GLY C 182 51.61 9.56 8.16
C GLY C 182 50.26 8.99 7.78
N GLN C 183 49.27 9.08 8.66
CA GLN C 183 47.95 8.55 8.41
C GLN C 183 46.95 9.69 8.17
N SER C 184 45.74 9.32 7.78
CA SER C 184 44.66 10.25 7.53
C SER C 184 43.88 10.54 8.81
N PRO C 185 43.22 11.70 8.89
CA PRO C 185 42.42 12.00 10.08
C PRO C 185 41.29 11.00 10.27
N GLN C 186 41.13 10.54 11.50
CA GLN C 186 40.13 9.56 11.87
C GLN C 186 39.02 10.21 12.67
N LEU C 187 37.77 9.88 12.33
CA LEU C 187 36.61 10.43 13.02
C LEU C 187 36.43 9.75 14.36
N LEU C 188 36.24 10.55 15.42
CA LEU C 188 36.01 10.05 16.76
C LEU C 188 34.56 10.22 17.20
N ILE C 189 34.02 11.44 17.12
CA ILE C 189 32.65 11.74 17.51
C ILE C 189 32.01 12.56 16.40
N TYR C 190 30.80 12.17 16.01
CA TYR C 190 30.06 12.86 14.97
C TYR C 190 28.97 13.79 15.49
N ARG C 191 28.29 13.42 16.58
CA ARG C 191 27.28 14.27 17.19
C ARG C 191 27.29 14.13 18.71
N SER C 193 28.89 13.81 21.59
CA SER C 193 28.36 12.87 22.58
C SER C 193 28.21 11.48 21.98
N ASN C 194 27.58 11.42 20.80
CA ASN C 194 27.36 10.15 20.11
C ASN C 194 28.69 9.63 19.56
N LEU C 195 29.19 8.54 20.13
CA LEU C 195 30.45 7.97 19.68
C LEU C 195 30.29 7.33 18.31
N ALA C 196 31.33 7.47 17.48
CA ALA C 196 31.31 6.91 16.14
C ALA C 196 31.74 5.44 16.17
N SER C 197 31.71 4.82 14.99
CA SER C 197 32.08 3.42 14.84
C SER C 197 33.56 3.30 14.55
N GLY C 198 34.13 2.17 14.96
CA GLY C 198 35.53 1.89 14.73
C GLY C 198 36.49 2.53 15.71
N VAL C 199 35.99 3.20 16.73
CA VAL C 199 36.83 3.84 17.74
C VAL C 199 36.50 3.26 19.11
N PRO C 200 37.46 3.18 20.03
CA PRO C 200 37.17 2.65 21.37
C PRO C 200 36.23 3.56 22.14
N ASP C 201 35.73 3.03 23.26
CA ASP C 201 34.82 3.77 24.12
C ASP C 201 35.52 4.76 25.04
N ARG C 202 36.86 4.82 24.99
CA ARG C 202 37.58 5.73 25.86
C ARG C 202 37.30 7.19 25.52
N PHE C 203 36.97 7.48 24.27
CA PHE C 203 36.66 8.85 23.85
C PHE C 203 35.23 9.21 24.24
N SER C 204 35.06 10.43 24.72
CA SER C 204 33.73 10.91 25.08
C SER C 204 33.66 12.41 24.84
N GLY C 205 32.46 12.91 24.61
CA GLY C 205 32.26 14.34 24.38
C GLY C 205 31.16 14.88 25.26
N SER C 206 31.36 16.10 25.75
CA SER C 206 30.39 16.76 26.62
C SER C 206 30.45 18.26 26.39
N GLY C 207 29.59 18.98 27.09
CA GLY C 207 29.55 20.43 27.01
C GLY C 207 28.20 20.93 26.54
N SER C 208 28.09 22.26 26.49
CA SER C 208 26.89 22.94 26.06
C SER C 208 26.99 23.28 24.58
N GLY C 209 26.04 24.08 24.08
CA GLY C 209 26.04 24.46 22.68
C GLY C 209 27.21 25.35 22.29
N THR C 210 27.84 26.01 23.25
CA THR C 210 28.98 26.89 22.99
C THR C 210 30.31 26.24 23.35
N ALA C 211 30.45 25.75 24.57
CA ALA C 211 31.69 25.11 25.01
C ALA C 211 31.59 23.60 24.82
N PHE C 212 32.72 23.00 24.44
CA PHE C 212 32.79 21.56 24.21
C PHE C 212 34.03 21.01 24.88
N THR C 213 33.96 19.74 25.28
CA THR C 213 35.05 19.07 25.99
C THR C 213 35.16 17.64 25.51
N LEU C 214 36.35 17.27 25.05
CA LEU C 214 36.65 15.90 24.63
C LEU C 214 37.48 15.25 25.73
N THR C 215 36.98 14.15 26.26
CA THR C 215 37.62 13.43 27.36
C THR C 215 38.13 12.08 26.88
N ILE C 216 39.39 11.79 27.17
CA ILE C 216 40.02 10.52 26.86
C ILE C 216 40.43 9.90 28.19
N SER C 217 39.78 8.80 28.56
CA SER C 217 40.05 8.17 29.85
C SER C 217 41.46 7.57 29.87
N ARG C 218 41.76 6.68 28.94
CA ARG C 218 43.05 6.03 28.85
C ARG C 218 43.72 6.42 27.54
N LEU C 219 44.95 6.92 27.65
CA LEU C 219 45.73 7.34 26.49
C LEU C 219 46.68 6.21 26.09
N GLU C 220 46.44 5.62 24.92
CA GLU C 220 47.26 4.52 24.46
C GLU C 220 48.44 5.05 23.62
N ALA C 221 49.23 4.13 23.09
CA ALA C 221 50.40 4.51 22.30
C ALA C 221 50.07 4.85 20.86
N GLU C 222 48.84 4.56 20.41
CA GLU C 222 48.42 4.86 19.04
C GLU C 222 47.44 6.01 18.98
N ASP C 223 47.21 6.70 20.09
CA ASP C 223 46.29 7.84 20.14
C ASP C 223 46.99 9.18 19.96
N VAL C 224 48.32 9.19 19.84
CA VAL C 224 49.03 10.45 19.68
C VAL C 224 48.73 11.04 18.31
N GLY C 225 48.66 12.36 18.24
CA GLY C 225 48.36 13.04 17.00
C GLY C 225 47.79 14.42 17.27
N VAL C 226 47.10 14.95 16.25
CA VAL C 226 46.51 16.28 16.30
C VAL C 226 44.99 16.14 16.21
N TYR C 227 44.29 16.78 17.14
CA TYR C 227 42.83 16.77 17.17
C TYR C 227 42.31 18.06 16.57
N TYR C 228 41.45 17.94 15.56
CA TYR C 228 40.81 19.08 14.91
C TYR C 228 39.31 19.05 15.19
N CYS C 229 38.74 20.21 15.46
CA CYS C 229 37.31 20.36 15.70
C CYS C 229 36.64 20.97 14.48
N MET C 230 35.38 20.59 14.26
CA MET C 230 34.63 21.08 13.12
C MET C 230 33.17 21.22 13.50
N GLN C 231 32.52 22.24 12.94
CA GLN C 231 31.10 22.49 13.12
C GLN C 231 30.36 22.22 11.81
N HIS C 232 29.08 21.85 11.93
CA HIS C 232 28.26 21.53 10.76
C HIS C 232 26.90 22.21 10.82
N LEU C 233 26.80 23.36 11.48
CA LEU C 233 25.52 24.06 11.53
C LEU C 233 25.14 24.63 10.18
N GLU C 234 26.12 24.98 9.35
CA GLU C 234 25.88 25.52 8.03
C GLU C 234 26.83 24.86 7.03
N TYR C 235 26.60 25.13 5.75
CA TYR C 235 27.46 24.58 4.71
C TYR C 235 28.90 25.07 4.80
N PRO C 236 29.18 26.39 4.93
CA PRO C 236 30.58 26.81 5.05
C PRO C 236 31.22 26.31 6.34
N LEU C 237 32.21 25.43 6.21
CA LEU C 237 32.87 24.83 7.37
C LEU C 237 34.11 25.64 7.74
N THR C 238 34.56 25.46 8.98
CA THR C 238 35.74 26.16 9.48
C THR C 238 36.37 25.29 10.55
N PHE C 239 37.56 24.76 10.27
CA PHE C 239 38.27 23.93 11.23
C PHE C 239 39.02 24.80 12.25
N GLY C 240 39.37 24.18 13.37
CA GLY C 240 40.08 24.86 14.43
C GLY C 240 41.59 24.78 14.24
N ALA C 241 42.31 25.30 15.25
CA ALA C 241 43.76 25.28 15.20
C ALA C 241 44.32 23.87 15.35
N GLY C 242 43.64 23.03 16.13
CA GLY C 242 44.09 21.66 16.34
C GLY C 242 45.07 21.54 17.49
N THR C 243 44.77 20.63 18.42
CA THR C 243 45.62 20.40 19.59
C THR C 243 46.48 19.17 19.34
N LYS C 244 47.80 19.34 19.40
CA LYS C 244 48.74 18.25 19.15
C LYS C 244 49.22 17.68 20.47
N LEU C 245 49.33 16.34 20.53
CA LEU C 245 49.79 15.64 21.71
C LEU C 245 51.15 15.02 21.40
N GLU C 246 52.16 15.41 22.17
CA GLU C 246 53.52 14.90 22.02
C GLU C 246 53.80 13.83 23.07
N LEU C 247 54.43 12.74 22.64
CA LEU C 247 54.76 11.65 23.54
C LEU C 247 55.94 10.85 22.99
N THR D 6 1.06 -45.69 11.46
CA THR D 6 -0.05 -45.02 12.14
C THR D 6 0.42 -43.76 12.84
N ALA D 7 -0.04 -42.60 12.34
CA ALA D 7 0.34 -41.32 12.91
C ALA D 7 -0.77 -40.70 13.76
N SER D 8 -1.99 -41.23 13.71
CA SER D 8 -3.07 -40.67 14.51
C SER D 8 -2.88 -40.97 15.98
N ILE D 9 -2.40 -42.17 16.30
CA ILE D 9 -2.21 -42.55 17.71
C ILE D 9 -1.12 -41.70 18.35
N ALA D 10 -0.06 -41.39 17.60
CA ALA D 10 1.00 -40.55 18.14
C ALA D 10 0.50 -39.14 18.39
N GLN D 11 -0.27 -38.59 17.46
CA GLN D 11 -0.84 -37.25 17.65
C GLN D 11 -1.79 -37.23 18.84
N ALA D 12 -2.59 -38.29 19.01
CA ALA D 12 -3.49 -38.37 20.14
C ALA D 12 -2.74 -38.44 21.46
N ARG D 13 -1.66 -39.23 21.51
CA ARG D 13 -0.85 -39.31 22.72
C ARG D 13 -0.20 -37.97 23.03
N LYS D 14 0.30 -37.27 22.01
CA LYS D 14 0.90 -35.96 22.23
C LYS D 14 -0.12 -34.96 22.73
N LEU D 15 -1.34 -35.01 22.19
CA LEU D 15 -2.40 -34.11 22.65
C LEU D 15 -2.78 -34.41 24.10
N VAL D 16 -2.87 -35.69 24.45
CA VAL D 16 -3.19 -36.06 25.83
C VAL D 16 -2.09 -35.58 26.78
N GLU D 17 -0.83 -35.75 26.39
CA GLU D 17 0.27 -35.30 27.23
C GLU D 17 0.27 -33.78 27.37
N GLN D 18 -0.04 -33.06 26.29
CA GLN D 18 -0.11 -31.61 26.37
C GLN D 18 -1.23 -31.15 27.28
N LEU D 19 -2.41 -31.79 27.18
CA LEU D 19 -3.51 -31.44 28.06
C LEU D 19 -3.17 -31.76 29.52
N LYS D 20 -2.47 -32.86 29.76
CA LYS D 20 -2.09 -33.21 31.13
C LYS D 20 -1.10 -32.21 31.69
N MET D 21 -0.13 -31.77 30.88
CA MET D 21 0.84 -30.79 31.35
C MET D 21 0.21 -29.42 31.53
N GLU D 22 -0.83 -29.10 30.76
CA GLU D 22 -1.49 -27.81 30.89
C GLU D 22 -2.48 -27.79 32.05
N ALA D 23 -3.04 -28.94 32.42
CA ALA D 23 -3.99 -29.00 33.52
C ALA D 23 -3.36 -28.67 34.86
N ASN D 24 -2.04 -28.84 34.99
CA ASN D 24 -1.34 -28.54 36.24
C ASN D 24 -1.00 -27.08 36.40
N ILE D 25 -1.33 -26.23 35.43
CA ILE D 25 -1.03 -24.81 35.53
C ILE D 25 -1.96 -24.16 36.55
N ASP D 26 -1.37 -23.40 37.48
CA ASP D 26 -2.15 -22.75 38.52
C ASP D 26 -2.89 -21.55 37.95
N ARG D 27 -4.00 -21.21 38.60
CA ARG D 27 -4.83 -20.08 38.19
C ARG D 27 -5.30 -19.31 39.42
N ILE D 28 -5.60 -18.04 39.22
CA ILE D 28 -6.01 -17.16 40.31
C ILE D 28 -7.39 -16.59 40.03
N LYS D 29 -7.87 -15.74 40.94
CA LYS D 29 -9.21 -15.16 40.81
C LYS D 29 -9.18 -14.01 39.81
N VAL D 30 -10.37 -13.61 39.36
CA VAL D 30 -10.49 -12.51 38.40
C VAL D 30 -10.36 -11.16 39.10
N SER D 31 -10.79 -11.06 40.36
CA SER D 31 -10.76 -9.77 41.06
C SER D 31 -9.33 -9.28 41.24
N LYS D 32 -8.40 -10.19 41.57
CA LYS D 32 -7.01 -9.79 41.78
C LYS D 32 -6.39 -9.28 40.48
N ALA D 33 -6.62 -9.98 39.38
CA ALA D 33 -6.09 -9.54 38.09
C ALA D 33 -6.69 -8.21 37.67
N ALA D 34 -8.00 -8.04 37.88
CA ALA D 34 -8.64 -6.78 37.54
C ALA D 34 -8.09 -5.63 38.37
N ALA D 35 -7.87 -5.87 39.67
CA ALA D 35 -7.30 -4.82 40.52
C ALA D 35 -5.87 -4.48 40.10
N ASP D 36 -5.09 -5.50 39.74
CA ASP D 36 -3.73 -5.25 39.28
C ASP D 36 -3.73 -4.43 37.98
N LEU D 37 -4.62 -4.77 37.04
CA LEU D 37 -4.70 -4.02 35.80
C LEU D 37 -5.15 -2.58 36.05
N MET D 38 -6.11 -2.40 36.96
CA MET D 38 -6.57 -1.04 37.28
C MET D 38 -5.47 -0.22 37.93
N ALA D 39 -4.69 -0.84 38.83
CA ALA D 39 -3.59 -0.13 39.45
C ALA D 39 -2.52 0.24 38.42
N TYR D 40 -2.20 -0.69 37.51
CA TYR D 40 -1.23 -0.41 36.46
C TYR D 40 -1.70 0.76 35.59
N CYS D 41 -2.99 0.75 35.22
CA CYS D 41 -3.51 1.83 34.39
C CYS D 41 -3.49 3.17 35.12
N GLU D 42 -3.88 3.18 36.40
CA GLU D 42 -3.86 4.42 37.17
C GLU D 42 -2.43 4.92 37.39
N ALA D 43 -1.46 4.01 37.43
CA ALA D 43 -0.08 4.43 37.61
C ALA D 43 0.54 4.95 36.31
N HIS D 44 0.16 4.36 35.17
CA HIS D 44 0.74 4.74 33.90
C HIS D 44 -0.10 5.76 33.13
N ALA D 45 -1.23 6.20 33.68
CA ALA D 45 -2.01 7.24 33.03
C ALA D 45 -1.22 8.54 32.88
N LYS D 46 -0.39 8.86 33.88
CA LYS D 46 0.41 10.07 33.82
C LYS D 46 1.55 9.98 32.80
N GLU D 47 1.81 8.79 32.26
CA GLU D 47 2.86 8.59 31.26
C GLU D 47 2.28 8.11 29.94
N ASP D 48 1.15 8.71 29.53
CA ASP D 48 0.49 8.35 28.28
C ASP D 48 0.00 9.62 27.61
N PRO D 49 0.73 10.12 26.61
CA PRO D 49 0.26 11.32 25.88
C PRO D 49 -1.03 11.10 25.13
N LEU D 50 -1.40 9.85 24.84
CA LEU D 50 -2.65 9.58 24.16
C LEU D 50 -3.84 9.82 25.08
N LEU D 51 -3.75 9.37 26.33
CA LEU D 51 -4.84 9.57 27.28
C LEU D 51 -4.89 11.01 27.75
N THR D 52 -3.77 11.54 28.25
CA THR D 52 -3.71 12.91 28.72
C THR D 52 -3.22 13.81 27.60
N PRO D 53 -4.00 14.78 27.14
CA PRO D 53 -3.56 15.64 26.03
C PRO D 53 -2.31 16.42 26.39
N VAL D 54 -1.23 16.14 25.67
CA VAL D 54 0.05 16.81 25.89
C VAL D 54 0.07 18.10 25.06
N PRO D 55 0.53 19.21 25.62
CA PRO D 55 0.61 20.46 24.84
C PRO D 55 1.55 20.32 23.66
N ALA D 56 1.39 21.23 22.69
CA ALA D 56 2.19 21.20 21.48
C ALA D 56 3.65 21.56 21.72
N SER D 57 3.96 22.12 22.90
CA SER D 57 5.35 22.49 23.19
C SER D 57 6.25 21.27 23.33
N GLU D 58 5.68 20.13 23.73
CA GLU D 58 6.46 18.91 23.88
C GLU D 58 6.45 18.05 22.63
N ASN D 59 5.46 18.21 21.75
CA ASN D 59 5.39 17.42 20.53
C ASN D 59 6.45 17.86 19.52
N GLN E 23 -15.51 -22.03 22.91
CA GLN E 23 -14.80 -22.92 22.00
C GLN E 23 -15.78 -23.58 21.04
N VAL E 24 -15.38 -23.69 19.77
CA VAL E 24 -16.23 -24.26 18.74
C VAL E 24 -16.42 -25.75 18.98
N GLN E 25 -17.64 -26.16 19.32
CA GLN E 25 -17.97 -27.54 19.60
C GLN E 25 -18.90 -28.06 18.51
N LEU E 26 -18.50 -29.16 17.87
CA LEU E 26 -19.28 -29.79 16.80
C LEU E 26 -19.35 -31.29 17.09
N GLN E 27 -20.41 -31.71 17.78
CA GLN E 27 -20.61 -33.11 18.13
C GLN E 27 -21.52 -33.76 17.10
N GLU E 28 -21.09 -34.89 16.57
CA GLU E 28 -21.83 -35.61 15.54
C GLU E 28 -22.64 -36.74 16.16
N SER E 29 -23.81 -37.00 15.59
CA SER E 29 -24.69 -38.06 16.06
C SER E 29 -25.29 -38.79 14.86
N GLY E 30 -25.89 -39.95 15.15
CA GLY E 30 -26.49 -40.75 14.10
C GLY E 30 -25.48 -41.60 13.35
N GLY E 31 -25.89 -42.03 12.16
CA GLY E 31 -25.03 -42.85 11.34
C GLY E 31 -25.14 -44.33 11.68
N GLY E 32 -24.17 -45.10 11.19
CA GLY E 32 -24.12 -46.52 11.42
C GLY E 32 -24.33 -47.32 10.15
N LEU E 33 -24.75 -48.57 10.34
CA LEU E 33 -25.02 -49.50 9.24
C LEU E 33 -26.50 -49.49 8.92
N VAL E 34 -26.84 -49.22 7.66
CA VAL E 34 -28.22 -49.13 7.22
C VAL E 34 -28.41 -49.98 5.97
N GLN E 35 -29.53 -50.69 5.92
CA GLN E 35 -29.86 -51.49 4.76
C GLN E 35 -30.15 -50.60 3.56
N PRO E 36 -29.90 -51.08 2.34
CA PRO E 36 -30.16 -50.25 1.16
C PRO E 36 -31.64 -49.96 0.99
N GLY E 37 -31.95 -48.69 0.71
CA GLY E 37 -33.32 -48.25 0.56
C GLY E 37 -33.95 -47.67 1.81
N GLY E 38 -33.16 -47.45 2.87
CA GLY E 38 -33.68 -46.90 4.09
C GLY E 38 -33.62 -45.38 4.12
N SER E 39 -33.82 -44.84 5.31
CA SER E 39 -33.78 -43.39 5.53
C SER E 39 -33.00 -43.08 6.79
N LEU E 40 -32.43 -41.88 6.83
CA LEU E 40 -31.63 -41.44 7.96
C LEU E 40 -31.88 -39.95 8.22
N ARG E 41 -31.53 -39.51 9.43
CA ARG E 41 -31.68 -38.11 9.83
C ARG E 41 -30.46 -37.74 10.67
N LEU E 42 -29.45 -37.19 10.00
CA LEU E 42 -28.23 -36.79 10.69
C LEU E 42 -28.39 -35.43 11.33
N SER E 43 -27.82 -35.27 12.53
CA SER E 43 -27.92 -34.04 13.30
C SER E 43 -26.54 -33.46 13.55
N CYS E 44 -26.49 -32.14 13.71
CA CYS E 44 -25.25 -31.42 13.97
C CYS E 44 -25.56 -30.35 15.02
N ALA E 45 -24.97 -30.50 16.20
CA ALA E 45 -25.21 -29.59 17.32
C ALA E 45 -24.13 -28.52 17.34
N ALA E 46 -24.52 -27.28 17.12
CA ALA E 46 -23.60 -26.15 17.12
C ALA E 46 -23.79 -25.34 18.40
N SER E 47 -22.69 -25.12 19.13
CA SER E 47 -22.73 -24.37 20.37
C SER E 47 -21.48 -23.50 20.46
N GLY E 48 -21.58 -22.46 21.30
CA GLY E 48 -20.46 -21.55 21.49
C GLY E 48 -20.38 -20.41 20.51
N PHE E 49 -21.41 -20.22 19.68
CA PHE E 49 -21.44 -19.15 18.70
C PHE E 49 -22.86 -19.00 18.19
N THR E 50 -23.12 -17.87 17.52
CA THR E 50 -24.44 -17.59 16.96
C THR E 50 -24.66 -18.49 15.75
N PHE E 51 -25.56 -19.46 15.88
CA PHE E 51 -25.81 -20.39 14.79
C PHE E 51 -26.46 -19.73 13.59
N SER E 52 -27.17 -18.62 13.80
CA SER E 52 -27.86 -17.93 12.73
C SER E 52 -26.97 -16.98 11.95
N ASN E 53 -25.64 -17.06 12.12
CA ASN E 53 -24.72 -16.16 11.44
C ASN E 53 -23.59 -16.88 10.72
N TYR E 54 -23.68 -18.20 10.51
CA TYR E 54 -22.63 -18.96 9.84
C TYR E 54 -23.25 -19.94 8.86
N LYS E 55 -22.56 -20.16 7.74
CA LYS E 55 -22.99 -21.14 6.75
C LYS E 55 -22.58 -22.53 7.19
N MET E 56 -23.49 -23.49 7.04
CA MET E 56 -23.29 -24.86 7.50
C MET E 56 -23.26 -25.81 6.30
N ASN E 57 -22.19 -26.58 6.18
CA ASN E 57 -21.99 -27.47 5.05
C ASN E 57 -21.93 -28.92 5.52
N TRP E 58 -22.45 -29.82 4.69
CA TRP E 58 -22.29 -31.26 4.87
C TRP E 58 -21.31 -31.76 3.81
N VAL E 59 -20.24 -32.40 4.28
CA VAL E 59 -19.17 -32.89 3.41
C VAL E 59 -19.05 -34.39 3.59
N ARG E 60 -18.59 -35.08 2.55
CA ARG E 60 -18.40 -36.52 2.58
C ARG E 60 -16.93 -36.87 2.40
N GLN E 61 -16.52 -38.00 2.99
CA GLN E 61 -15.17 -38.54 2.85
C GLN E 61 -15.28 -40.04 2.66
N ALA E 62 -14.86 -40.52 1.48
CA ALA E 62 -14.88 -41.93 1.17
C ALA E 62 -13.57 -42.60 1.59
N PRO E 63 -13.62 -43.88 1.95
CA PRO E 63 -12.38 -44.59 2.33
C PRO E 63 -11.41 -44.66 1.16
N GLY E 64 -10.26 -44.03 1.33
CA GLY E 64 -9.25 -43.99 0.30
C GLY E 64 -9.43 -42.93 -0.76
N LYS E 65 -10.38 -42.01 -0.57
CA LYS E 65 -10.64 -40.93 -1.51
C LYS E 65 -10.42 -39.59 -0.82
N GLY E 66 -10.74 -38.52 -1.54
CA GLY E 66 -10.58 -37.18 -1.03
C GLY E 66 -11.88 -36.58 -0.52
N LEU E 67 -11.75 -35.46 0.18
CA LEU E 67 -12.91 -34.75 0.73
C LEU E 67 -13.74 -34.17 -0.41
N GLU E 68 -15.01 -34.58 -0.48
CA GLU E 68 -15.93 -34.12 -1.52
C GLU E 68 -17.11 -33.40 -0.87
N TRP E 69 -17.35 -32.17 -1.32
CA TRP E 69 -18.46 -31.39 -0.79
C TRP E 69 -19.80 -31.97 -1.26
N VAL E 70 -20.78 -31.97 -0.35
CA VAL E 70 -22.10 -32.51 -0.64
C VAL E 70 -23.16 -31.41 -0.67
N SER E 71 -23.35 -30.70 0.45
CA SER E 71 -24.44 -29.74 0.52
C SER E 71 -24.01 -28.56 1.39
N ASP E 72 -24.78 -27.48 1.30
CA ASP E 72 -24.54 -26.31 2.14
C ASP E 72 -25.81 -25.49 2.28
N ILE E 73 -25.94 -24.84 3.43
CA ILE E 73 -27.07 -23.97 3.74
C ILE E 73 -26.53 -22.68 4.33
N SER E 74 -27.14 -21.56 3.97
CA SER E 74 -26.68 -20.25 4.40
C SER E 74 -27.17 -19.95 5.82
N GLN E 75 -27.02 -18.70 6.25
CA GLN E 75 -27.37 -18.33 7.61
C GLN E 75 -28.88 -18.29 7.80
N SER E 76 -29.58 -17.57 6.93
CA SER E 76 -31.02 -17.42 7.03
C SER E 76 -31.79 -18.62 6.51
N GLY E 77 -31.10 -19.65 6.02
CA GLY E 77 -31.77 -20.83 5.50
C GLY E 77 -32.44 -20.66 4.17
N ALA E 78 -32.37 -19.46 3.57
CA ALA E 78 -32.99 -19.25 2.27
C ALA E 78 -32.13 -19.82 1.15
N SER E 79 -30.81 -19.59 1.21
CA SER E 79 -29.89 -20.09 0.21
C SER E 79 -29.45 -21.50 0.58
N ILE E 80 -29.77 -22.46 -0.28
CA ILE E 80 -29.40 -23.85 -0.09
C ILE E 80 -28.85 -24.40 -1.40
N SER E 81 -27.89 -25.32 -1.30
CA SER E 81 -27.34 -25.94 -2.50
C SER E 81 -26.89 -27.36 -2.17
N TYR E 82 -27.02 -28.23 -3.17
CA TYR E 82 -26.61 -29.62 -3.06
C TYR E 82 -25.73 -29.99 -4.25
N THR E 83 -24.99 -31.08 -4.10
CA THR E 83 -24.16 -31.57 -5.19
C THR E 83 -24.99 -32.39 -6.17
N GLY E 84 -24.45 -32.57 -7.38
CA GLY E 84 -25.17 -33.28 -8.42
C GLY E 84 -25.34 -34.76 -8.17
N SER E 85 -24.50 -35.36 -7.32
CA SER E 85 -24.60 -36.79 -7.08
C SER E 85 -25.86 -37.15 -6.31
N VAL E 86 -26.26 -36.31 -5.35
CA VAL E 86 -27.43 -36.57 -4.53
C VAL E 86 -28.42 -35.42 -4.67
N LYS E 87 -28.42 -34.78 -5.84
CA LYS E 87 -29.33 -33.66 -6.10
C LYS E 87 -30.78 -34.10 -6.00
N GLY E 88 -31.50 -33.55 -5.02
CA GLY E 88 -32.88 -33.89 -4.79
C GLY E 88 -33.11 -35.07 -3.87
N ARG E 89 -32.06 -35.79 -3.49
CA ARG E 89 -32.22 -36.95 -2.61
C ARG E 89 -32.24 -36.54 -1.13
N PHE E 90 -31.38 -35.59 -0.75
CA PHE E 90 -31.27 -35.17 0.63
C PHE E 90 -32.02 -33.85 0.85
N THR E 91 -32.37 -33.59 2.11
CA THR E 91 -33.03 -32.35 2.49
C THR E 91 -32.32 -31.77 3.71
N ILE E 92 -31.80 -30.56 3.59
CA ILE E 92 -31.04 -29.91 4.65
C ILE E 92 -31.91 -28.83 5.28
N SER E 93 -31.75 -28.64 6.59
CA SER E 93 -32.52 -27.64 7.31
C SER E 93 -31.73 -27.18 8.53
N ARG E 94 -32.09 -26.00 9.03
CA ARG E 94 -31.44 -25.41 10.19
C ARG E 94 -32.48 -24.90 11.17
N ASP E 95 -32.10 -24.84 12.44
CA ASP E 95 -32.98 -24.35 13.50
C ASP E 95 -32.17 -23.39 14.37
N ASN E 96 -32.54 -22.10 14.31
CA ASN E 96 -31.85 -21.09 15.11
C ASN E 96 -32.36 -21.05 16.54
N ALA E 97 -33.61 -21.44 16.77
CA ALA E 97 -34.14 -21.47 18.13
C ALA E 97 -33.41 -22.50 18.98
N LYS E 98 -33.17 -23.68 18.43
CA LYS E 98 -32.39 -24.71 19.10
C LYS E 98 -30.95 -24.79 18.62
N ASN E 99 -30.61 -24.05 17.55
CA ASN E 99 -29.25 -23.98 17.02
C ASN E 99 -28.74 -25.39 16.64
N THR E 100 -29.44 -26.00 15.68
CA THR E 100 -29.12 -27.36 15.26
C THR E 100 -29.32 -27.50 13.76
N LEU E 101 -28.42 -28.23 13.12
CA LEU E 101 -28.49 -28.53 11.70
C LEU E 101 -29.00 -29.95 11.51
N TYR E 102 -29.87 -30.14 10.51
CA TYR E 102 -30.45 -31.45 10.25
C TYR E 102 -30.32 -31.77 8.76
N LEU E 103 -30.06 -33.05 8.48
CA LEU E 103 -29.94 -33.53 7.11
C LEU E 103 -30.70 -34.85 7.00
N GLN E 104 -31.82 -34.84 6.29
CA GLN E 104 -32.63 -36.03 6.08
C GLN E 104 -32.23 -36.67 4.76
N MET E 105 -31.80 -37.93 4.82
CA MET E 105 -31.32 -38.69 3.67
C MET E 105 -32.31 -39.79 3.36
N ASN E 106 -32.70 -39.90 2.08
CA ASN E 106 -33.63 -40.92 1.62
C ASN E 106 -33.04 -41.66 0.43
N SER E 107 -33.45 -42.92 0.27
CA SER E 107 -33.01 -43.77 -0.84
C SER E 107 -31.49 -43.90 -0.86
N LEU E 108 -30.94 -44.43 0.23
CA LEU E 108 -29.49 -44.59 0.34
C LEU E 108 -29.02 -45.77 -0.50
N LYS E 109 -27.96 -45.54 -1.27
CA LYS E 109 -27.32 -46.55 -2.10
C LYS E 109 -25.94 -46.89 -1.57
N PRO E 110 -25.36 -48.02 -1.99
CA PRO E 110 -24.02 -48.38 -1.51
C PRO E 110 -22.96 -47.33 -1.77
N GLU E 111 -23.20 -46.35 -2.65
CA GLU E 111 -22.24 -45.29 -2.89
C GLU E 111 -22.20 -44.27 -1.76
N ASP E 112 -23.08 -44.39 -0.77
CA ASP E 112 -23.13 -43.44 0.35
C ASP E 112 -22.33 -43.89 1.56
N THR E 113 -21.63 -45.03 1.47
CA THR E 113 -20.80 -45.51 2.57
C THR E 113 -19.60 -44.57 2.70
N ALA E 114 -19.63 -43.69 3.68
CA ALA E 114 -18.59 -42.67 3.84
C ALA E 114 -18.76 -42.01 5.20
N VAL E 115 -17.82 -41.14 5.54
CA VAL E 115 -17.86 -40.35 6.76
C VAL E 115 -18.43 -38.98 6.42
N TYR E 116 -19.46 -38.57 7.15
CA TYR E 116 -20.11 -37.28 6.95
C TYR E 116 -19.62 -36.28 7.98
N TYR E 117 -19.24 -35.09 7.52
CA TYR E 117 -18.71 -34.04 8.36
C TYR E 117 -19.60 -32.81 8.28
N CYS E 118 -19.75 -32.13 9.42
CA CYS E 118 -20.55 -30.90 9.53
C CYS E 118 -19.57 -29.74 9.69
N ALA E 119 -19.34 -29.01 8.60
CA ALA E 119 -18.37 -27.92 8.59
C ALA E 119 -19.07 -26.57 8.70
N ARG E 120 -18.34 -25.59 9.24
CA ARG E 120 -18.84 -24.25 9.45
C ARG E 120 -17.94 -23.25 8.75
N CYS E 121 -18.53 -22.13 8.32
CA CYS E 121 -17.75 -21.05 7.73
C CYS E 121 -17.13 -20.18 8.83
N PRO E 122 -15.86 -19.80 8.69
CA PRO E 122 -15.24 -18.98 9.74
C PRO E 122 -15.72 -17.54 9.75
N ALA E 123 -15.87 -16.93 8.57
CA ALA E 123 -16.21 -15.51 8.48
C ALA E 123 -17.72 -15.34 8.62
N PRO E 124 -18.20 -14.65 9.64
CA PRO E 124 -19.66 -14.42 9.75
C PRO E 124 -20.12 -13.31 8.81
N PHE E 125 -21.42 -13.29 8.57
CA PHE E 125 -22.07 -12.30 7.72
C PHE E 125 -21.49 -12.26 6.32
N THR E 126 -20.93 -13.37 5.85
CA THR E 126 -20.31 -13.46 4.53
C THR E 126 -21.12 -14.40 3.65
N ARG E 127 -21.10 -14.13 2.35
CA ARG E 127 -21.88 -14.94 1.40
C ARG E 127 -21.31 -16.34 1.28
N ASP E 128 -20.01 -16.52 1.52
CA ASP E 128 -19.38 -17.83 1.42
C ASP E 128 -18.08 -17.80 2.21
N CYS E 129 -17.33 -18.89 2.12
CA CYS E 129 -16.03 -18.99 2.78
C CYS E 129 -15.20 -20.05 2.06
N PHE E 130 -13.88 -19.87 2.07
CA PHE E 130 -12.99 -20.82 1.45
C PHE E 130 -12.74 -22.01 2.35
N ASP E 131 -12.22 -23.09 1.74
CA ASP E 131 -11.89 -24.33 2.45
C ASP E 131 -13.12 -24.90 3.17
N VAL E 132 -14.16 -25.17 2.39
CA VAL E 132 -15.34 -25.85 2.91
C VAL E 132 -15.20 -27.37 2.84
N THR E 133 -14.24 -27.88 2.08
CA THR E 133 -14.01 -29.31 1.94
C THR E 133 -12.51 -29.64 2.00
N SER E 134 -11.78 -28.92 2.86
CA SER E 134 -10.35 -29.15 2.98
C SER E 134 -10.06 -30.46 3.71
N THR E 135 -8.79 -30.87 3.67
CA THR E 135 -8.39 -32.11 4.32
C THR E 135 -8.31 -31.94 5.83
N THR E 136 -7.57 -30.95 6.30
CA THR E 136 -7.39 -30.68 7.73
C THR E 136 -7.93 -29.29 8.02
N TYR E 137 -9.07 -29.22 8.70
CA TYR E 137 -9.72 -27.97 9.05
C TYR E 137 -10.00 -27.96 10.55
N ALA E 138 -9.71 -26.83 11.19
CA ALA E 138 -9.88 -26.72 12.64
C ALA E 138 -11.35 -26.60 13.05
N TYR E 139 -12.25 -26.32 12.12
CA TYR E 139 -13.67 -26.13 12.42
C TYR E 139 -14.51 -27.24 11.80
N ARG E 140 -14.01 -28.47 11.81
CA ARG E 140 -14.72 -29.62 11.30
C ARG E 140 -14.82 -30.70 12.38
N GLY E 141 -15.98 -31.34 12.46
CA GLY E 141 -16.21 -32.38 13.45
C GLY E 141 -15.55 -33.70 13.07
N GLN E 142 -15.89 -34.73 13.85
CA GLN E 142 -15.33 -36.06 13.62
C GLN E 142 -16.06 -36.79 12.50
N GLY E 143 -17.33 -36.48 12.28
CA GLY E 143 -18.09 -37.11 11.21
C GLY E 143 -18.61 -38.48 11.56
N THR E 144 -19.80 -38.82 11.06
CA THR E 144 -20.42 -40.11 11.33
C THR E 144 -20.21 -41.04 10.15
N GLN E 145 -19.93 -42.30 10.45
CA GLN E 145 -19.70 -43.32 9.43
C GLN E 145 -21.04 -43.94 9.03
N VAL E 146 -21.48 -43.63 7.81
CA VAL E 146 -22.73 -44.19 7.26
C VAL E 146 -22.34 -45.24 6.24
N THR E 147 -22.58 -46.51 6.58
CA THR E 147 -22.28 -47.63 5.71
C THR E 147 -23.56 -48.36 5.33
N VAL E 148 -23.53 -48.98 4.15
CA VAL E 148 -24.69 -49.71 3.62
C VAL E 148 -24.20 -50.86 2.75
N SER E 149 -24.62 -52.08 3.09
CA SER E 149 -24.22 -53.26 2.34
C SER E 149 -25.28 -54.33 2.52
N SER E 150 -25.27 -55.30 1.61
CA SER E 150 -26.23 -56.40 1.64
C SER E 150 -25.55 -57.73 1.31
N SER F 29 -28.49 44.09 -16.86
CA SER F 29 -27.45 43.28 -17.49
C SER F 29 -26.54 42.65 -16.45
N VAL F 30 -26.34 43.35 -15.33
CA VAL F 30 -25.50 42.83 -14.26
C VAL F 30 -26.19 41.67 -13.55
N PHE F 31 -27.53 41.63 -13.57
CA PHE F 31 -28.26 40.55 -12.93
C PHE F 31 -27.96 39.21 -13.60
N PHE F 32 -28.02 39.18 -14.94
CA PHE F 32 -27.69 37.96 -15.66
C PHE F 32 -26.24 37.55 -15.40
N SER F 33 -25.33 38.53 -15.32
CA SER F 33 -23.93 38.23 -15.09
C SER F 33 -23.73 37.58 -13.72
N VAL F 34 -24.33 38.15 -12.68
CA VAL F 34 -24.13 37.60 -11.34
C VAL F 34 -24.85 36.25 -11.21
N ILE F 35 -25.98 36.08 -11.89
CA ILE F 35 -26.66 34.78 -11.87
C ILE F 35 -25.78 33.71 -12.52
N PHE F 36 -25.21 34.02 -13.68
CA PHE F 36 -24.32 33.09 -14.34
C PHE F 36 -23.10 32.79 -13.47
N MET F 37 -22.56 33.80 -12.81
CA MET F 37 -21.40 33.60 -11.94
C MET F 37 -21.74 32.67 -10.78
N THR F 38 -22.90 32.89 -10.14
CA THR F 38 -23.30 32.04 -9.03
C THR F 38 -23.53 30.60 -9.47
N VAL F 39 -24.23 30.43 -10.61
CA VAL F 39 -24.49 29.08 -11.11
C VAL F 39 -23.19 28.37 -11.45
N GLY F 40 -22.26 29.08 -12.09
CA GLY F 40 -20.98 28.47 -12.41
C GLY F 40 -20.16 28.11 -11.18
N ILE F 41 -20.20 28.98 -10.16
CA ILE F 41 -19.48 28.69 -8.92
C ILE F 41 -20.05 27.45 -8.25
N LEU F 42 -21.38 27.36 -8.17
CA LEU F 42 -22.01 26.18 -7.57
C LEU F 42 -21.68 24.91 -8.36
N SER F 43 -21.76 24.99 -9.69
CA SER F 43 -21.47 23.83 -10.52
C SER F 43 -20.03 23.38 -10.35
N ASN F 44 -19.09 24.33 -10.34
CA ASN F 44 -17.68 23.97 -10.18
C ASN F 44 -17.41 23.40 -8.79
N SER F 45 -18.08 23.93 -7.76
CA SER F 45 -17.91 23.39 -6.42
C SER F 45 -18.40 21.96 -6.34
N LEU F 46 -19.60 21.70 -6.87
CA LEU F 46 -20.13 20.34 -6.88
C LEU F 46 -19.23 19.39 -7.68
N ALA F 47 -18.72 19.86 -8.82
CA ALA F 47 -17.85 19.03 -9.64
C ALA F 47 -16.55 18.71 -8.92
N ILE F 48 -15.95 19.70 -8.25
CA ILE F 48 -14.73 19.46 -7.50
C ILE F 48 -14.98 18.48 -6.37
N ALA F 49 -16.11 18.62 -5.67
CA ALA F 49 -16.43 17.70 -4.58
C ALA F 49 -16.57 16.27 -5.08
N ILE F 50 -17.34 16.08 -6.16
CA ILE F 50 -17.56 14.74 -6.69
C ILE F 50 -16.26 14.15 -7.23
N LEU F 51 -15.44 14.98 -7.88
CA LEU F 51 -14.18 14.49 -8.44
C LEU F 51 -13.20 14.10 -7.35
N MET F 52 -13.16 14.86 -6.25
CA MET F 52 -12.31 14.47 -5.13
C MET F 52 -12.81 13.19 -4.48
N LYS F 53 -14.13 13.05 -4.32
CA LYS F 53 -14.68 11.83 -3.76
C LYS F 53 -14.39 10.62 -4.65
N ALA F 54 -14.37 10.81 -5.96
CA ALA F 54 -14.07 9.71 -6.87
C ALA F 54 -12.57 9.41 -6.90
N TYR F 55 -11.72 10.43 -6.78
CA TYR F 55 -10.29 10.22 -6.79
C TYR F 55 -9.80 9.58 -5.50
N GLN F 56 -10.49 9.82 -4.38
CA GLN F 56 -10.12 9.16 -3.14
C GLN F 56 -10.37 7.66 -3.16
N ARG F 57 -11.01 7.14 -4.20
CA ARG F 57 -11.30 5.71 -4.31
C ARG F 57 -10.72 5.07 -5.55
N PHE F 58 -10.74 5.75 -6.69
CA PHE F 58 -10.25 5.16 -7.93
C PHE F 58 -8.74 5.25 -8.09
N ARG F 59 -8.06 5.99 -7.23
CA ARG F 59 -6.60 6.09 -7.34
C ARG F 59 -5.92 4.76 -7.01
N GLN F 60 -6.61 3.88 -6.27
CA GLN F 60 -6.04 2.60 -5.89
C GLN F 60 -6.19 1.53 -6.96
N LYS F 61 -7.05 1.74 -7.95
CA LYS F 61 -7.33 0.76 -8.98
C LYS F 61 -6.71 1.11 -10.33
N SER F 62 -6.76 2.38 -10.73
CA SER F 62 -6.25 2.81 -12.03
C SER F 62 -5.37 4.04 -11.85
N LYS F 63 -4.96 4.63 -12.97
CA LYS F 63 -4.10 5.81 -12.94
C LYS F 63 -4.86 7.04 -12.47
N ALA F 64 -6.19 7.04 -12.60
CA ALA F 64 -7.03 8.17 -12.24
C ALA F 64 -6.65 9.44 -13.01
N SER F 65 -6.16 9.27 -14.24
CA SER F 65 -5.78 10.41 -15.05
C SER F 65 -6.99 11.21 -15.52
N PHE F 66 -8.08 10.51 -15.86
CA PHE F 66 -9.31 11.18 -16.25
C PHE F 66 -9.82 12.09 -15.14
N LEU F 67 -9.82 11.58 -13.90
CA LEU F 67 -10.30 12.37 -12.77
C LEU F 67 -9.41 13.59 -12.53
N LEU F 68 -8.09 13.41 -12.65
CA LEU F 68 -7.18 14.54 -12.46
C LEU F 68 -7.38 15.61 -13.53
N LEU F 69 -7.52 15.20 -14.79
CA LEU F 69 -7.75 16.17 -15.85
C LEU F 69 -9.08 16.88 -15.69
N ALA F 70 -10.12 16.14 -15.29
CA ALA F 70 -11.42 16.76 -15.05
C ALA F 70 -11.35 17.76 -13.89
N SER F 71 -10.63 17.40 -12.83
CA SER F 71 -10.48 18.31 -11.70
C SER F 71 -9.73 19.58 -12.11
N GLY F 72 -8.66 19.42 -12.88
CA GLY F 72 -7.94 20.60 -13.35
C GLY F 72 -8.79 21.48 -14.25
N LEU F 73 -9.58 20.88 -15.13
CA LEU F 73 -10.46 21.65 -16.00
C LEU F 73 -11.50 22.41 -15.18
N VAL F 74 -12.12 21.74 -14.20
CA VAL F 74 -13.11 22.40 -13.38
C VAL F 74 -12.48 23.53 -12.57
N ILE F 75 -11.26 23.32 -12.09
CA ILE F 75 -10.59 24.35 -11.29
C ILE F 75 -10.27 25.57 -12.14
N THR F 76 -9.72 25.36 -13.33
CA THR F 76 -9.38 26.51 -14.16
C THR F 76 -10.63 27.23 -14.67
N ASP F 77 -11.71 26.48 -14.94
CA ASP F 77 -12.95 27.12 -15.34
C ASP F 77 -13.55 27.92 -14.19
N PHE F 78 -13.47 27.39 -12.97
CA PHE F 78 -13.94 28.13 -11.80
C PHE F 78 -13.14 29.41 -11.59
N PHE F 79 -11.88 29.36 -11.81
CA PHE F 79 -11.14 30.53 -11.56
C PHE F 79 -11.45 31.53 -12.63
N GLY F 80 -11.46 31.13 -13.89
CA GLY F 80 -11.84 32.03 -14.97
C GLY F 80 -13.17 32.70 -14.74
N HIS F 81 -14.21 31.95 -14.34
CA HIS F 81 -15.56 32.51 -14.05
C HIS F 81 -15.58 33.39 -12.85
N LEU F 82 -14.75 33.12 -11.88
CA LEU F 82 -14.65 34.00 -10.73
C LEU F 82 -14.01 35.32 -11.11
N ILE F 83 -12.89 35.28 -11.82
CA ILE F 83 -12.19 36.49 -12.24
C ILE F 83 -13.09 37.33 -13.12
N ASN F 84 -13.74 36.69 -14.10
CA ASN F 84 -14.58 37.43 -15.03
C ASN F 84 -15.78 38.06 -14.30
N GLY F 85 -16.41 37.32 -13.39
CA GLY F 85 -17.53 37.88 -12.66
C GLY F 85 -17.12 39.03 -11.76
N ALA F 86 -15.95 38.91 -11.09
CA ALA F 86 -15.48 39.99 -10.24
C ALA F 86 -15.19 41.24 -11.06
N ILE F 87 -14.52 41.08 -12.21
CA ILE F 87 -14.22 42.23 -13.05
C ILE F 87 -15.51 42.85 -13.59
N ALA F 88 -16.48 42.02 -13.97
CA ALA F 88 -17.75 42.55 -14.47
C ALA F 88 -18.50 43.31 -13.39
N VAL F 89 -18.50 42.81 -12.16
CA VAL F 89 -19.16 43.52 -11.06
C VAL F 89 -18.44 44.84 -10.78
N PHE F 90 -17.11 44.83 -10.83
CA PHE F 90 -16.36 46.06 -10.61
C PHE F 90 -16.63 47.09 -11.70
N VAL F 91 -16.82 46.63 -12.94
CA VAL F 91 -17.11 47.54 -14.04
C VAL F 91 -18.52 48.10 -13.91
N TYR F 92 -19.51 47.24 -13.66
CA TYR F 92 -20.88 47.69 -13.53
C TYR F 92 -21.07 48.59 -12.32
N ALA F 93 -20.24 48.43 -11.29
CA ALA F 93 -20.36 49.28 -10.11
C ALA F 93 -19.94 50.71 -10.39
N SER F 94 -19.05 50.91 -11.38
CA SER F 94 -18.55 52.23 -11.72
C SER F 94 -19.32 52.87 -12.88
N ASP F 95 -20.53 52.37 -13.18
CA ASP F 95 -21.38 52.92 -14.24
C ASP F 95 -20.69 52.89 -15.60
N LYS F 96 -19.88 51.85 -15.85
CA LYS F 96 -19.20 51.65 -17.12
C LYS F 96 -18.29 52.82 -17.47
N GLU F 97 -17.72 53.47 -16.45
CA GLU F 97 -16.81 54.60 -16.66
C GLU F 97 -15.38 54.07 -16.66
N TRP F 98 -14.97 53.53 -17.82
CA TRP F 98 -13.63 52.97 -17.94
C TRP F 98 -12.54 54.03 -17.76
N ILE F 99 -12.85 55.29 -18.05
CA ILE F 99 -11.87 56.36 -17.89
C ILE F 99 -11.59 56.62 -16.41
N ARG F 100 -12.45 56.15 -15.51
CA ARG F 100 -12.27 56.43 -14.09
C ARG F 100 -11.33 55.43 -13.43
N PHE F 101 -11.64 54.15 -13.51
CA PHE F 101 -10.87 53.11 -12.83
C PHE F 101 -9.81 52.47 -13.73
N ASP F 102 -9.51 53.09 -14.88
CA ASP F 102 -8.50 52.55 -15.79
C ASP F 102 -7.85 53.73 -16.51
N GLN F 103 -6.67 54.13 -16.03
CA GLN F 103 -5.92 55.22 -16.63
C GLN F 103 -4.69 54.76 -17.41
N SER F 104 -4.04 53.69 -16.98
CA SER F 104 -2.86 53.17 -17.65
C SER F 104 -3.17 51.95 -18.51
N ASN F 105 -4.45 51.62 -18.70
CA ASN F 105 -4.87 50.47 -19.50
C ASN F 105 -4.26 49.17 -18.97
N VAL F 106 -4.43 48.95 -17.67
CA VAL F 106 -3.89 47.77 -17.01
C VAL F 106 -4.98 46.75 -16.69
N LEU F 107 -6.18 47.20 -16.32
CA LEU F 107 -7.26 46.28 -16.00
C LEU F 107 -7.85 45.66 -17.26
N CYS F 108 -7.97 46.43 -18.33
CA CYS F 108 -8.52 45.91 -19.58
C CYS F 108 -7.63 44.82 -20.17
N SER F 109 -6.31 44.99 -20.07
CA SER F 109 -5.39 43.99 -20.59
C SER F 109 -5.52 42.67 -19.81
N ILE F 110 -5.58 42.75 -18.48
CA ILE F 110 -5.74 41.55 -17.67
C ILE F 110 -7.09 40.90 -17.94
N PHE F 111 -8.13 41.71 -18.12
CA PHE F 111 -9.45 41.18 -18.44
C PHE F 111 -9.43 40.42 -19.76
N GLY F 112 -8.78 41.00 -20.78
CA GLY F 112 -8.68 40.32 -22.07
C GLY F 112 -7.88 39.03 -21.97
N ILE F 113 -6.78 39.06 -21.20
CA ILE F 113 -5.96 37.85 -21.04
C ILE F 113 -6.77 36.75 -20.37
N CYS F 114 -7.48 37.11 -19.32
CA CYS F 114 -8.35 36.22 -18.60
C CYS F 114 -9.64 35.96 -19.32
N MET F 115 -9.69 36.19 -20.62
CA MET F 115 -10.87 35.86 -21.41
C MET F 115 -10.35 35.29 -22.71
N VAL F 116 -9.06 35.28 -22.91
CA VAL F 116 -8.55 34.58 -24.04
C VAL F 116 -8.09 33.28 -23.39
N PHE F 117 -7.75 33.29 -22.11
CA PHE F 117 -7.34 32.08 -21.39
C PHE F 117 -8.50 31.24 -21.13
N SER F 118 -9.44 31.68 -20.34
CA SER F 118 -10.53 30.83 -20.01
C SER F 118 -11.04 30.14 -21.27
N GLY F 119 -11.38 30.87 -22.30
CA GLY F 119 -11.76 30.21 -23.53
C GLY F 119 -10.87 29.11 -23.98
N LEU F 120 -9.70 29.43 -24.47
CA LEU F 120 -8.86 28.39 -25.00
C LEU F 120 -8.45 27.29 -24.01
N CYS F 121 -8.65 27.44 -22.70
CA CYS F 121 -8.37 26.33 -21.78
C CYS F 121 -9.52 25.35 -21.81
N PRO F 122 -10.73 25.72 -21.36
CA PRO F 122 -11.82 24.80 -21.57
C PRO F 122 -11.96 24.09 -22.92
N LEU F 123 -11.24 24.46 -23.96
CA LEU F 123 -11.26 23.74 -25.20
C LEU F 123 -10.06 22.80 -25.43
N LEU F 124 -8.80 23.18 -25.19
CA LEU F 124 -7.63 22.32 -25.35
C LEU F 124 -7.66 21.16 -24.35
N LEU F 125 -8.09 21.42 -23.12
CA LEU F 125 -8.18 20.34 -22.14
C LEU F 125 -9.22 19.30 -22.56
N GLY F 126 -10.36 19.76 -23.07
CA GLY F 126 -11.37 18.82 -23.55
C GLY F 126 -10.87 18.02 -24.74
N SER F 127 -10.12 18.65 -25.65
CA SER F 127 -9.56 17.92 -26.79
C SER F 127 -8.56 16.87 -26.32
N VAL F 128 -7.69 17.21 -25.37
CA VAL F 128 -6.73 16.25 -24.86
C VAL F 128 -7.44 15.11 -24.14
N MET F 129 -8.50 15.42 -23.39
CA MET F 129 -9.26 14.38 -22.71
C MET F 129 -9.94 13.45 -23.70
N ALA F 130 -10.49 14.01 -24.79
CA ALA F 130 -11.10 13.18 -25.81
C ALA F 130 -10.07 12.29 -26.50
N ILE F 131 -8.88 12.83 -26.77
CA ILE F 131 -7.82 12.03 -27.37
C ILE F 131 -7.43 10.89 -26.43
N GLU F 132 -7.31 11.17 -25.14
CA GLU F 132 -6.94 10.14 -24.18
C GLU F 132 -8.02 9.06 -24.08
N ARG F 133 -9.29 9.47 -24.09
CA ARG F 133 -10.37 8.50 -24.04
C ARG F 133 -10.40 7.63 -25.30
N CYS F 134 -10.16 8.24 -26.46
CA CYS F 134 -10.11 7.47 -27.69
C CYS F 134 -8.95 6.47 -27.69
N ILE F 135 -7.79 6.89 -27.19
CA ILE F 135 -6.66 5.99 -27.11
C ILE F 135 -6.93 4.86 -26.12
N GLY F 136 -7.59 5.16 -25.00
CA GLY F 136 -7.88 4.12 -24.03
C GLY F 136 -8.96 3.14 -24.49
N VAL F 137 -9.89 3.60 -25.33
CA VAL F 137 -10.92 2.72 -25.83
C VAL F 137 -10.41 1.88 -27.00
N THR F 138 -9.65 2.47 -27.92
CA THR F 138 -9.13 1.74 -29.06
C THR F 138 -7.89 0.91 -28.72
N LYS F 139 -7.04 1.39 -27.83
CA LYS F 139 -5.82 0.67 -27.42
C LYS F 139 -5.72 0.73 -25.90
N PRO F 140 -6.46 -0.14 -25.19
CA PRO F 140 -6.42 -0.08 -23.73
C PRO F 140 -5.06 -0.41 -23.14
N ILE F 141 -4.36 -1.40 -23.70
CA ILE F 141 -3.05 -1.78 -23.16
C ILE F 141 -2.04 -0.67 -23.37
N PHE F 142 -2.17 0.08 -24.47
CA PHE F 142 -1.25 1.18 -24.73
C PHE F 142 -1.44 2.30 -23.71
N HIS F 143 -2.69 2.62 -23.38
CA HIS F 143 -2.96 3.65 -22.38
C HIS F 143 -2.65 3.18 -20.97
N SER F 144 -2.72 1.87 -20.72
CA SER F 144 -2.50 1.34 -19.38
C SER F 144 -1.02 1.12 -19.07
N THR F 145 -0.23 0.71 -20.05
CA THR F 145 1.17 0.38 -19.83
C THR F 145 2.13 1.46 -20.33
N LYS F 146 1.97 1.89 -21.59
CA LYS F 146 2.90 2.86 -22.16
C LYS F 146 2.68 4.25 -21.58
N ILE F 147 1.43 4.70 -21.53
CA ILE F 147 1.11 6.03 -21.04
C ILE F 147 1.15 6.03 -19.52
N THR F 148 1.92 6.94 -18.94
CA THR F 148 2.06 7.06 -17.49
C THR F 148 1.41 8.35 -17.01
N SER F 149 1.30 8.46 -15.67
CA SER F 149 0.70 9.65 -15.08
C SER F 149 1.60 10.86 -15.26
N LYS F 150 2.92 10.67 -15.21
CA LYS F 150 3.84 11.77 -15.40
C LYS F 150 3.70 12.37 -16.80
N HIS F 151 3.46 11.51 -17.80
CA HIS F 151 3.25 12.02 -19.16
C HIS F 151 2.00 12.89 -19.23
N VAL F 152 0.93 12.48 -18.55
CA VAL F 152 -0.30 13.28 -18.55
C VAL F 152 -0.08 14.60 -17.82
N LYS F 153 0.68 14.57 -16.72
CA LYS F 153 0.97 15.80 -16.00
C LYS F 153 1.80 16.76 -16.86
N MET F 154 2.80 16.23 -17.56
CA MET F 154 3.60 17.07 -18.45
C MET F 154 2.76 17.63 -19.60
N MET F 155 1.84 16.81 -20.14
CA MET F 155 0.96 17.30 -21.20
C MET F 155 0.05 18.41 -20.69
N LEU F 156 -0.50 18.25 -19.48
CA LEU F 156 -1.33 19.30 -18.90
C LEU F 156 -0.53 20.58 -18.67
N SER F 157 0.70 20.45 -18.17
CA SER F 157 1.54 21.62 -17.96
C SER F 157 1.84 22.32 -19.28
N GLY F 158 2.15 21.54 -20.32
CA GLY F 158 2.42 22.14 -21.61
C GLY F 158 1.20 22.82 -22.21
N VAL F 159 0.02 22.23 -22.04
CA VAL F 159 -1.20 22.85 -22.53
C VAL F 159 -1.46 24.17 -21.80
N CYS F 160 -1.28 24.17 -20.48
CA CYS F 160 -1.47 25.40 -19.71
C CYS F 160 -0.47 26.47 -20.12
N LEU F 161 0.79 26.07 -20.35
CA LEU F 161 1.80 27.03 -20.78
C LEU F 161 1.48 27.60 -22.16
N PHE F 162 1.04 26.76 -23.09
CA PHE F 162 0.65 27.24 -24.41
C PHE F 162 -0.53 28.18 -24.33
N ALA F 163 -1.52 27.86 -23.48
CA ALA F 163 -2.68 28.72 -23.32
C ALA F 163 -2.29 30.09 -22.76
N VAL F 164 -1.47 30.10 -21.71
CA VAL F 164 -1.08 31.38 -21.12
C VAL F 164 -0.16 32.15 -22.05
N PHE F 165 0.60 31.45 -22.91
CA PHE F 165 1.44 32.14 -23.88
C PHE F 165 0.61 32.80 -24.97
N ILE F 166 -0.40 32.08 -25.48
CA ILE F 166 -1.29 32.69 -26.46
C ILE F 166 -2.08 33.83 -25.84
N ALA F 167 -2.42 33.73 -24.55
CA ALA F 167 -3.10 34.82 -23.87
C ALA F 167 -2.17 36.03 -23.70
N LEU F 168 -0.89 35.79 -23.46
CA LEU F 168 0.09 36.85 -23.36
C LEU F 168 0.68 37.25 -24.70
N LEU F 169 0.24 36.63 -25.80
CA LEU F 169 0.78 36.96 -27.11
C LEU F 169 0.46 38.38 -27.56
N PRO F 170 -0.77 38.90 -27.42
CA PRO F 170 -1.00 40.30 -27.80
C PRO F 170 -0.17 41.28 -26.98
N ILE F 171 0.11 40.96 -25.71
CA ILE F 171 0.92 41.84 -24.88
C ILE F 171 2.36 41.86 -25.36
N LEU F 172 2.87 40.73 -25.85
CA LEU F 172 4.23 40.63 -26.35
C LEU F 172 4.35 41.02 -27.82
N GLY F 173 3.38 41.76 -28.35
CA GLY F 173 3.42 42.19 -29.72
C GLY F 173 3.25 43.68 -29.88
N HIS F 174 3.70 44.44 -28.88
CA HIS F 174 3.64 45.91 -28.87
C HIS F 174 2.20 46.41 -28.99
N ARG F 175 1.24 45.62 -28.52
CA ARG F 175 -0.17 46.00 -28.56
C ARG F 175 -0.83 45.58 -27.27
N ASP F 176 -2.13 45.90 -27.16
CA ASP F 176 -2.92 45.54 -26.00
C ASP F 176 -4.36 45.31 -26.45
N TYR F 177 -5.21 44.95 -25.49
CA TYR F 177 -6.61 44.71 -25.78
C TYR F 177 -7.40 46.02 -25.78
N LYS F 178 -8.34 46.13 -26.70
CA LYS F 178 -9.17 47.33 -26.84
C LYS F 178 -10.56 47.07 -26.26
N ILE F 179 -11.18 48.15 -25.77
CA ILE F 179 -12.51 48.05 -25.20
C ILE F 179 -13.53 47.84 -26.30
N GLN F 180 -14.40 46.85 -26.13
CA GLN F 180 -15.41 46.54 -27.12
C GLN F 180 -16.53 47.59 -27.08
N ALA F 181 -17.46 47.47 -28.03
CA ALA F 181 -18.58 48.40 -28.10
C ALA F 181 -19.56 48.19 -26.97
N SER F 182 -19.58 46.99 -26.38
CA SER F 182 -20.49 46.72 -25.28
C SER F 182 -20.07 47.42 -23.99
N ARG F 183 -18.79 47.85 -23.92
CA ARG F 183 -18.23 48.55 -22.77
C ARG F 183 -18.32 47.73 -21.48
N THR F 184 -18.41 46.40 -21.59
CA THR F 184 -18.51 45.54 -20.42
C THR F 184 -17.46 44.43 -20.41
N TRP F 185 -16.72 44.32 -21.51
CA TRP F 185 -15.73 43.28 -21.67
C TRP F 185 -14.56 43.66 -22.58
N CYS F 186 -13.31 43.40 -22.21
CA CYS F 186 -12.20 43.67 -23.11
C CYS F 186 -11.76 42.39 -23.82
N PHE F 187 -11.45 42.51 -25.11
CA PHE F 187 -11.05 41.39 -25.94
C PHE F 187 -10.26 41.95 -27.11
N TYR F 188 -10.05 41.11 -28.13
CA TYR F 188 -9.35 41.56 -29.33
C TYR F 188 -10.12 42.69 -30.01
N ASN F 189 -9.39 43.56 -30.70
CA ASN F 189 -10.00 44.70 -31.37
C ASN F 189 -10.94 44.26 -32.48
N THR F 190 -12.23 44.53 -32.32
CA THR F 190 -13.24 44.16 -33.30
C THR F 190 -13.63 45.32 -34.21
N GLU F 191 -13.64 46.54 -33.70
CA GLU F 191 -14.00 47.72 -34.47
C GLU F 191 -12.73 48.42 -34.96
N ASP F 192 -12.82 49.02 -36.16
CA ASP F 192 -11.73 49.75 -36.78
C ASP F 192 -10.51 48.84 -36.98
N ILE F 193 -10.69 47.81 -37.78
CA ILE F 193 -9.63 46.86 -38.12
C ILE F 193 -9.08 47.25 -39.48
N LYS F 194 -7.83 47.72 -39.50
CA LYS F 194 -7.19 48.14 -40.74
C LYS F 194 -5.88 47.40 -40.95
N ASP F 195 -5.22 47.02 -39.86
CA ASP F 195 -3.95 46.31 -39.96
C ASP F 195 -4.18 44.81 -40.06
N TRP F 196 -3.10 44.09 -40.37
CA TRP F 196 -3.16 42.64 -40.50
C TRP F 196 -2.84 41.90 -39.20
N GLU F 197 -2.35 42.54 -38.16
CA GLU F 197 -2.10 41.78 -36.95
C GLU F 197 -3.37 41.54 -36.15
N ASP F 198 -4.33 42.46 -36.24
CA ASP F 198 -5.57 42.30 -35.51
C ASP F 198 -6.20 41.09 -36.11
N ARG F 199 -6.19 41.05 -37.43
CA ARG F 199 -6.69 39.90 -38.10
C ARG F 199 -6.02 38.62 -37.64
N PHE F 200 -4.71 38.51 -37.66
CA PHE F 200 -4.05 37.33 -37.14
C PHE F 200 -4.57 36.94 -35.83
N TYR F 201 -4.59 37.80 -34.86
CA TYR F 201 -5.01 37.34 -33.57
C TYR F 201 -6.44 36.83 -33.53
N LEU F 202 -7.37 37.57 -34.12
CA LEU F 202 -8.74 37.12 -34.07
C LEU F 202 -8.77 35.74 -34.72
N LEU F 203 -8.12 35.58 -35.86
CA LEU F 203 -8.13 34.31 -36.55
C LEU F 203 -7.46 33.18 -35.82
N LEU F 204 -6.40 33.40 -35.05
CA LEU F 204 -5.78 32.37 -34.23
C LEU F 204 -6.72 31.96 -33.17
N PHE F 205 -7.39 32.87 -32.50
CA PHE F 205 -8.38 32.38 -31.55
C PHE F 205 -9.30 31.49 -32.31
N SER F 206 -9.91 31.98 -33.38
CA SER F 206 -10.89 31.16 -34.05
C SER F 206 -10.41 29.80 -34.46
N PHE F 207 -9.17 29.64 -34.88
CA PHE F 207 -8.66 28.34 -35.23
C PHE F 207 -8.18 27.44 -34.12
N LEU F 208 -7.59 27.95 -33.07
CA LEU F 208 -7.10 27.05 -32.07
C LEU F 208 -8.31 26.57 -31.35
N GLY F 209 -9.45 27.11 -31.69
CA GLY F 209 -10.69 26.61 -31.14
C GLY F 209 -11.40 25.69 -32.10
N LEU F 210 -11.36 26.03 -33.39
CA LEU F 210 -11.98 25.18 -34.41
C LEU F 210 -11.25 23.85 -34.55
N LEU F 211 -9.92 23.87 -34.58
CA LEU F 211 -9.15 22.63 -34.66
C LEU F 211 -9.39 21.77 -33.43
N ALA F 212 -9.43 22.38 -32.25
CA ALA F 212 -9.67 21.63 -31.02
C ALA F 212 -11.06 21.00 -31.02
N LEU F 213 -12.07 21.77 -31.43
CA LEU F 213 -13.42 21.24 -31.50
C LEU F 213 -13.51 20.09 -32.50
N GLY F 214 -12.86 20.23 -33.65
CA GLY F 214 -12.88 19.17 -34.64
C GLY F 214 -12.19 17.91 -34.16
N VAL F 215 -11.05 18.07 -33.49
CA VAL F 215 -10.33 16.90 -32.96
C VAL F 215 -11.16 16.21 -31.90
N SER F 216 -11.79 16.98 -31.00
CA SER F 216 -12.63 16.40 -29.97
C SER F 216 -13.82 15.66 -30.58
N LEU F 217 -14.43 16.26 -31.61
CA LEU F 217 -15.56 15.62 -32.29
C LEU F 217 -15.14 14.32 -32.94
N LEU F 218 -14.00 14.33 -33.65
CA LEU F 218 -13.52 13.12 -34.29
C LEU F 218 -13.21 12.03 -33.28
N CYS F 219 -12.57 12.39 -32.16
CA CYS F 219 -12.24 11.40 -31.14
C CYS F 219 -13.50 10.82 -30.51
N ASN F 220 -14.48 11.67 -30.20
CA ASN F 220 -15.72 11.18 -29.62
C ASN F 220 -16.48 10.29 -30.59
N ALA F 221 -16.48 10.65 -31.88
CA ALA F 221 -17.15 9.82 -32.88
C ALA F 221 -16.47 8.46 -33.02
N ILE F 222 -15.13 8.45 -33.05
CA ILE F 222 -14.40 7.19 -33.14
C ILE F 222 -14.67 6.32 -31.92
N THR F 223 -14.68 6.94 -30.72
CA THR F 223 -14.96 6.18 -29.51
C THR F 223 -16.35 5.60 -29.53
N GLY F 224 -17.35 6.39 -29.94
CA GLY F 224 -18.71 5.88 -30.01
C GLY F 224 -18.86 4.75 -31.02
N ILE F 225 -18.23 4.90 -32.18
CA ILE F 225 -18.30 3.84 -33.20
C ILE F 225 -17.64 2.57 -32.68
N THR F 226 -16.49 2.70 -32.02
CA THR F 226 -15.81 1.53 -31.49
C THR F 226 -16.66 0.84 -30.42
N LEU F 227 -17.28 1.62 -29.53
CA LEU F 227 -18.14 1.05 -28.51
C LEU F 227 -19.33 0.33 -29.11
N LEU F 228 -19.97 0.95 -30.10
CA LEU F 228 -21.11 0.31 -30.75
C LEU F 228 -20.71 -0.98 -31.46
N ARG F 229 -19.55 -0.97 -32.12
CA ARG F 229 -19.10 -2.17 -32.83
C ARG F 229 -18.74 -3.28 -31.85
N VAL F 230 -18.09 -2.95 -30.74
CA VAL F 230 -17.69 -3.98 -29.78
C VAL F 230 -18.89 -4.47 -28.97
N LYS F 231 -19.97 -3.68 -28.89
CA LYS F 231 -21.15 -4.11 -28.16
C LYS F 231 -22.09 -4.93 -29.04
N PHE F 232 -22.28 -4.53 -30.29
CA PHE F 232 -23.19 -5.25 -31.17
C PHE F 232 -22.67 -6.63 -31.55
N LYS F 233 -21.37 -6.86 -31.45
CA LYS F 233 -20.80 -8.16 -31.79
C LYS F 233 -20.80 -9.13 -30.62
N SER F 234 -20.90 -8.63 -29.39
CA SER F 234 -20.88 -9.46 -28.19
C SER F 234 -22.30 -9.63 -27.66
N GLN F 235 -22.67 -10.87 -27.35
CA GLN F 235 -23.98 -11.22 -26.83
C GLN F 235 -23.85 -12.14 -25.62
N GLN F 236 -22.95 -11.77 -24.70
CA GLN F 236 -22.72 -12.59 -23.51
C GLN F 236 -23.96 -12.63 -22.63
N HIS F 237 -24.41 -11.46 -22.17
CA HIS F 237 -25.60 -11.39 -21.32
C HIS F 237 -26.25 -10.01 -21.42
N GLY F 240 -23.35 -6.63 -19.53
CA GLY F 240 -23.87 -6.11 -20.77
C GLY F 240 -23.36 -4.71 -21.09
N ARG F 241 -24.29 -3.78 -21.33
CA ARG F 241 -23.97 -2.39 -21.64
C ARG F 241 -24.22 -1.47 -20.46
N SER F 242 -23.95 -1.94 -19.24
CA SER F 242 -24.16 -1.12 -18.06
C SER F 242 -23.24 0.10 -18.02
N HIS F 243 -22.13 0.07 -18.76
CA HIS F 243 -21.21 1.19 -18.81
C HIS F 243 -20.96 1.73 -20.22
N HIS F 244 -21.52 1.10 -21.25
CA HIS F 244 -21.31 1.59 -22.61
C HIS F 244 -22.38 2.60 -23.03
N LEU F 245 -23.64 2.32 -22.68
CA LEU F 245 -24.73 3.21 -23.07
C LEU F 245 -24.57 4.59 -22.44
N GLU F 246 -24.17 4.64 -21.17
CA GLU F 246 -23.96 5.93 -20.52
C GLU F 246 -22.85 6.72 -21.20
N MET F 247 -21.75 6.05 -21.56
CA MET F 247 -20.66 6.74 -22.24
C MET F 247 -21.11 7.24 -23.61
N VAL F 248 -21.89 6.44 -24.33
CA VAL F 248 -22.38 6.86 -25.66
C VAL F 248 -23.29 8.08 -25.51
N ILE F 249 -24.19 8.06 -24.53
CA ILE F 249 -25.08 9.19 -24.32
C ILE F 249 -24.29 10.44 -23.95
N GLN F 250 -23.29 10.29 -23.09
CA GLN F 250 -22.45 11.43 -22.71
C GLN F 250 -21.72 12.00 -23.92
N LEU F 251 -21.13 11.12 -24.75
CA LEU F 251 -20.42 11.58 -25.92
C LEU F 251 -21.34 12.29 -26.89
N LEU F 252 -22.55 11.77 -27.10
CA LEU F 252 -23.51 12.41 -27.99
C LEU F 252 -23.92 13.78 -27.44
N ALA F 253 -24.21 13.85 -26.14
CA ALA F 253 -24.58 15.14 -25.55
C ALA F 253 -23.47 16.15 -25.68
N ILE F 254 -22.22 15.73 -25.49
CA ILE F 254 -21.09 16.65 -25.63
C ILE F 254 -20.97 17.12 -27.08
N MET F 255 -20.92 16.17 -28.02
CA MET F 255 -20.82 16.51 -29.43
C MET F 255 -21.95 17.43 -29.87
N CYS F 256 -23.10 17.37 -29.21
CA CYS F 256 -24.20 18.26 -29.53
C CYS F 256 -23.99 19.65 -28.94
N VAL F 257 -23.82 19.74 -27.61
CA VAL F 257 -23.86 21.02 -26.93
C VAL F 257 -22.60 21.83 -27.23
N SER F 258 -21.43 21.18 -27.19
CA SER F 258 -20.18 21.91 -27.47
C SER F 258 -20.20 22.51 -28.86
N CYS F 259 -20.65 21.74 -29.85
CA CYS F 259 -20.78 22.28 -31.21
C CYS F 259 -21.76 23.44 -31.23
N ILE F 260 -23.03 23.18 -30.85
CA ILE F 260 -24.07 24.19 -30.93
C ILE F 260 -23.67 25.49 -30.23
N CYS F 261 -22.84 25.41 -29.19
CA CYS F 261 -22.44 26.61 -28.45
C CYS F 261 -21.22 27.30 -29.10
N TRP F 262 -20.14 26.55 -29.30
CA TRP F 262 -18.88 27.19 -29.68
C TRP F 262 -18.80 27.49 -31.17
N SER F 263 -19.48 26.72 -32.02
CA SER F 263 -19.37 26.95 -33.46
C SER F 263 -19.86 28.33 -33.89
N PRO F 264 -21.01 28.84 -33.44
CA PRO F 264 -21.43 30.19 -33.88
C PRO F 264 -20.46 31.28 -33.49
N PHE F 265 -19.93 31.24 -32.27
CA PHE F 265 -19.01 32.28 -31.82
C PHE F 265 -17.74 32.29 -32.66
N LEU F 266 -17.13 31.12 -32.87
CA LEU F 266 -15.94 31.04 -33.70
C LEU F 266 -16.21 31.41 -35.15
N VAL F 267 -17.36 31.05 -35.69
CA VAL F 267 -17.71 31.42 -37.07
C VAL F 267 -17.86 32.92 -37.19
N THR F 268 -18.52 33.55 -36.22
CA THR F 268 -18.68 35.01 -36.21
C THR F 268 -17.33 35.69 -36.11
N MET F 269 -16.45 35.18 -35.25
CA MET F 269 -15.12 35.78 -35.11
C MET F 269 -14.32 35.64 -36.41
N ALA F 270 -14.38 34.46 -37.05
CA ALA F 270 -13.67 34.28 -38.31
C ALA F 270 -14.23 35.19 -39.40
N ASN F 271 -15.55 35.38 -39.42
CA ASN F 271 -16.14 36.27 -40.41
C ASN F 271 -15.72 37.70 -40.19
N ILE F 272 -15.69 38.14 -38.92
CA ILE F 272 -15.25 39.50 -38.61
C ILE F 272 -13.79 39.68 -38.97
N GLY F 273 -12.97 38.65 -38.74
CA GLY F 273 -11.55 38.76 -39.07
C GLY F 273 -11.28 38.75 -40.56
N ILE F 274 -12.08 38.02 -41.34
CA ILE F 274 -11.85 37.94 -42.77
C ILE F 274 -12.50 39.11 -43.51
N ASN F 275 -13.53 39.73 -42.92
CA ASN F 275 -14.21 40.84 -43.57
C ASN F 275 -13.87 42.20 -42.96
N GLY F 276 -13.44 42.24 -41.72
CA GLY F 276 -13.10 43.51 -41.10
C GLY F 276 -14.35 44.26 -40.68
N ASN F 277 -14.41 45.54 -41.04
CA ASN F 277 -15.55 46.38 -40.70
C ASN F 277 -16.75 46.16 -41.60
N HIS F 278 -16.62 45.32 -42.63
CA HIS F 278 -17.71 45.05 -43.56
C HIS F 278 -18.76 44.09 -43.02
N SER F 279 -18.74 43.81 -41.72
CA SER F 279 -19.73 42.92 -41.13
C SER F 279 -21.12 43.54 -41.21
N LEU F 280 -22.14 42.67 -41.22
CA LEU F 280 -23.52 43.10 -41.34
C LEU F 280 -24.17 43.27 -39.95
N GLU F 281 -24.11 42.22 -39.13
CA GLU F 281 -24.74 42.25 -37.83
C GLU F 281 -23.91 43.07 -36.85
N THR F 282 -24.56 43.49 -35.76
CA THR F 282 -23.95 44.34 -34.75
C THR F 282 -23.39 43.49 -33.62
N CYS F 283 -22.98 44.14 -32.53
CA CYS F 283 -22.40 43.45 -31.38
C CYS F 283 -23.42 42.62 -30.61
N GLU F 284 -24.71 42.71 -30.95
CA GLU F 284 -25.71 41.89 -30.27
C GLU F 284 -25.47 40.41 -30.52
N THR F 285 -25.11 40.05 -31.75
CA THR F 285 -24.79 38.65 -32.05
C THR F 285 -23.56 38.19 -31.29
N THR F 286 -22.55 39.06 -31.18
CA THR F 286 -21.36 38.71 -30.41
C THR F 286 -21.69 38.51 -28.94
N LEU F 287 -22.55 39.35 -28.38
CA LEU F 287 -22.94 39.20 -26.98
C LEU F 287 -23.74 37.91 -26.78
N PHE F 288 -24.65 37.59 -27.70
CA PHE F 288 -25.40 36.34 -27.61
C PHE F 288 -24.48 35.14 -27.71
N ALA F 289 -23.48 35.20 -28.59
CA ALA F 289 -22.54 34.08 -28.71
C ALA F 289 -21.70 33.95 -27.45
N LEU F 290 -21.37 35.08 -26.82
CA LEU F 290 -20.59 35.08 -25.60
C LEU F 290 -21.40 34.45 -24.52
N ARG F 291 -22.67 34.79 -24.41
CA ARG F 291 -23.56 34.20 -23.41
C ARG F 291 -23.75 32.71 -23.63
N MET F 292 -23.91 32.28 -24.88
CA MET F 292 -24.03 30.84 -25.15
C MET F 292 -22.72 30.11 -24.80
N ALA F 293 -21.58 30.75 -25.05
CA ALA F 293 -20.30 30.12 -24.73
C ALA F 293 -20.11 29.98 -23.21
N THR F 294 -20.49 31.01 -22.44
CA THR F 294 -20.35 30.91 -21.00
C THR F 294 -21.38 29.93 -20.42
N TRP F 295 -22.23 29.51 -21.33
CA TRP F 295 -23.11 28.48 -20.89
C TRP F 295 -22.38 27.17 -21.17
N ASN F 296 -21.40 27.12 -22.07
CA ASN F 296 -20.66 25.86 -22.21
C ASN F 296 -19.99 25.51 -20.93
N GLN F 297 -19.28 26.44 -20.39
CA GLN F 297 -18.53 26.16 -19.21
C GLN F 297 -19.30 26.37 -17.96
N ILE F 298 -20.59 26.22 -17.99
CA ILE F 298 -21.38 26.31 -16.78
C ILE F 298 -22.01 25.04 -16.87
N LEU F 299 -22.16 24.57 -18.08
CA LEU F 299 -22.74 23.24 -18.17
C LEU F 299 -21.70 22.15 -18.40
N ASP F 300 -20.47 22.51 -18.75
CA ASP F 300 -19.40 21.54 -18.98
C ASP F 300 -19.19 20.63 -17.77
N PRO F 301 -19.03 21.15 -16.55
CA PRO F 301 -18.90 20.24 -15.40
C PRO F 301 -20.15 19.41 -15.17
N TRP F 302 -21.33 19.97 -15.47
CA TRP F 302 -22.57 19.19 -15.37
C TRP F 302 -22.53 17.99 -16.31
N VAL F 303 -22.31 18.24 -17.60
CA VAL F 303 -22.36 17.17 -18.59
C VAL F 303 -21.17 16.22 -18.47
N TYR F 304 -20.11 16.63 -17.77
CA TYR F 304 -18.94 15.76 -17.64
C TYR F 304 -18.94 14.94 -16.35
N ILE F 305 -19.46 15.49 -15.25
CA ILE F 305 -19.40 14.79 -13.97
C ILE F 305 -20.80 14.67 -13.37
N LEU F 306 -21.52 15.77 -13.30
CA LEU F 306 -22.78 15.80 -12.56
C LEU F 306 -23.90 15.04 -13.25
N LEU F 307 -23.82 14.83 -14.57
CA LEU F 307 -24.86 14.14 -15.30
C LEU F 307 -24.64 12.63 -15.39
N ARG F 308 -23.89 12.06 -14.46
CA ARG F 308 -23.72 10.62 -14.39
C ARG F 308 -24.74 10.01 -13.45
N LYS F 309 -25.18 8.79 -13.76
CA LYS F 309 -26.23 8.14 -12.99
C LYS F 309 -25.84 8.00 -11.52
N ALA F 310 -24.63 7.50 -11.27
CA ALA F 310 -24.16 7.37 -9.89
C ALA F 310 -24.05 8.73 -9.22
N VAL F 311 -23.48 9.72 -9.92
CA VAL F 311 -23.37 11.06 -9.36
C VAL F 311 -24.75 11.65 -9.12
N LEU F 312 -25.68 11.43 -10.04
CA LEU F 312 -27.03 11.97 -9.89
C LEU F 312 -27.71 11.38 -8.66
N LYS F 313 -27.66 10.06 -8.50
CA LYS F 313 -28.32 9.44 -7.36
C LYS F 313 -27.63 9.82 -6.05
N ASN F 314 -26.31 9.98 -6.08
CA ASN F 314 -25.59 10.40 -4.88
C ASN F 314 -26.00 11.81 -4.46
N LEU F 315 -26.06 12.73 -5.43
CA LEU F 315 -26.48 14.09 -5.12
C LEU F 315 -27.93 14.13 -4.66
N TYR F 316 -28.79 13.30 -5.24
CA TYR F 316 -30.19 13.25 -4.82
C TYR F 316 -30.30 12.75 -3.38
N LYS F 317 -29.56 11.69 -3.04
CA LYS F 317 -29.59 11.18 -1.68
C LYS F 317 -29.02 12.20 -0.70
N LEU F 318 -27.98 12.92 -1.11
CA LEU F 318 -27.40 13.94 -0.23
C LEU F 318 -28.39 15.07 0.01
N ALA F 319 -29.07 15.53 -1.05
CA ALA F 319 -30.06 16.59 -0.89
C ALA F 319 -31.26 16.12 -0.07
N SER F 320 -31.61 14.84 -0.17
CA SER F 320 -32.73 14.32 0.62
C SER F 320 -32.36 14.23 2.10
N GLN F 321 -31.16 13.72 2.39
CA GLN F 321 -30.74 13.58 3.79
C GLN F 321 -30.33 14.91 4.41
N CYS F 322 -30.06 15.93 3.60
CA CYS F 322 -29.67 17.22 4.14
C CYS F 322 -30.88 18.07 4.50
N CYS F 323 -31.93 18.00 3.68
CA CYS F 323 -33.14 18.78 3.93
C CYS F 323 -33.97 18.16 5.05
#